data_2KFV
#
_entry.id   2KFV
#
_entity_poly.entity_id   1
_entity_poly.type   'polypeptide(L)'
_entity_poly.pdbx_seq_one_letter_code
;MGSSHHHHHHSSGLVPRGSMAAAVPQRAWTVEQLRSEQLPKKDIIKFLQEHGSDSFLAEHKLLGNIKNVAKTANKDHLVT
AYNHLFETKRFK
;
_entity_poly.pdbx_strand_id   A
#
# COMPACT_ATOMS: atom_id res chain seq x y z
N MET A 20 10.31 9.43 -15.06
CA MET A 20 9.23 8.55 -14.55
C MET A 20 9.53 7.07 -14.91
N ALA A 21 10.46 6.84 -15.86
CA ALA A 21 10.91 5.48 -16.23
C ALA A 21 11.71 4.87 -15.08
N ALA A 22 11.08 3.91 -14.35
CA ALA A 22 11.63 3.26 -13.15
C ALA A 22 11.87 4.29 -12.02
N ALA A 23 10.80 5.00 -11.65
CA ALA A 23 10.81 6.00 -10.56
C ALA A 23 10.39 5.31 -9.25
N VAL A 24 11.32 5.28 -8.27
CA VAL A 24 11.11 4.62 -6.96
C VAL A 24 9.99 5.33 -6.15
N PRO A 25 9.17 4.57 -5.36
CA PRO A 25 8.04 5.12 -4.60
C PRO A 25 8.49 5.92 -3.37
N GLN A 26 8.53 7.23 -3.55
CA GLN A 26 8.64 8.18 -2.45
C GLN A 26 7.25 8.31 -1.85
N ARG A 27 7.10 7.91 -0.56
CA ARG A 27 5.81 7.91 0.13
C ARG A 27 5.14 9.30 0.06
N ALA A 28 3.93 9.31 -0.48
CA ALA A 28 3.14 10.53 -0.70
C ALA A 28 2.54 11.01 0.62
N TRP A 29 2.14 10.04 1.44
CA TRP A 29 1.48 10.27 2.73
C TRP A 29 2.32 9.63 3.84
N THR A 30 2.30 10.23 5.04
CA THR A 30 2.98 9.69 6.22
C THR A 30 2.06 8.70 6.96
N VAL A 31 2.59 8.05 8.02
CA VAL A 31 1.85 7.05 8.82
C VAL A 31 0.54 7.64 9.38
N GLU A 32 0.63 8.86 9.95
CA GLU A 32 -0.52 9.56 10.55
C GLU A 32 -1.55 9.96 9.49
N GLN A 33 -1.07 10.45 8.32
CA GLN A 33 -1.94 10.83 7.18
C GLN A 33 -2.77 9.64 6.69
N LEU A 34 -2.17 8.44 6.71
CA LEU A 34 -2.85 7.21 6.30
C LEU A 34 -3.93 6.82 7.31
N ARG A 35 -3.52 6.76 8.61
CA ARG A 35 -4.42 6.39 9.73
C ARG A 35 -5.65 7.32 9.81
N SER A 36 -5.47 8.56 9.34
CA SER A 36 -6.54 9.56 9.22
C SER A 36 -7.72 9.00 8.41
N GLU A 37 -8.91 9.00 9.05
CA GLU A 37 -10.16 8.53 8.45
C GLU A 37 -10.67 9.51 7.36
N GLN A 38 -10.02 10.68 7.26
CA GLN A 38 -10.20 11.62 6.15
C GLN A 38 -9.68 11.00 4.84
N LEU A 39 -8.46 10.43 4.92
CA LEU A 39 -7.81 9.77 3.78
C LEU A 39 -8.46 8.38 3.59
N PRO A 40 -9.14 8.11 2.42
CA PRO A 40 -9.74 6.78 2.10
C PRO A 40 -8.72 5.62 2.02
N LYS A 41 -9.24 4.39 2.05
CA LYS A 41 -8.41 3.17 1.97
C LYS A 41 -8.03 2.85 0.52
N LYS A 42 -8.87 3.31 -0.43
CA LYS A 42 -8.76 2.93 -1.85
C LYS A 42 -7.45 3.44 -2.50
N ASP A 43 -7.13 4.73 -2.29
CA ASP A 43 -5.94 5.37 -2.92
C ASP A 43 -4.63 4.90 -2.27
N ILE A 44 -4.72 4.42 -1.02
CA ILE A 44 -3.58 3.76 -0.33
C ILE A 44 -3.26 2.42 -1.01
N ILE A 45 -4.29 1.57 -1.17
CA ILE A 45 -4.16 0.26 -1.86
C ILE A 45 -3.69 0.46 -3.31
N LYS A 46 -4.15 1.57 -3.95
CA LYS A 46 -3.72 1.96 -5.30
C LYS A 46 -2.20 2.18 -5.31
N PHE A 47 -1.72 2.97 -4.34
CA PHE A 47 -0.28 3.30 -4.18
C PHE A 47 0.58 2.04 -3.98
N LEU A 48 0.09 1.14 -3.12
CA LEU A 48 0.79 -0.09 -2.73
C LEU A 48 0.81 -1.13 -3.88
N GLN A 49 -0.25 -1.16 -4.72
CA GLN A 49 -0.29 -2.04 -5.93
C GLN A 49 0.38 -1.38 -7.15
N GLU A 50 0.45 -0.04 -7.14
CA GLU A 50 1.05 0.78 -8.21
C GLU A 50 2.53 0.41 -8.44
N HIS A 51 3.25 0.14 -7.34
CA HIS A 51 4.71 -0.13 -7.40
C HIS A 51 5.09 -1.38 -6.58
N GLY A 52 4.36 -1.69 -5.49
CA GLY A 52 4.60 -2.92 -4.70
C GLY A 52 4.45 -4.17 -5.55
N SER A 53 5.53 -4.98 -5.65
CA SER A 53 5.63 -6.13 -6.57
C SER A 53 4.71 -7.30 -6.13
N ASP A 54 4.68 -8.37 -6.97
CA ASP A 54 3.70 -9.48 -6.86
C ASP A 54 3.73 -10.20 -5.51
N SER A 55 4.94 -10.35 -4.93
CA SER A 55 5.13 -11.04 -3.64
C SER A 55 4.53 -10.20 -2.50
N PHE A 56 4.73 -8.88 -2.57
CA PHE A 56 4.14 -7.92 -1.60
C PHE A 56 2.61 -8.00 -1.63
N LEU A 57 2.08 -7.96 -2.85
CA LEU A 57 0.63 -7.94 -3.10
C LEU A 57 -0.03 -9.27 -2.71
N ALA A 58 0.70 -10.39 -2.86
CA ALA A 58 0.18 -11.73 -2.51
C ALA A 58 0.11 -11.93 -0.98
N GLU A 59 1.22 -11.62 -0.29
CA GLU A 59 1.35 -11.81 1.18
C GLU A 59 0.43 -10.84 1.96
N HIS A 60 0.28 -9.62 1.43
CA HIS A 60 -0.54 -8.56 2.06
C HIS A 60 -1.93 -8.45 1.45
N LYS A 61 -2.19 -9.25 0.36
CA LYS A 61 -3.51 -9.35 -0.32
C LYS A 61 -4.02 -8.00 -0.85
N LEU A 62 -3.10 -7.22 -1.43
CA LEU A 62 -3.38 -5.87 -1.97
C LEU A 62 -3.48 -5.90 -3.52
N LEU A 63 -3.32 -7.09 -4.11
CA LEU A 63 -3.51 -7.30 -5.57
C LEU A 63 -5.00 -7.35 -5.94
N GLY A 64 -5.27 -7.13 -7.23
CA GLY A 64 -6.61 -7.26 -7.80
C GLY A 64 -7.41 -5.98 -7.72
N ASN A 65 -8.74 -6.14 -7.80
CA ASN A 65 -9.69 -5.02 -7.74
C ASN A 65 -9.58 -4.29 -6.40
N ILE A 66 -9.21 -2.98 -6.45
CA ILE A 66 -9.00 -2.12 -5.25
C ILE A 66 -10.19 -2.22 -4.29
N LYS A 67 -11.41 -1.99 -4.80
CA LYS A 67 -12.65 -2.01 -4.01
C LYS A 67 -12.91 -3.39 -3.35
N ASN A 68 -12.61 -4.48 -4.09
CA ASN A 68 -12.71 -5.87 -3.57
C ASN A 68 -11.76 -6.07 -2.36
N VAL A 69 -10.57 -5.47 -2.46
CA VAL A 69 -9.58 -5.46 -1.38
C VAL A 69 -10.03 -4.51 -0.24
N ALA A 70 -10.61 -3.35 -0.61
CA ALA A 70 -10.94 -2.25 0.33
C ALA A 70 -12.10 -2.61 1.27
N LYS A 71 -12.98 -3.52 0.84
CA LYS A 71 -14.13 -3.96 1.65
C LYS A 71 -13.70 -4.93 2.77
N THR A 72 -12.49 -5.52 2.63
CA THR A 72 -11.90 -6.44 3.61
C THR A 72 -10.56 -5.89 4.13
N ALA A 73 -10.17 -4.69 3.65
CA ALA A 73 -8.97 -3.99 4.13
C ALA A 73 -9.33 -3.05 5.28
N ASN A 74 -8.70 -3.27 6.44
CA ASN A 74 -8.75 -2.32 7.57
C ASN A 74 -7.53 -1.39 7.46
N LYS A 75 -7.73 -0.12 7.89
CA LYS A 75 -6.76 0.97 7.67
C LYS A 75 -5.39 0.68 8.32
N ASP A 76 -5.44 0.13 9.55
CA ASP A 76 -4.22 -0.16 10.34
C ASP A 76 -3.35 -1.24 9.68
N HIS A 77 -3.98 -2.19 8.97
CA HIS A 77 -3.27 -3.23 8.17
C HIS A 77 -2.57 -2.58 6.96
N LEU A 78 -3.21 -1.54 6.39
CA LEU A 78 -2.69 -0.82 5.21
C LEU A 78 -1.44 0.00 5.56
N VAL A 79 -1.44 0.56 6.79
CA VAL A 79 -0.31 1.33 7.33
C VAL A 79 0.87 0.37 7.66
N THR A 80 0.52 -0.82 8.17
CA THR A 80 1.48 -1.91 8.42
C THR A 80 2.13 -2.35 7.09
N ALA A 81 1.30 -2.57 6.06
CA ALA A 81 1.76 -3.00 4.72
C ALA A 81 2.66 -1.95 4.09
N TYR A 82 2.25 -0.68 4.25
CA TYR A 82 2.99 0.50 3.80
C TYR A 82 4.41 0.53 4.39
N ASN A 83 4.53 0.45 5.72
CA ASN A 83 5.82 0.55 6.44
C ASN A 83 6.75 -0.64 6.10
N HIS A 84 6.16 -1.84 6.03
CA HIS A 84 6.88 -3.09 5.68
C HIS A 84 7.34 -3.08 4.20
N LEU A 85 6.63 -2.32 3.32
CA LEU A 85 6.96 -2.20 1.88
C LEU A 85 8.40 -1.69 1.69
N PHE A 86 8.66 -0.55 2.33
CA PHE A 86 9.94 0.16 2.26
C PHE A 86 11.03 -0.59 3.04
N GLU A 87 10.61 -1.27 4.12
CA GLU A 87 11.51 -1.99 5.04
C GLU A 87 12.20 -3.19 4.37
N THR A 88 11.54 -3.81 3.38
CA THR A 88 12.09 -4.96 2.63
C THR A 88 12.27 -4.62 1.14
N LYS A 89 11.97 -3.35 0.75
CA LYS A 89 12.14 -2.84 -0.63
C LYS A 89 11.32 -3.68 -1.65
N ARG A 90 10.18 -4.23 -1.20
CA ARG A 90 9.30 -5.14 -1.99
C ARG A 90 8.71 -4.47 -3.24
N PHE A 91 8.82 -3.14 -3.33
CA PHE A 91 8.41 -2.36 -4.49
C PHE A 91 9.43 -2.46 -5.64
N LYS A 92 8.97 -2.11 -6.84
CA LYS A 92 9.80 -1.91 -8.03
C LYS A 92 9.63 -0.43 -8.50
N MET A 20 16.29 1.59 -17.45
CA MET A 20 15.11 1.07 -16.72
C MET A 20 14.38 2.24 -16.04
N ALA A 21 13.10 2.46 -16.40
CA ALA A 21 12.23 3.44 -15.75
C ALA A 21 11.89 2.93 -14.33
N ALA A 22 12.69 3.37 -13.35
CA ALA A 22 12.59 2.92 -11.96
C ALA A 22 11.51 3.73 -11.20
N ALA A 23 10.36 3.07 -10.94
CA ALA A 23 9.28 3.65 -10.14
C ALA A 23 9.69 3.67 -8.66
N VAL A 24 10.12 4.84 -8.15
CA VAL A 24 10.48 5.01 -6.73
C VAL A 24 9.25 5.52 -5.93
N PRO A 25 8.64 4.65 -5.05
CA PRO A 25 7.54 5.06 -4.17
C PRO A 25 8.03 5.98 -3.07
N GLN A 26 7.80 7.28 -3.26
CA GLN A 26 8.08 8.29 -2.26
C GLN A 26 6.97 8.25 -1.20
N ARG A 27 7.36 8.09 0.08
CA ARG A 27 6.41 8.10 1.19
C ARG A 27 5.77 9.50 1.29
N ALA A 28 4.49 9.55 0.90
CA ALA A 28 3.70 10.79 0.80
C ALA A 28 2.90 11.02 2.09
N TRP A 29 2.78 9.98 2.90
CA TRP A 29 1.96 9.97 4.12
C TRP A 29 2.78 9.44 5.28
N THR A 30 2.75 10.14 6.41
CA THR A 30 3.29 9.62 7.68
C THR A 30 2.23 8.68 8.31
N VAL A 31 2.59 8.01 9.42
CA VAL A 31 1.72 6.99 10.05
C VAL A 31 0.34 7.58 10.42
N GLU A 32 0.34 8.86 10.85
CA GLU A 32 -0.88 9.61 11.22
C GLU A 32 -1.72 10.00 9.98
N GLN A 33 -1.04 10.36 8.87
CA GLN A 33 -1.68 10.76 7.60
C GLN A 33 -2.41 9.57 6.96
N LEU A 34 -1.83 8.37 7.14
CA LEU A 34 -2.47 7.10 6.76
C LEU A 34 -3.81 6.96 7.50
N ARG A 35 -3.74 7.18 8.83
CA ARG A 35 -4.89 7.04 9.76
C ARG A 35 -6.00 8.11 9.54
N SER A 36 -5.69 9.16 8.76
CA SER A 36 -6.65 10.23 8.40
C SER A 36 -7.89 9.61 7.70
N GLU A 37 -9.08 9.77 8.34
CA GLU A 37 -10.32 9.10 7.90
C GLU A 37 -10.79 9.58 6.52
N GLN A 38 -10.55 10.87 6.24
CA GLN A 38 -10.91 11.51 4.96
C GLN A 38 -9.99 11.05 3.83
N LEU A 39 -8.78 10.59 4.18
CA LEU A 39 -7.86 9.95 3.23
C LEU A 39 -8.39 8.52 2.98
N PRO A 40 -8.81 8.17 1.72
CA PRO A 40 -9.37 6.84 1.39
C PRO A 40 -8.33 5.72 1.53
N LYS A 41 -8.74 4.61 2.15
CA LYS A 41 -7.89 3.42 2.32
C LYS A 41 -7.54 2.81 0.93
N LYS A 42 -8.49 2.91 -0.01
CA LYS A 42 -8.34 2.40 -1.39
C LYS A 42 -7.33 3.24 -2.20
N ASP A 43 -7.20 4.53 -1.84
CA ASP A 43 -6.17 5.42 -2.41
C ASP A 43 -4.76 4.89 -2.05
N ILE A 44 -4.64 4.35 -0.82
CA ILE A 44 -3.39 3.75 -0.30
C ILE A 44 -3.13 2.38 -0.99
N ILE A 45 -4.18 1.53 -1.05
CA ILE A 45 -4.11 0.19 -1.70
C ILE A 45 -3.65 0.30 -3.17
N LYS A 46 -4.16 1.35 -3.87
CA LYS A 46 -3.80 1.61 -5.28
C LYS A 46 -2.30 1.92 -5.41
N PHE A 47 -1.80 2.77 -4.48
CA PHE A 47 -0.37 3.13 -4.40
C PHE A 47 0.51 1.88 -4.20
N LEU A 48 0.06 1.04 -3.27
CA LEU A 48 0.78 -0.16 -2.84
C LEU A 48 0.73 -1.27 -3.90
N GLN A 49 -0.35 -1.35 -4.70
CA GLN A 49 -0.48 -2.38 -5.75
C GLN A 49 0.22 -1.96 -7.05
N GLU A 50 0.21 -0.65 -7.34
CA GLU A 50 0.85 -0.09 -8.55
C GLU A 50 2.38 -0.21 -8.45
N HIS A 51 2.89 0.03 -7.25
CA HIS A 51 4.34 0.05 -6.97
C HIS A 51 4.82 -1.29 -6.43
N GLY A 52 4.13 -1.82 -5.42
CA GLY A 52 4.47 -3.12 -4.81
C GLY A 52 4.38 -4.29 -5.80
N SER A 53 5.34 -5.23 -5.68
CA SER A 53 5.43 -6.39 -6.60
C SER A 53 4.57 -7.57 -6.10
N ASP A 54 4.49 -8.64 -6.93
CA ASP A 54 3.57 -9.80 -6.78
C ASP A 54 3.57 -10.41 -5.36
N SER A 55 4.77 -10.60 -4.80
CA SER A 55 4.96 -11.21 -3.47
C SER A 55 4.39 -10.30 -2.36
N PHE A 56 4.65 -8.98 -2.48
CA PHE A 56 4.12 -7.96 -1.54
C PHE A 56 2.58 -7.94 -1.60
N LEU A 57 2.05 -8.07 -2.83
CA LEU A 57 0.61 -7.98 -3.11
C LEU A 57 -0.14 -9.21 -2.62
N ALA A 58 0.48 -10.39 -2.73
CA ALA A 58 -0.14 -11.65 -2.28
C ALA A 58 -0.15 -11.74 -0.75
N GLU A 59 1.01 -11.47 -0.12
CA GLU A 59 1.18 -11.47 1.35
C GLU A 59 0.17 -10.54 2.06
N HIS A 60 -0.12 -9.38 1.42
CA HIS A 60 -1.00 -8.35 1.99
C HIS A 60 -2.37 -8.28 1.26
N LYS A 61 -2.57 -9.16 0.25
CA LYS A 61 -3.84 -9.28 -0.52
C LYS A 61 -4.28 -7.93 -1.16
N LEU A 62 -3.30 -7.13 -1.58
CA LEU A 62 -3.54 -5.77 -2.15
C LEU A 62 -3.74 -5.81 -3.67
N LEU A 63 -3.54 -6.99 -4.28
CA LEU A 63 -3.70 -7.20 -5.74
C LEU A 63 -5.19 -7.22 -6.15
N GLY A 64 -5.43 -7.04 -7.45
CA GLY A 64 -6.76 -7.15 -8.04
C GLY A 64 -7.60 -5.88 -7.87
N ASN A 65 -8.94 -6.07 -7.76
CA ASN A 65 -9.90 -4.95 -7.62
C ASN A 65 -9.70 -4.26 -6.26
N ILE A 66 -9.24 -3.00 -6.34
CA ILE A 66 -8.92 -2.16 -5.17
C ILE A 66 -10.12 -2.06 -4.20
N LYS A 67 -11.32 -1.83 -4.77
CA LYS A 67 -12.58 -1.72 -4.02
C LYS A 67 -12.91 -3.02 -3.24
N ASN A 68 -12.60 -4.18 -3.85
CA ASN A 68 -12.84 -5.51 -3.24
C ASN A 68 -11.83 -5.77 -2.10
N VAL A 69 -10.59 -5.29 -2.31
CA VAL A 69 -9.55 -5.32 -1.27
C VAL A 69 -9.95 -4.38 -0.11
N ALA A 70 -10.58 -3.25 -0.46
CA ALA A 70 -10.93 -2.18 0.49
C ALA A 70 -12.01 -2.59 1.50
N LYS A 71 -12.73 -3.69 1.26
CA LYS A 71 -13.74 -4.19 2.22
C LYS A 71 -13.18 -5.26 3.17
N THR A 72 -12.04 -5.90 2.79
CA THR A 72 -11.42 -7.00 3.56
C THR A 72 -10.05 -6.57 4.16
N ALA A 73 -9.50 -5.48 3.65
CA ALA A 73 -8.22 -4.91 4.11
C ALA A 73 -8.51 -3.59 4.83
N ASN A 74 -8.48 -3.64 6.17
CA ASN A 74 -8.66 -2.44 6.99
C ASN A 74 -7.43 -1.54 6.91
N LYS A 75 -7.61 -0.27 7.27
CA LYS A 75 -6.58 0.77 7.12
C LYS A 75 -5.35 0.47 8.02
N ASP A 76 -5.59 -0.15 9.18
CA ASP A 76 -4.52 -0.53 10.15
C ASP A 76 -3.55 -1.56 9.51
N HIS A 77 -4.12 -2.43 8.64
CA HIS A 77 -3.37 -3.41 7.84
C HIS A 77 -2.55 -2.70 6.74
N LEU A 78 -3.12 -1.63 6.17
CA LEU A 78 -2.48 -0.86 5.07
C LEU A 78 -1.27 -0.07 5.56
N VAL A 79 -1.33 0.38 6.83
CA VAL A 79 -0.21 1.04 7.51
C VAL A 79 0.97 0.06 7.64
N THR A 80 0.63 -1.19 8.04
CA THR A 80 1.59 -2.30 8.16
C THR A 80 2.22 -2.63 6.79
N ALA A 81 1.39 -2.65 5.74
CA ALA A 81 1.85 -2.91 4.36
C ALA A 81 2.74 -1.76 3.85
N TYR A 82 2.34 -0.53 4.18
CA TYR A 82 2.99 0.71 3.71
C TYR A 82 4.43 0.77 4.21
N ASN A 83 4.59 0.71 5.54
CA ASN A 83 5.91 0.84 6.21
C ASN A 83 6.86 -0.30 5.79
N HIS A 84 6.31 -1.53 5.69
CA HIS A 84 7.07 -2.74 5.31
C HIS A 84 7.50 -2.72 3.83
N LEU A 85 6.75 -1.98 2.98
CA LEU A 85 7.06 -1.85 1.53
C LEU A 85 8.49 -1.30 1.32
N PHE A 86 8.72 -0.17 1.97
CA PHE A 86 9.99 0.58 1.92
C PHE A 86 11.07 -0.16 2.76
N GLU A 87 10.61 -0.83 3.83
CA GLU A 87 11.47 -1.50 4.85
C GLU A 87 12.20 -2.74 4.27
N THR A 88 11.65 -3.33 3.20
CA THR A 88 12.23 -4.52 2.53
C THR A 88 12.38 -4.32 1.01
N LYS A 89 12.08 -3.09 0.54
CA LYS A 89 12.25 -2.68 -0.88
C LYS A 89 11.39 -3.54 -1.85
N ARG A 90 10.25 -4.04 -1.33
CA ARG A 90 9.38 -5.05 -2.03
C ARG A 90 8.70 -4.53 -3.31
N PHE A 91 8.76 -3.22 -3.52
CA PHE A 91 8.21 -2.59 -4.73
C PHE A 91 8.99 -2.98 -6.00
N LYS A 92 8.23 -3.24 -7.07
CA LYS A 92 8.72 -3.65 -8.39
C LYS A 92 9.53 -2.49 -9.02
N MET A 20 10.75 1.61 -18.00
CA MET A 20 10.70 2.34 -16.71
C MET A 20 12.03 2.19 -15.95
N ALA A 21 12.24 3.09 -14.98
CA ALA A 21 13.43 3.11 -14.12
C ALA A 21 13.17 4.06 -12.93
N ALA A 22 13.67 3.68 -11.74
CA ALA A 22 13.44 4.42 -10.47
C ALA A 22 11.93 4.53 -10.17
N ALA A 23 11.20 3.44 -10.49
CA ALA A 23 9.73 3.35 -10.35
C ALA A 23 9.33 2.90 -8.92
N VAL A 24 10.05 3.44 -7.92
CA VAL A 24 9.82 3.17 -6.50
C VAL A 24 8.76 4.15 -5.94
N PRO A 25 8.02 3.77 -4.87
CA PRO A 25 7.07 4.68 -4.21
C PRO A 25 7.78 5.65 -3.25
N GLN A 26 7.77 6.92 -3.60
CA GLN A 26 8.10 7.99 -2.67
C GLN A 26 6.81 8.32 -1.91
N ARG A 27 6.82 8.14 -0.57
CA ARG A 27 5.59 8.19 0.23
C ARG A 27 4.85 9.53 0.07
N ALA A 28 3.59 9.41 -0.30
CA ALA A 28 2.69 10.55 -0.55
C ALA A 28 2.08 11.04 0.78
N TRP A 29 2.07 10.14 1.80
CA TRP A 29 1.46 10.37 3.12
C TRP A 29 2.36 9.76 4.22
N THR A 30 2.37 10.39 5.41
CA THR A 30 2.99 9.81 6.61
C THR A 30 2.00 8.85 7.29
N VAL A 31 2.45 8.14 8.34
CA VAL A 31 1.63 7.18 9.11
C VAL A 31 0.30 7.81 9.59
N GLU A 32 0.38 9.04 10.13
CA GLU A 32 -0.80 9.78 10.62
C GLU A 32 -1.75 10.17 9.45
N GLN A 33 -1.17 10.64 8.32
CA GLN A 33 -1.94 11.03 7.12
C GLN A 33 -2.67 9.82 6.51
N LEU A 34 -2.09 8.62 6.68
CA LEU A 34 -2.73 7.36 6.28
C LEU A 34 -3.93 7.07 7.21
N ARG A 35 -3.65 7.08 8.54
CA ARG A 35 -4.64 6.71 9.59
C ARG A 35 -5.84 7.67 9.64
N SER A 36 -5.69 8.84 9.00
CA SER A 36 -6.79 9.77 8.76
C SER A 36 -7.87 9.06 7.93
N GLU A 37 -9.07 8.93 8.51
CA GLU A 37 -10.25 8.31 7.89
C GLU A 37 -10.76 9.12 6.67
N GLN A 38 -10.30 10.39 6.59
CA GLN A 38 -10.57 11.28 5.46
C GLN A 38 -9.82 10.79 4.20
N LEU A 39 -8.71 10.07 4.41
CA LEU A 39 -7.97 9.36 3.35
C LEU A 39 -8.59 7.95 3.19
N PRO A 40 -9.18 7.61 2.00
CA PRO A 40 -9.74 6.27 1.73
C PRO A 40 -8.69 5.16 1.80
N LYS A 41 -9.09 3.99 2.32
CA LYS A 41 -8.26 2.79 2.38
C LYS A 41 -7.87 2.34 0.96
N LYS A 42 -8.81 2.50 0.00
CA LYS A 42 -8.58 2.15 -1.41
C LYS A 42 -7.51 3.05 -2.05
N ASP A 43 -7.43 4.32 -1.63
CA ASP A 43 -6.46 5.28 -2.18
C ASP A 43 -5.02 4.90 -1.75
N ILE A 44 -4.90 4.30 -0.56
CA ILE A 44 -3.63 3.79 -0.03
C ILE A 44 -3.22 2.50 -0.76
N ILE A 45 -4.17 1.57 -0.91
CA ILE A 45 -3.96 0.29 -1.63
C ILE A 45 -3.58 0.58 -3.11
N LYS A 46 -4.16 1.63 -3.67
CA LYS A 46 -3.88 2.11 -5.04
C LYS A 46 -2.38 2.48 -5.19
N PHE A 47 -1.88 3.17 -4.16
CA PHE A 47 -0.47 3.58 -4.02
C PHE A 47 0.45 2.35 -3.84
N LEU A 48 0.04 1.45 -2.93
CA LEU A 48 0.83 0.28 -2.51
C LEU A 48 0.94 -0.78 -3.63
N GLN A 49 -0.15 -0.97 -4.39
CA GLN A 49 -0.22 -2.03 -5.43
C GLN A 49 0.50 -1.58 -6.71
N GLU A 50 0.47 -0.26 -7.00
CA GLU A 50 1.04 0.32 -8.22
C GLU A 50 2.55 0.04 -8.31
N HIS A 51 3.21 0.08 -7.15
CA HIS A 51 4.68 -0.08 -7.05
C HIS A 51 5.05 -1.47 -6.48
N GLY A 52 4.24 -1.93 -5.51
CA GLY A 52 4.45 -3.21 -4.83
C GLY A 52 4.45 -4.42 -5.76
N SER A 53 5.52 -5.24 -5.68
CA SER A 53 5.70 -6.45 -6.51
C SER A 53 4.68 -7.54 -6.11
N ASP A 54 4.58 -8.59 -6.95
CA ASP A 54 3.55 -9.67 -6.83
C ASP A 54 3.58 -10.37 -5.46
N SER A 55 4.76 -10.39 -4.83
CA SER A 55 4.95 -10.92 -3.47
C SER A 55 4.18 -10.07 -2.44
N PHE A 56 4.38 -8.73 -2.51
CA PHE A 56 3.71 -7.75 -1.63
C PHE A 56 2.18 -7.80 -1.83
N LEU A 57 1.79 -8.01 -3.09
CA LEU A 57 0.39 -8.15 -3.49
C LEU A 57 -0.22 -9.44 -2.91
N ALA A 58 0.55 -10.53 -2.93
CA ALA A 58 0.13 -11.86 -2.42
C ALA A 58 0.04 -11.89 -0.88
N GLU A 59 0.83 -11.03 -0.21
CA GLU A 59 0.91 -10.97 1.26
C GLU A 59 -0.44 -10.59 1.92
N HIS A 60 -1.08 -9.51 1.44
CA HIS A 60 -2.39 -9.05 1.99
C HIS A 60 -3.52 -9.06 0.93
N LYS A 61 -3.29 -9.75 -0.22
CA LYS A 61 -4.19 -9.73 -1.38
C LYS A 61 -4.47 -8.28 -1.85
N LEU A 62 -3.38 -7.51 -2.02
CA LEU A 62 -3.42 -6.12 -2.54
C LEU A 62 -3.55 -6.12 -4.07
N LEU A 63 -3.46 -7.32 -4.68
CA LEU A 63 -3.71 -7.54 -6.13
C LEU A 63 -5.21 -7.52 -6.43
N GLY A 64 -5.55 -7.28 -7.71
CA GLY A 64 -6.94 -7.25 -8.19
C GLY A 64 -7.59 -5.89 -8.03
N ASN A 65 -8.93 -5.87 -8.06
CA ASN A 65 -9.73 -4.63 -7.91
C ASN A 65 -9.50 -4.01 -6.52
N ILE A 66 -9.07 -2.75 -6.53
CA ILE A 66 -8.68 -1.99 -5.33
C ILE A 66 -9.82 -1.95 -4.29
N LYS A 67 -11.05 -1.64 -4.77
CA LYS A 67 -12.26 -1.58 -3.93
C LYS A 67 -12.55 -2.93 -3.23
N ASN A 68 -12.27 -4.05 -3.95
CA ASN A 68 -12.46 -5.43 -3.45
C ASN A 68 -11.43 -5.76 -2.36
N VAL A 69 -10.23 -5.16 -2.48
CA VAL A 69 -9.21 -5.24 -1.43
C VAL A 69 -9.60 -4.35 -0.23
N ALA A 70 -10.20 -3.18 -0.53
CA ALA A 70 -10.55 -2.14 0.47
C ALA A 70 -11.65 -2.58 1.43
N LYS A 71 -12.47 -3.58 1.03
CA LYS A 71 -13.58 -4.11 1.85
C LYS A 71 -13.07 -5.15 2.87
N THR A 72 -11.87 -5.70 2.62
CA THR A 72 -11.23 -6.71 3.49
C THR A 72 -9.95 -6.13 4.14
N ALA A 73 -9.57 -4.90 3.73
CA ALA A 73 -8.40 -4.19 4.28
C ALA A 73 -8.85 -3.23 5.40
N ASN A 74 -8.14 -3.30 6.52
CA ASN A 74 -8.25 -2.34 7.63
C ASN A 74 -7.14 -1.30 7.48
N LYS A 75 -7.45 -0.05 7.86
CA LYS A 75 -6.52 1.09 7.77
C LYS A 75 -5.21 0.82 8.53
N ASP A 76 -5.32 0.25 9.73
CA ASP A 76 -4.18 -0.04 10.63
C ASP A 76 -3.16 -0.97 9.94
N HIS A 77 -3.66 -2.02 9.27
CA HIS A 77 -2.80 -2.99 8.57
C HIS A 77 -2.25 -2.40 7.26
N LEU A 78 -2.96 -1.43 6.65
CA LEU A 78 -2.47 -0.73 5.43
C LEU A 78 -1.25 0.14 5.73
N VAL A 79 -1.20 0.67 6.95
CA VAL A 79 -0.03 1.38 7.48
C VAL A 79 1.12 0.38 7.71
N THR A 80 0.76 -0.81 8.22
CA THR A 80 1.71 -1.92 8.46
C THR A 80 2.32 -2.41 7.12
N ALA A 81 1.49 -2.50 6.07
CA ALA A 81 1.91 -2.92 4.72
C ALA A 81 2.78 -1.83 4.08
N TYR A 82 2.36 -0.56 4.29
CA TYR A 82 3.08 0.64 3.85
C TYR A 82 4.53 0.63 4.37
N ASN A 83 4.69 0.49 5.70
CA ASN A 83 6.02 0.54 6.35
C ASN A 83 6.88 -0.67 5.94
N HIS A 84 6.26 -1.86 5.87
CA HIS A 84 6.93 -3.12 5.46
C HIS A 84 7.37 -3.08 3.97
N LEU A 85 6.68 -2.25 3.17
CA LEU A 85 6.99 -2.04 1.73
C LEU A 85 8.43 -1.52 1.57
N PHE A 86 8.72 -0.43 2.29
CA PHE A 86 10.03 0.24 2.26
C PHE A 86 11.09 -0.56 3.05
N GLU A 87 10.61 -1.29 4.08
CA GLU A 87 11.43 -2.01 5.06
C GLU A 87 12.35 -3.06 4.41
N THR A 88 11.78 -3.88 3.51
CA THR A 88 12.51 -4.97 2.83
C THR A 88 12.48 -4.78 1.30
N LYS A 89 12.00 -3.59 0.86
CA LYS A 89 11.85 -3.24 -0.57
C LYS A 89 11.00 -4.29 -1.31
N ARG A 90 9.75 -4.42 -0.85
CA ARG A 90 8.74 -5.33 -1.41
C ARG A 90 8.15 -4.80 -2.73
N PHE A 91 8.51 -3.55 -3.08
CA PHE A 91 8.21 -2.94 -4.37
C PHE A 91 9.21 -3.37 -5.44
N LYS A 92 8.81 -3.18 -6.72
CA LYS A 92 9.66 -3.43 -7.88
C LYS A 92 10.88 -2.48 -7.83
N MET A 20 13.20 1.04 -16.51
CA MET A 20 13.99 1.61 -15.39
C MET A 20 13.13 2.61 -14.59
N ALA A 21 13.31 2.63 -13.26
CA ALA A 21 12.72 3.62 -12.35
C ALA A 21 13.86 4.34 -11.60
N ALA A 22 14.35 5.45 -12.22
CA ALA A 22 15.45 6.28 -11.67
C ALA A 22 15.01 6.94 -10.35
N ALA A 23 13.82 7.53 -10.38
CA ALA A 23 13.13 8.04 -9.19
C ALA A 23 12.00 7.07 -8.85
N VAL A 24 12.20 6.28 -7.78
CA VAL A 24 11.20 5.30 -7.31
C VAL A 24 10.10 6.04 -6.51
N PRO A 25 8.83 5.55 -6.54
CA PRO A 25 7.75 6.11 -5.73
C PRO A 25 7.92 5.71 -4.25
N GLN A 26 8.59 6.62 -3.55
CA GLN A 26 8.92 6.49 -2.13
C GLN A 26 7.68 6.76 -1.25
N ARG A 27 7.87 6.75 0.07
CA ARG A 27 6.84 7.09 1.04
C ARG A 27 6.36 8.55 0.83
N ALA A 28 5.05 8.67 0.57
CA ALA A 28 4.35 9.95 0.44
C ALA A 28 3.80 10.38 1.83
N TRP A 29 2.94 9.53 2.41
CA TRP A 29 2.24 9.80 3.67
C TRP A 29 3.06 9.31 4.89
N THR A 30 2.89 9.99 6.03
CA THR A 30 3.38 9.53 7.33
C THR A 30 2.38 8.52 7.94
N VAL A 31 2.76 7.92 9.07
CA VAL A 31 1.93 6.91 9.77
C VAL A 31 0.56 7.50 10.19
N GLU A 32 0.56 8.78 10.61
CA GLU A 32 -0.67 9.50 11.01
C GLU A 32 -1.54 9.88 9.79
N GLN A 33 -0.88 10.23 8.66
CA GLN A 33 -1.56 10.53 7.38
C GLN A 33 -2.22 9.27 6.78
N LEU A 34 -1.65 8.08 7.09
CA LEU A 34 -2.21 6.78 6.69
C LEU A 34 -3.53 6.50 7.41
N ARG A 35 -3.50 6.60 8.76
CA ARG A 35 -4.67 6.31 9.63
C ARG A 35 -5.73 7.45 9.56
N SER A 36 -5.35 8.60 8.94
CA SER A 36 -6.28 9.70 8.62
C SER A 36 -7.49 9.18 7.82
N GLU A 37 -8.70 9.39 8.38
CA GLU A 37 -9.97 8.86 7.82
C GLU A 37 -10.33 9.53 6.48
N GLN A 38 -9.83 10.76 6.29
CA GLN A 38 -10.01 11.54 5.05
C GLN A 38 -9.29 10.86 3.87
N LEU A 39 -8.19 10.14 4.17
CA LEU A 39 -7.50 9.27 3.21
C LEU A 39 -8.25 7.92 3.17
N PRO A 40 -8.85 7.50 2.00
CA PRO A 40 -9.54 6.20 1.88
C PRO A 40 -8.59 4.98 1.88
N LYS A 41 -9.15 3.78 2.10
CA LYS A 41 -8.41 2.51 2.05
C LYS A 41 -7.98 2.20 0.62
N LYS A 42 -8.90 2.43 -0.33
CA LYS A 42 -8.68 2.17 -1.77
C LYS A 42 -7.52 3.02 -2.33
N ASP A 43 -7.31 4.20 -1.72
CA ASP A 43 -6.24 5.13 -2.16
C ASP A 43 -4.86 4.56 -1.81
N ILE A 44 -4.73 4.01 -0.58
CA ILE A 44 -3.45 3.42 -0.10
C ILE A 44 -3.17 2.08 -0.82
N ILE A 45 -4.20 1.23 -0.91
CA ILE A 45 -4.13 -0.08 -1.62
C ILE A 45 -3.73 0.10 -3.09
N LYS A 46 -4.29 1.16 -3.72
CA LYS A 46 -3.95 1.53 -5.10
C LYS A 46 -2.47 1.91 -5.21
N PHE A 47 -2.01 2.74 -4.25
CA PHE A 47 -0.61 3.22 -4.19
C PHE A 47 0.36 2.04 -4.08
N LEU A 48 0.08 1.15 -3.13
CA LEU A 48 0.97 0.03 -2.79
C LEU A 48 0.97 -1.04 -3.88
N GLN A 49 -0.16 -1.22 -4.59
CA GLN A 49 -0.23 -2.19 -5.71
C GLN A 49 0.37 -1.58 -6.97
N GLU A 50 0.33 -0.22 -7.05
CA GLU A 50 0.81 0.55 -8.21
C GLU A 50 2.31 0.28 -8.45
N HIS A 51 3.07 0.06 -7.36
CA HIS A 51 4.54 -0.12 -7.46
C HIS A 51 5.06 -1.34 -6.68
N GLY A 52 4.30 -1.85 -5.70
CA GLY A 52 4.71 -3.05 -4.94
C GLY A 52 4.73 -4.32 -5.80
N SER A 53 5.68 -5.24 -5.53
CA SER A 53 5.84 -6.47 -6.34
C SER A 53 4.80 -7.54 -5.97
N ASP A 54 4.64 -8.55 -6.87
CA ASP A 54 3.56 -9.56 -6.84
C ASP A 54 3.48 -10.31 -5.48
N SER A 55 4.65 -10.70 -4.96
CA SER A 55 4.76 -11.49 -3.72
C SER A 55 4.33 -10.68 -2.50
N PHE A 56 4.72 -9.39 -2.45
CA PHE A 56 4.33 -8.46 -1.38
C PHE A 56 2.81 -8.26 -1.37
N LEU A 57 2.27 -8.00 -2.59
CA LEU A 57 0.84 -7.74 -2.78
C LEU A 57 -0.01 -8.99 -2.46
N ALA A 58 0.56 -10.17 -2.71
CA ALA A 58 -0.10 -11.46 -2.43
C ALA A 58 -0.22 -11.71 -0.91
N GLU A 59 0.91 -11.52 -0.19
CA GLU A 59 0.97 -11.73 1.28
C GLU A 59 0.03 -10.76 2.03
N HIS A 60 -0.10 -9.52 1.53
CA HIS A 60 -0.94 -8.49 2.17
C HIS A 60 -2.31 -8.36 1.48
N LYS A 61 -2.52 -9.12 0.38
CA LYS A 61 -3.79 -9.13 -0.41
C LYS A 61 -4.12 -7.73 -1.01
N LEU A 62 -3.06 -6.95 -1.30
CA LEU A 62 -3.16 -5.59 -1.89
C LEU A 62 -3.41 -5.64 -3.41
N LEU A 63 -3.22 -6.84 -4.03
CA LEU A 63 -3.46 -7.05 -5.48
C LEU A 63 -4.97 -7.13 -5.80
N GLY A 64 -5.26 -7.33 -7.09
CA GLY A 64 -6.64 -7.52 -7.56
C GLY A 64 -7.43 -6.22 -7.62
N ASN A 65 -8.78 -6.33 -7.63
CA ASN A 65 -9.69 -5.17 -7.71
C ASN A 65 -9.61 -4.34 -6.41
N ILE A 66 -9.08 -3.12 -6.55
CA ILE A 66 -8.74 -2.20 -5.42
C ILE A 66 -9.92 -2.01 -4.45
N LYS A 67 -11.09 -1.63 -5.00
CA LYS A 67 -12.32 -1.31 -4.24
C LYS A 67 -12.86 -2.54 -3.48
N ASN A 68 -12.76 -3.70 -4.14
CA ASN A 68 -13.19 -5.01 -3.59
C ASN A 68 -12.30 -5.42 -2.39
N VAL A 69 -11.00 -5.15 -2.51
CA VAL A 69 -10.02 -5.36 -1.42
C VAL A 69 -10.31 -4.35 -0.28
N ALA A 70 -10.66 -3.11 -0.67
CA ALA A 70 -10.98 -2.00 0.26
C ALA A 70 -12.44 -2.09 0.75
N LYS A 71 -13.09 -3.23 0.51
CA LYS A 71 -14.41 -3.57 1.06
C LYS A 71 -14.24 -4.40 2.35
N THR A 72 -13.15 -5.20 2.43
CA THR A 72 -12.96 -6.20 3.50
C THR A 72 -11.65 -5.98 4.29
N ALA A 73 -10.69 -5.25 3.71
CA ALA A 73 -9.42 -4.91 4.40
C ALA A 73 -9.66 -3.77 5.39
N ASN A 74 -8.90 -3.75 6.49
CA ASN A 74 -8.97 -2.67 7.50
C ASN A 74 -7.83 -1.66 7.28
N LYS A 75 -7.96 -0.46 7.89
CA LYS A 75 -7.04 0.68 7.66
C LYS A 75 -5.67 0.43 8.31
N ASP A 76 -5.70 -0.18 9.51
CA ASP A 76 -4.51 -0.46 10.35
C ASP A 76 -3.54 -1.44 9.64
N HIS A 77 -4.13 -2.36 8.86
CA HIS A 77 -3.41 -3.31 7.98
C HIS A 77 -2.55 -2.55 6.97
N LEU A 78 -3.16 -1.50 6.39
CA LEU A 78 -2.54 -0.70 5.31
C LEU A 78 -1.33 0.11 5.80
N VAL A 79 -1.39 0.52 7.08
CA VAL A 79 -0.29 1.26 7.74
C VAL A 79 0.95 0.36 7.86
N THR A 80 0.72 -0.88 8.35
CA THR A 80 1.76 -1.91 8.50
C THR A 80 2.37 -2.31 7.14
N ALA A 81 1.51 -2.52 6.13
CA ALA A 81 1.93 -2.92 4.78
C ALA A 81 2.79 -1.83 4.12
N TYR A 82 2.27 -0.59 4.20
CA TYR A 82 2.89 0.61 3.62
C TYR A 82 4.35 0.77 4.08
N ASN A 83 4.52 0.84 5.42
CA ASN A 83 5.82 1.14 6.05
C ASN A 83 6.86 0.02 5.81
N HIS A 84 6.37 -1.23 5.64
CA HIS A 84 7.24 -2.40 5.36
C HIS A 84 7.69 -2.44 3.89
N LEU A 85 6.89 -1.88 2.96
CA LEU A 85 7.20 -1.90 1.50
C LEU A 85 8.53 -1.19 1.20
N PHE A 86 8.61 0.03 1.70
CA PHE A 86 9.75 0.94 1.48
C PHE A 86 10.97 0.50 2.31
N GLU A 87 10.69 -0.12 3.46
CA GLU A 87 11.72 -0.56 4.43
C GLU A 87 12.55 -1.72 3.85
N THR A 88 11.88 -2.61 3.12
CA THR A 88 12.50 -3.82 2.52
C THR A 88 12.68 -3.68 0.99
N LYS A 89 12.27 -2.51 0.44
CA LYS A 89 12.45 -2.14 -0.99
C LYS A 89 11.71 -3.12 -1.95
N ARG A 90 10.62 -3.73 -1.45
CA ARG A 90 9.87 -4.81 -2.17
C ARG A 90 9.02 -4.31 -3.34
N PHE A 91 9.11 -3.03 -3.65
CA PHE A 91 8.52 -2.47 -4.87
C PHE A 91 9.30 -2.94 -6.14
N LYS A 92 8.48 -3.19 -7.18
CA LYS A 92 8.85 -3.71 -8.52
C LYS A 92 10.14 -3.05 -9.07
N MET A 20 9.06 -3.30 -12.51
CA MET A 20 10.37 -2.87 -12.00
C MET A 20 10.75 -1.52 -12.64
N ALA A 21 10.67 -0.43 -11.83
CA ALA A 21 10.84 0.95 -12.32
C ALA A 21 12.22 1.54 -11.92
N ALA A 22 13.16 0.67 -11.48
CA ALA A 22 14.56 1.01 -11.11
C ALA A 22 14.69 1.74 -9.75
N ALA A 23 13.99 2.86 -9.63
CA ALA A 23 14.05 3.75 -8.44
C ALA A 23 13.14 3.26 -7.30
N VAL A 24 13.34 3.87 -6.12
CA VAL A 24 12.50 3.67 -4.93
C VAL A 24 11.27 4.61 -5.03
N PRO A 25 10.02 4.06 -5.04
CA PRO A 25 8.77 4.85 -4.96
C PRO A 25 8.75 5.82 -3.75
N GLN A 26 8.61 7.13 -4.04
CA GLN A 26 8.49 8.16 -3.01
C GLN A 26 7.13 8.01 -2.29
N ARG A 27 7.18 7.68 -1.00
CA ARG A 27 5.97 7.61 -0.16
C ARG A 27 5.33 9.00 -0.06
N ALA A 28 4.08 9.06 -0.46
CA ALA A 28 3.31 10.31 -0.57
C ALA A 28 2.82 10.76 0.81
N TRP A 29 2.48 9.77 1.65
CA TRP A 29 1.83 9.98 2.96
C TRP A 29 2.76 9.55 4.09
N THR A 30 2.69 10.26 5.21
CA THR A 30 3.31 9.86 6.49
C THR A 30 2.26 9.08 7.32
N VAL A 31 2.70 8.52 8.47
CA VAL A 31 1.84 7.65 9.31
C VAL A 31 0.54 8.37 9.78
N GLU A 32 0.65 9.69 10.06
CA GLU A 32 -0.49 10.55 10.45
C GLU A 32 -1.50 10.70 9.28
N GLN A 33 -0.98 10.88 8.05
CA GLN A 33 -1.82 11.01 6.84
C GLN A 33 -2.58 9.69 6.58
N LEU A 34 -1.86 8.57 6.77
CA LEU A 34 -2.36 7.21 6.51
C LEU A 34 -3.52 6.87 7.46
N ARG A 35 -3.31 7.13 8.77
CA ARG A 35 -4.27 6.77 9.83
C ARG A 35 -5.51 7.69 9.81
N SER A 36 -5.39 8.85 9.13
CA SER A 36 -6.47 9.84 9.04
C SER A 36 -7.62 9.28 8.18
N GLU A 37 -8.84 9.22 8.75
CA GLU A 37 -10.03 8.61 8.12
C GLU A 37 -10.47 9.35 6.85
N GLN A 38 -10.08 10.63 6.71
CA GLN A 38 -10.42 11.47 5.54
C GLN A 38 -9.70 10.99 4.26
N LEU A 39 -8.59 10.24 4.45
CA LEU A 39 -7.86 9.60 3.33
C LEU A 39 -8.63 8.28 2.99
N PRO A 40 -9.12 8.10 1.72
CA PRO A 40 -9.73 6.82 1.27
C PRO A 40 -8.76 5.63 1.45
N LYS A 41 -9.23 4.58 2.15
CA LYS A 41 -8.44 3.36 2.40
C LYS A 41 -7.99 2.68 1.08
N LYS A 42 -8.87 2.79 0.07
CA LYS A 42 -8.65 2.23 -1.27
C LYS A 42 -7.49 2.94 -2.01
N ASP A 43 -7.35 4.24 -1.73
CA ASP A 43 -6.33 5.10 -2.37
C ASP A 43 -4.92 4.69 -1.90
N ILE A 44 -4.82 4.23 -0.64
CA ILE A 44 -3.57 3.68 -0.06
C ILE A 44 -3.24 2.33 -0.71
N ILE A 45 -4.25 1.46 -0.81
CA ILE A 45 -4.11 0.13 -1.47
C ILE A 45 -3.65 0.29 -2.93
N LYS A 46 -4.14 1.36 -3.59
CA LYS A 46 -3.79 1.68 -4.97
C LYS A 46 -2.28 2.04 -5.10
N PHE A 47 -1.78 2.83 -4.11
CA PHE A 47 -0.33 3.15 -3.99
C PHE A 47 0.48 1.84 -3.87
N LEU A 48 0.01 0.98 -2.98
CA LEU A 48 0.69 -0.27 -2.61
C LEU A 48 0.73 -1.27 -3.78
N GLN A 49 -0.32 -1.32 -4.61
CA GLN A 49 -0.37 -2.24 -5.77
C GLN A 49 0.38 -1.66 -6.97
N GLU A 50 0.30 -0.33 -7.13
CA GLU A 50 0.93 0.38 -8.27
C GLU A 50 2.46 0.32 -8.19
N HIS A 51 2.98 0.40 -6.97
CA HIS A 51 4.44 0.55 -6.72
C HIS A 51 5.05 -0.74 -6.14
N GLY A 52 4.31 -1.39 -5.22
CA GLY A 52 4.70 -2.69 -4.65
C GLY A 52 4.74 -3.80 -5.69
N SER A 53 5.80 -4.62 -5.63
CA SER A 53 6.03 -5.73 -6.57
C SER A 53 5.05 -6.89 -6.30
N ASP A 54 5.04 -7.89 -7.20
CA ASP A 54 4.13 -9.07 -7.13
C ASP A 54 4.23 -9.78 -5.76
N SER A 55 5.48 -9.87 -5.26
CA SER A 55 5.82 -10.53 -3.98
C SER A 55 5.18 -9.79 -2.78
N PHE A 56 5.01 -8.48 -2.91
CA PHE A 56 4.34 -7.64 -1.89
C PHE A 56 2.82 -7.85 -1.92
N LEU A 57 2.28 -7.92 -3.15
CA LEU A 57 0.83 -7.86 -3.39
C LEU A 57 0.13 -9.17 -3.01
N ALA A 58 0.68 -10.29 -3.47
CA ALA A 58 0.09 -11.63 -3.24
C ALA A 58 0.04 -11.97 -1.73
N GLU A 59 1.17 -11.75 -1.03
CA GLU A 59 1.30 -12.03 0.41
C GLU A 59 0.31 -11.22 1.28
N HIS A 60 -0.08 -10.01 0.81
CA HIS A 60 -0.96 -9.10 1.59
C HIS A 60 -2.34 -8.90 0.91
N LYS A 61 -2.53 -9.60 -0.23
CA LYS A 61 -3.80 -9.58 -1.02
C LYS A 61 -4.21 -8.14 -1.41
N LEU A 62 -3.20 -7.37 -1.88
CA LEU A 62 -3.38 -5.96 -2.32
C LEU A 62 -3.58 -5.86 -3.84
N LEU A 63 -3.35 -6.99 -4.56
CA LEU A 63 -3.57 -7.07 -6.03
C LEU A 63 -5.06 -7.29 -6.35
N GLY A 64 -5.36 -7.21 -7.65
CA GLY A 64 -6.71 -7.42 -8.17
C GLY A 64 -7.55 -6.16 -8.12
N ASN A 65 -8.88 -6.35 -8.04
CA ASN A 65 -9.84 -5.23 -7.89
C ASN A 65 -9.67 -4.63 -6.48
N ILE A 66 -9.31 -3.34 -6.44
CA ILE A 66 -9.06 -2.59 -5.19
C ILE A 66 -10.29 -2.66 -4.26
N LYS A 67 -11.49 -2.56 -4.85
CA LYS A 67 -12.79 -2.66 -4.12
C LYS A 67 -12.89 -3.93 -3.24
N ASN A 68 -12.46 -5.09 -3.81
CA ASN A 68 -12.46 -6.40 -3.11
C ASN A 68 -11.62 -6.35 -1.84
N VAL A 69 -10.47 -5.68 -1.99
CA VAL A 69 -9.50 -5.48 -0.90
C VAL A 69 -10.07 -4.47 0.13
N ALA A 70 -10.65 -3.37 -0.38
CA ALA A 70 -11.04 -2.17 0.41
C ALA A 70 -12.38 -2.31 1.12
N LYS A 71 -12.99 -3.50 1.10
CA LYS A 71 -14.21 -3.79 1.91
C LYS A 71 -13.84 -4.45 3.24
N THR A 72 -12.62 -5.03 3.33
CA THR A 72 -12.17 -5.83 4.49
C THR A 72 -10.76 -5.43 4.98
N ALA A 73 -10.00 -4.67 4.17
CA ALA A 73 -8.66 -4.17 4.54
C ALA A 73 -8.83 -2.89 5.36
N ASN A 74 -8.74 -3.02 6.69
CA ASN A 74 -8.84 -1.88 7.61
C ASN A 74 -7.62 -0.96 7.45
N LYS A 75 -7.75 0.27 7.96
CA LYS A 75 -6.72 1.31 7.77
C LYS A 75 -5.42 0.95 8.53
N ASP A 76 -5.58 0.17 9.60
CA ASP A 76 -4.47 -0.41 10.39
C ASP A 76 -3.60 -1.35 9.51
N HIS A 77 -4.27 -2.15 8.66
CA HIS A 77 -3.66 -3.14 7.74
C HIS A 77 -2.77 -2.42 6.73
N LEU A 78 -3.24 -1.24 6.32
CA LEU A 78 -2.63 -0.44 5.24
C LEU A 78 -1.36 0.25 5.70
N VAL A 79 -1.33 0.70 6.96
CA VAL A 79 -0.12 1.26 7.59
C VAL A 79 0.93 0.14 7.78
N THR A 80 0.46 -1.05 8.21
CA THR A 80 1.32 -2.25 8.38
C THR A 80 1.98 -2.66 7.04
N ALA A 81 1.18 -2.64 5.96
CA ALA A 81 1.65 -2.97 4.61
C ALA A 81 2.60 -1.90 4.07
N TYR A 82 2.22 -0.62 4.27
CA TYR A 82 3.00 0.56 3.86
C TYR A 82 4.44 0.48 4.41
N ASN A 83 4.56 0.34 5.74
CA ASN A 83 5.88 0.33 6.42
C ASN A 83 6.69 -0.90 6.01
N HIS A 84 6.02 -2.07 5.93
CA HIS A 84 6.66 -3.35 5.52
C HIS A 84 7.16 -3.29 4.07
N LEU A 85 6.53 -2.45 3.22
CA LEU A 85 6.95 -2.27 1.81
C LEU A 85 8.41 -1.79 1.74
N PHE A 86 8.67 -0.70 2.45
CA PHE A 86 10.00 -0.07 2.54
C PHE A 86 10.95 -0.88 3.47
N GLU A 87 10.35 -1.61 4.42
CA GLU A 87 11.08 -2.39 5.45
C GLU A 87 11.81 -3.60 4.84
N THR A 88 11.29 -4.09 3.71
CA THR A 88 11.87 -5.25 2.98
C THR A 88 12.20 -4.86 1.52
N LYS A 89 11.92 -3.59 1.16
CA LYS A 89 12.11 -3.05 -0.21
C LYS A 89 11.34 -3.93 -1.24
N ARG A 90 10.13 -4.34 -0.84
CA ARG A 90 9.25 -5.28 -1.59
C ARG A 90 8.59 -4.64 -2.83
N PHE A 91 8.76 -3.32 -2.98
CA PHE A 91 8.42 -2.61 -4.22
C PHE A 91 9.36 -2.99 -5.37
N LYS A 92 8.95 -2.64 -6.60
CA LYS A 92 9.79 -2.77 -7.82
C LYS A 92 9.86 -4.24 -8.28
N MET A 20 22.87 11.14 -11.32
CA MET A 20 22.23 9.90 -10.84
C MET A 20 21.45 10.17 -9.54
N ALA A 21 20.25 9.56 -9.45
CA ALA A 21 19.35 9.64 -8.29
C ALA A 21 18.17 8.67 -8.54
N ALA A 22 18.22 7.48 -7.91
CA ALA A 22 17.15 6.48 -8.01
C ALA A 22 15.88 7.01 -7.34
N ALA A 23 15.00 7.61 -8.15
CA ALA A 23 13.76 8.26 -7.69
C ALA A 23 12.65 7.22 -7.50
N VAL A 24 12.93 6.22 -6.64
CA VAL A 24 12.02 5.12 -6.35
C VAL A 24 10.92 5.61 -5.39
N PRO A 25 9.59 5.41 -5.73
CA PRO A 25 8.47 5.98 -4.96
C PRO A 25 8.44 5.47 -3.51
N GLN A 26 8.96 6.30 -2.61
CA GLN A 26 9.04 6.02 -1.17
C GLN A 26 7.70 6.39 -0.48
N ARG A 27 7.71 6.42 0.86
CA ARG A 27 6.57 6.85 1.65
C ARG A 27 6.17 8.31 1.30
N ALA A 28 4.93 8.46 0.80
CA ALA A 28 4.33 9.74 0.41
C ALA A 28 3.48 10.34 1.56
N TRP A 29 3.07 9.46 2.51
CA TRP A 29 2.11 9.80 3.59
C TRP A 29 2.64 9.22 4.92
N THR A 30 2.60 10.02 6.00
CA THR A 30 3.04 9.55 7.32
C THR A 30 1.97 8.62 7.93
N VAL A 31 2.30 7.95 9.05
CA VAL A 31 1.39 6.98 9.71
C VAL A 31 0.06 7.65 10.11
N GLU A 32 0.14 8.92 10.57
CA GLU A 32 -1.04 9.72 10.96
C GLU A 32 -1.89 10.09 9.73
N GLN A 33 -1.22 10.32 8.58
CA GLN A 33 -1.89 10.60 7.30
C GLN A 33 -2.61 9.34 6.78
N LEU A 34 -2.02 8.16 7.03
CA LEU A 34 -2.67 6.88 6.66
C LEU A 34 -3.96 6.71 7.45
N ARG A 35 -3.82 6.83 8.80
CA ARG A 35 -4.92 6.66 9.77
C ARG A 35 -5.93 7.82 9.69
N SER A 36 -5.55 8.91 8.98
CA SER A 36 -6.42 10.07 8.73
C SER A 36 -7.71 9.65 8.02
N GLU A 37 -8.80 10.32 8.41
CA GLU A 37 -10.15 10.06 7.87
C GLU A 37 -10.34 10.75 6.49
N GLN A 38 -9.36 11.59 6.09
CA GLN A 38 -9.37 12.31 4.82
C GLN A 38 -8.77 11.44 3.69
N LEU A 39 -7.72 10.68 4.03
CA LEU A 39 -7.04 9.77 3.08
C LEU A 39 -7.85 8.45 3.01
N PRO A 40 -8.49 8.12 1.85
CA PRO A 40 -9.28 6.88 1.72
C PRO A 40 -8.36 5.64 1.62
N LYS A 41 -8.86 4.50 2.13
CA LYS A 41 -8.09 3.24 2.15
C LYS A 41 -7.84 2.74 0.71
N LYS A 42 -8.74 3.10 -0.21
CA LYS A 42 -8.65 2.72 -1.63
C LYS A 42 -7.42 3.37 -2.30
N ASP A 43 -7.08 4.59 -1.85
CA ASP A 43 -5.97 5.37 -2.43
C ASP A 43 -4.62 4.81 -1.96
N ILE A 44 -4.60 4.25 -0.73
CA ILE A 44 -3.40 3.61 -0.16
C ILE A 44 -3.12 2.29 -0.93
N ILE A 45 -4.17 1.46 -1.07
CA ILE A 45 -4.10 0.19 -1.84
C ILE A 45 -3.68 0.46 -3.30
N LYS A 46 -4.24 1.54 -3.89
CA LYS A 46 -3.91 2.02 -5.25
C LYS A 46 -2.39 2.24 -5.41
N PHE A 47 -1.80 2.90 -4.40
CA PHE A 47 -0.36 3.23 -4.37
C PHE A 47 0.47 1.95 -4.24
N LEU A 48 0.09 1.08 -3.30
CA LEU A 48 0.86 -0.12 -2.95
C LEU A 48 0.87 -1.15 -4.10
N GLN A 49 -0.24 -1.23 -4.86
CA GLN A 49 -0.33 -2.15 -6.02
C GLN A 49 0.29 -1.52 -7.30
N GLU A 50 0.32 -0.17 -7.34
CA GLU A 50 0.85 0.63 -8.49
C GLU A 50 2.29 0.21 -8.84
N HIS A 51 3.12 0.01 -7.81
CA HIS A 51 4.57 -0.23 -8.00
C HIS A 51 5.10 -1.33 -7.06
N GLY A 52 4.38 -1.63 -5.96
CA GLY A 52 4.70 -2.77 -5.09
C GLY A 52 4.62 -4.10 -5.84
N SER A 53 5.63 -4.97 -5.64
CA SER A 53 5.75 -6.24 -6.36
C SER A 53 4.57 -7.18 -6.07
N ASP A 54 4.22 -8.00 -7.07
CA ASP A 54 3.06 -8.92 -7.03
C ASP A 54 3.16 -9.93 -5.86
N SER A 55 4.40 -10.38 -5.60
CA SER A 55 4.71 -11.32 -4.50
C SER A 55 4.42 -10.68 -3.12
N PHE A 56 4.71 -9.37 -3.00
CA PHE A 56 4.37 -8.57 -1.80
C PHE A 56 2.83 -8.44 -1.69
N LEU A 57 2.20 -8.10 -2.83
CA LEU A 57 0.74 -7.83 -2.91
C LEU A 57 -0.07 -9.06 -2.49
N ALA A 58 0.44 -10.26 -2.78
CA ALA A 58 -0.20 -11.54 -2.42
C ALA A 58 -0.26 -11.73 -0.89
N GLU A 59 0.87 -11.50 -0.24
CA GLU A 59 1.03 -11.65 1.22
C GLU A 59 0.12 -10.70 2.02
N HIS A 60 -0.24 -9.55 1.40
CA HIS A 60 -1.04 -8.50 2.05
C HIS A 60 -2.43 -8.32 1.37
N LYS A 61 -2.69 -9.17 0.34
CA LYS A 61 -3.98 -9.22 -0.43
C LYS A 61 -4.27 -7.89 -1.18
N LEU A 62 -3.21 -7.12 -1.45
CA LEU A 62 -3.29 -5.79 -2.10
C LEU A 62 -3.44 -5.90 -3.62
N LEU A 63 -3.24 -7.11 -4.18
CA LEU A 63 -3.44 -7.38 -5.62
C LEU A 63 -4.94 -7.44 -5.97
N GLY A 64 -5.22 -7.31 -7.26
CA GLY A 64 -6.58 -7.38 -7.77
C GLY A 64 -7.25 -6.02 -7.79
N ASN A 65 -8.58 -6.03 -7.86
CA ASN A 65 -9.39 -4.79 -7.90
C ASN A 65 -9.42 -4.17 -6.49
N ILE A 66 -9.32 -2.85 -6.44
CA ILE A 66 -9.14 -2.10 -5.17
C ILE A 66 -10.33 -2.31 -4.21
N LYS A 67 -11.59 -2.20 -4.70
CA LYS A 67 -12.79 -2.34 -3.84
C LYS A 67 -12.84 -3.74 -3.18
N ASN A 68 -12.39 -4.76 -3.95
CA ASN A 68 -12.28 -6.16 -3.50
C ASN A 68 -11.30 -6.29 -2.31
N VAL A 69 -10.19 -5.54 -2.40
CA VAL A 69 -9.19 -5.47 -1.33
C VAL A 69 -9.74 -4.63 -0.14
N ALA A 70 -10.44 -3.53 -0.47
CA ALA A 70 -10.87 -2.49 0.50
C ALA A 70 -12.02 -2.96 1.42
N LYS A 71 -12.56 -4.15 1.17
CA LYS A 71 -13.61 -4.73 2.03
C LYS A 71 -12.99 -5.58 3.16
N THR A 72 -11.71 -5.99 2.98
CA THR A 72 -10.97 -6.85 3.93
C THR A 72 -9.70 -6.13 4.45
N ALA A 73 -9.28 -5.05 3.77
CA ALA A 73 -8.09 -4.27 4.16
C ALA A 73 -8.48 -3.14 5.12
N ASN A 74 -8.31 -3.41 6.42
CA ASN A 74 -8.49 -2.41 7.50
C ASN A 74 -7.40 -1.32 7.36
N LYS A 75 -7.67 -0.13 7.89
CA LYS A 75 -6.69 0.98 7.82
C LYS A 75 -5.41 0.63 8.61
N ASP A 76 -5.59 -0.04 9.76
CA ASP A 76 -4.49 -0.56 10.61
C ASP A 76 -3.67 -1.64 9.88
N HIS A 77 -4.37 -2.46 9.04
CA HIS A 77 -3.73 -3.48 8.16
C HIS A 77 -2.90 -2.77 7.09
N LEU A 78 -3.42 -1.64 6.59
CA LEU A 78 -2.77 -0.85 5.52
C LEU A 78 -1.57 -0.06 6.04
N VAL A 79 -1.56 0.29 7.33
CA VAL A 79 -0.38 0.92 7.98
C VAL A 79 0.75 -0.11 8.07
N THR A 80 0.39 -1.34 8.47
CA THR A 80 1.30 -2.49 8.54
C THR A 80 1.93 -2.77 7.16
N ALA A 81 1.08 -2.89 6.12
CA ALA A 81 1.50 -3.22 4.75
C ALA A 81 2.37 -2.12 4.13
N TYR A 82 1.90 -0.87 4.31
CA TYR A 82 2.55 0.35 3.76
C TYR A 82 3.98 0.46 4.28
N ASN A 83 4.11 0.50 5.62
CA ASN A 83 5.41 0.70 6.31
C ASN A 83 6.41 -0.42 5.96
N HIS A 84 5.93 -1.69 5.93
CA HIS A 84 6.75 -2.87 5.58
C HIS A 84 7.20 -2.88 4.09
N LEU A 85 6.44 -2.20 3.19
CA LEU A 85 6.81 -2.14 1.75
C LEU A 85 8.17 -1.44 1.56
N PHE A 86 8.25 -0.24 2.13
CA PHE A 86 9.42 0.65 2.04
C PHE A 86 10.55 0.16 2.97
N GLU A 87 10.18 -0.66 3.97
CA GLU A 87 11.14 -1.29 4.90
C GLU A 87 11.99 -2.37 4.18
N THR A 88 11.43 -2.95 3.10
CA THR A 88 12.10 -3.99 2.29
C THR A 88 12.42 -3.45 0.87
N LYS A 89 11.69 -2.40 0.46
CA LYS A 89 11.76 -1.77 -0.88
C LYS A 89 11.54 -2.80 -2.01
N ARG A 90 10.49 -3.63 -1.85
CA ARG A 90 10.07 -4.66 -2.85
C ARG A 90 9.44 -4.03 -4.10
N PHE A 91 9.07 -2.76 -3.99
CA PHE A 91 8.48 -1.99 -5.09
C PHE A 91 9.53 -1.62 -6.16
N LYS A 92 9.04 -1.27 -7.35
CA LYS A 92 9.84 -0.61 -8.39
C LYS A 92 9.84 0.92 -8.11
N MET A 20 16.97 9.25 -17.90
CA MET A 20 16.33 8.03 -17.37
C MET A 20 17.16 7.44 -16.22
N ALA A 21 16.53 7.26 -15.06
CA ALA A 21 17.15 6.72 -13.84
C ALA A 21 16.14 5.82 -13.12
N ALA A 22 16.60 4.64 -12.66
CA ALA A 22 15.75 3.65 -11.99
C ALA A 22 15.58 4.01 -10.50
N ALA A 23 14.59 4.89 -10.22
CA ALA A 23 14.27 5.32 -8.85
C ALA A 23 13.36 4.32 -8.16
N VAL A 24 13.28 4.44 -6.83
CA VAL A 24 12.45 3.58 -5.97
C VAL A 24 11.34 4.44 -5.31
N PRO A 25 10.06 3.93 -5.27
CA PRO A 25 8.90 4.65 -4.66
C PRO A 25 9.16 5.17 -3.24
N GLN A 26 9.07 6.49 -3.08
CA GLN A 26 8.99 7.14 -1.76
C GLN A 26 7.56 6.98 -1.21
N ARG A 27 7.36 7.34 0.07
CA ARG A 27 6.03 7.34 0.68
C ARG A 27 5.11 8.35 -0.03
N ALA A 28 3.89 7.91 -0.33
CA ALA A 28 2.88 8.76 -0.98
C ALA A 28 2.26 9.70 0.08
N TRP A 29 2.01 9.12 1.27
CA TRP A 29 1.52 9.85 2.46
C TRP A 29 2.27 9.32 3.69
N THR A 30 2.29 10.09 4.77
CA THR A 30 2.91 9.67 6.05
C THR A 30 1.90 8.85 6.86
N VAL A 31 2.34 8.17 7.94
CA VAL A 31 1.45 7.27 8.71
C VAL A 31 0.25 8.03 9.32
N GLU A 32 0.51 9.27 9.80
CA GLU A 32 -0.51 10.16 10.38
C GLU A 32 -1.57 10.57 9.32
N GLN A 33 -1.11 10.75 8.06
CA GLN A 33 -2.00 11.04 6.92
C GLN A 33 -2.84 9.81 6.55
N LEU A 34 -2.20 8.63 6.56
CA LEU A 34 -2.84 7.36 6.15
C LEU A 34 -4.00 7.00 7.08
N ARG A 35 -3.69 6.96 8.39
CA ARG A 35 -4.62 6.50 9.44
C ARG A 35 -5.86 7.41 9.55
N SER A 36 -5.72 8.66 9.10
CA SER A 36 -6.79 9.65 9.10
C SER A 36 -7.98 9.15 8.24
N GLU A 37 -9.20 9.26 8.80
CA GLU A 37 -10.43 8.71 8.19
C GLU A 37 -10.79 9.44 6.88
N GLN A 38 -10.28 10.67 6.70
CA GLN A 38 -10.50 11.47 5.47
C GLN A 38 -9.76 10.85 4.27
N LEU A 39 -8.63 10.17 4.54
CA LEU A 39 -7.84 9.48 3.48
C LEU A 39 -8.44 8.08 3.29
N PRO A 40 -9.07 7.78 2.10
CA PRO A 40 -9.68 6.46 1.83
C PRO A 40 -8.62 5.36 1.60
N LYS A 41 -8.99 4.15 1.98
CA LYS A 41 -8.11 2.96 1.95
C LYS A 41 -7.79 2.53 0.51
N LYS A 42 -8.64 2.95 -0.44
CA LYS A 42 -8.48 2.67 -1.87
C LYS A 42 -7.22 3.35 -2.43
N ASP A 43 -6.90 4.54 -1.89
CA ASP A 43 -5.72 5.33 -2.28
C ASP A 43 -4.43 4.66 -1.81
N ILE A 44 -4.49 4.08 -0.60
CA ILE A 44 -3.33 3.42 0.01
C ILE A 44 -2.99 2.13 -0.76
N ILE A 45 -4.00 1.27 -0.99
CA ILE A 45 -3.86 0.02 -1.76
C ILE A 45 -3.38 0.31 -3.20
N LYS A 46 -3.86 1.43 -3.79
CA LYS A 46 -3.39 1.90 -5.11
C LYS A 46 -1.87 2.16 -5.10
N PHE A 47 -1.39 2.90 -4.08
CA PHE A 47 0.05 3.17 -3.89
C PHE A 47 0.85 1.85 -3.83
N LEU A 48 0.33 0.92 -3.06
CA LEU A 48 0.98 -0.36 -2.78
C LEU A 48 0.99 -1.29 -4.02
N GLN A 49 -0.09 -1.29 -4.83
CA GLN A 49 -0.20 -2.21 -5.99
C GLN A 49 0.47 -1.65 -7.28
N GLU A 50 0.35 -0.34 -7.47
CA GLU A 50 0.74 0.34 -8.73
C GLU A 50 2.27 0.33 -8.94
N HIS A 51 3.02 0.48 -7.83
CA HIS A 51 4.50 0.50 -7.87
C HIS A 51 5.15 -0.23 -6.68
N GLY A 52 4.36 -1.03 -5.94
CA GLY A 52 4.92 -2.07 -5.03
C GLY A 52 4.77 -3.46 -5.66
N SER A 53 5.68 -4.40 -5.32
CA SER A 53 5.78 -5.72 -6.01
C SER A 53 4.58 -6.63 -5.72
N ASP A 54 4.39 -7.62 -6.63
CA ASP A 54 3.27 -8.59 -6.59
C ASP A 54 3.37 -9.52 -5.37
N SER A 55 4.60 -9.92 -5.03
CA SER A 55 4.89 -10.81 -3.89
C SER A 55 4.59 -10.12 -2.55
N PHE A 56 4.77 -8.79 -2.53
CA PHE A 56 4.35 -7.93 -1.42
C PHE A 56 2.81 -7.93 -1.29
N LEU A 57 2.12 -7.72 -2.43
CA LEU A 57 0.64 -7.64 -2.47
C LEU A 57 0.00 -8.95 -1.99
N ALA A 58 0.54 -10.06 -2.49
CA ALA A 58 0.05 -11.43 -2.27
C ALA A 58 -0.14 -11.80 -0.78
N GLU A 59 0.63 -11.14 0.11
CA GLU A 59 0.59 -11.35 1.56
C GLU A 59 -0.85 -11.13 2.13
N HIS A 60 -1.47 -10.00 1.76
CA HIS A 60 -2.85 -9.65 2.17
C HIS A 60 -3.81 -9.71 0.96
N LYS A 61 -3.25 -9.95 -0.24
CA LYS A 61 -3.97 -9.86 -1.53
C LYS A 61 -4.40 -8.40 -1.79
N LEU A 62 -3.39 -7.49 -1.84
CA LEU A 62 -3.59 -6.06 -2.17
C LEU A 62 -3.63 -5.84 -3.69
N LEU A 63 -3.48 -6.95 -4.43
CA LEU A 63 -3.57 -7.00 -5.89
C LEU A 63 -5.04 -7.07 -6.35
N GLY A 64 -5.26 -6.68 -7.61
CA GLY A 64 -6.57 -6.77 -8.25
C GLY A 64 -7.46 -5.57 -7.97
N ASN A 65 -8.77 -5.83 -7.89
CA ASN A 65 -9.81 -4.80 -7.72
C ASN A 65 -9.66 -4.12 -6.35
N ILE A 66 -9.25 -2.84 -6.38
CA ILE A 66 -8.81 -2.07 -5.18
C ILE A 66 -9.89 -2.06 -4.06
N LYS A 67 -11.13 -1.68 -4.42
CA LYS A 67 -12.24 -1.50 -3.46
C LYS A 67 -12.72 -2.86 -2.93
N ASN A 68 -12.61 -3.88 -3.80
CA ASN A 68 -12.93 -5.29 -3.45
C ASN A 68 -11.97 -5.80 -2.36
N VAL A 69 -10.71 -5.36 -2.41
CA VAL A 69 -9.72 -5.62 -1.35
C VAL A 69 -10.02 -4.75 -0.12
N ALA A 70 -10.39 -3.48 -0.36
CA ALA A 70 -10.62 -2.44 0.68
C ALA A 70 -11.87 -2.70 1.54
N LYS A 71 -12.64 -3.76 1.25
CA LYS A 71 -13.79 -4.17 2.09
C LYS A 71 -13.29 -4.86 3.38
N THR A 72 -12.16 -5.60 3.25
CA THR A 72 -11.58 -6.39 4.34
C THR A 72 -10.19 -5.83 4.73
N ALA A 73 -9.63 -4.97 3.88
CA ALA A 73 -8.38 -4.26 4.16
C ALA A 73 -8.67 -3.11 5.11
N ASN A 74 -8.51 -3.36 6.41
CA ASN A 74 -8.67 -2.32 7.45
C ASN A 74 -7.46 -1.38 7.42
N LYS A 75 -7.68 -0.15 7.90
CA LYS A 75 -6.67 0.93 7.86
C LYS A 75 -5.35 0.52 8.54
N ASP A 76 -5.47 -0.20 9.66
CA ASP A 76 -4.34 -0.64 10.50
C ASP A 76 -3.35 -1.52 9.73
N HIS A 77 -3.87 -2.54 9.03
CA HIS A 77 -3.06 -3.52 8.28
C HIS A 77 -2.42 -2.88 7.03
N LEU A 78 -3.09 -1.84 6.50
CA LEU A 78 -2.57 -1.06 5.35
C LEU A 78 -1.34 -0.23 5.73
N VAL A 79 -1.33 0.25 6.98
CA VAL A 79 -0.16 0.90 7.59
C VAL A 79 0.98 -0.12 7.75
N THR A 80 0.63 -1.32 8.27
CA THR A 80 1.58 -2.44 8.44
C THR A 80 2.23 -2.85 7.10
N ALA A 81 1.42 -2.85 6.03
CA ALA A 81 1.87 -3.17 4.67
C ALA A 81 2.78 -2.06 4.13
N TYR A 82 2.32 -0.81 4.32
CA TYR A 82 3.02 0.42 3.90
C TYR A 82 4.46 0.43 4.42
N ASN A 83 4.64 0.28 5.74
CA ASN A 83 5.95 0.32 6.39
C ASN A 83 6.85 -0.85 5.94
N HIS A 84 6.24 -2.04 5.75
CA HIS A 84 6.93 -3.26 5.27
C HIS A 84 7.42 -3.12 3.81
N LEU A 85 6.75 -2.26 3.02
CA LEU A 85 7.15 -1.98 1.63
C LEU A 85 8.59 -1.44 1.57
N PHE A 86 8.81 -0.39 2.38
CA PHE A 86 10.09 0.31 2.48
C PHE A 86 11.11 -0.50 3.30
N GLU A 87 10.61 -1.27 4.31
CA GLU A 87 11.44 -1.98 5.30
C GLU A 87 12.45 -2.94 4.63
N THR A 88 11.97 -3.70 3.65
CA THR A 88 12.79 -4.65 2.86
C THR A 88 12.92 -4.20 1.39
N LYS A 89 12.35 -3.01 1.08
CA LYS A 89 12.38 -2.39 -0.26
C LYS A 89 11.87 -3.38 -1.33
N ARG A 90 10.59 -3.73 -1.19
CA ARG A 90 9.93 -4.78 -1.99
C ARG A 90 9.55 -4.30 -3.39
N PHE A 91 9.21 -3.01 -3.49
CA PHE A 91 8.85 -2.34 -4.76
C PHE A 91 9.90 -2.56 -5.89
N LYS A 92 9.45 -2.34 -7.15
CA LYS A 92 10.29 -2.45 -8.37
C LYS A 92 10.73 -3.92 -8.62
N MET A 20 19.58 5.05 -16.65
CA MET A 20 18.36 4.98 -15.82
C MET A 20 18.56 5.81 -14.53
N ALA A 21 17.67 6.80 -14.33
CA ALA A 21 17.72 7.72 -13.17
C ALA A 21 16.74 7.25 -12.09
N ALA A 22 17.20 7.22 -10.83
CA ALA A 22 16.37 6.83 -9.68
C ALA A 22 15.30 7.90 -9.41
N ALA A 23 14.13 7.70 -10.03
CA ALA A 23 12.96 8.59 -9.90
C ALA A 23 11.73 7.74 -9.52
N VAL A 24 12.00 6.70 -8.71
CA VAL A 24 10.99 5.71 -8.31
C VAL A 24 10.01 6.32 -7.28
N PRO A 25 8.71 5.89 -7.28
CA PRO A 25 7.73 6.34 -6.27
C PRO A 25 8.12 5.85 -4.86
N GLN A 26 8.55 6.81 -4.04
CA GLN A 26 8.87 6.60 -2.61
C GLN A 26 7.60 6.86 -1.79
N ARG A 27 7.61 6.55 -0.49
CA ARG A 27 6.44 6.77 0.39
C ARG A 27 6.09 8.27 0.46
N ALA A 28 4.77 8.55 0.43
CA ALA A 28 4.24 9.93 0.39
C ALA A 28 3.75 10.37 1.78
N TRP A 29 3.05 9.45 2.45
CA TRP A 29 2.30 9.72 3.69
C TRP A 29 3.06 9.24 4.93
N THR A 30 2.80 9.89 6.07
CA THR A 30 3.27 9.47 7.39
C THR A 30 2.21 8.56 8.04
N VAL A 31 2.56 7.98 9.21
CA VAL A 31 1.68 7.04 9.95
C VAL A 31 0.29 7.68 10.27
N GLU A 32 0.31 8.99 10.61
CA GLU A 32 -0.89 9.75 10.96
C GLU A 32 -1.77 10.06 9.72
N GLN A 33 -1.12 10.31 8.57
CA GLN A 33 -1.82 10.54 7.29
C GLN A 33 -2.53 9.26 6.82
N LEU A 34 -1.93 8.09 7.12
CA LEU A 34 -2.52 6.77 6.80
C LEU A 34 -3.83 6.54 7.58
N ARG A 35 -3.73 6.75 8.92
CA ARG A 35 -4.82 6.50 9.87
C ARG A 35 -5.93 7.58 9.78
N SER A 36 -5.64 8.68 9.07
CA SER A 36 -6.64 9.74 8.77
C SER A 36 -7.78 9.20 7.87
N GLU A 37 -9.02 9.69 8.11
CA GLU A 37 -10.20 9.35 7.29
C GLU A 37 -10.14 10.07 5.92
N GLN A 38 -9.45 11.24 5.92
CA GLN A 38 -9.30 12.14 4.76
C GLN A 38 -8.54 11.43 3.62
N LEU A 39 -7.63 10.53 4.02
CA LEU A 39 -6.94 9.63 3.08
C LEU A 39 -7.75 8.31 3.01
N PRO A 40 -8.44 8.03 1.85
CA PRO A 40 -9.26 6.81 1.70
C PRO A 40 -8.41 5.52 1.64
N LYS A 41 -9.02 4.41 2.09
CA LYS A 41 -8.38 3.07 2.13
C LYS A 41 -7.93 2.64 0.73
N LYS A 42 -8.81 2.89 -0.24
CA LYS A 42 -8.62 2.49 -1.63
C LYS A 42 -7.40 3.18 -2.28
N ASP A 43 -7.14 4.43 -1.87
CA ASP A 43 -6.04 5.24 -2.45
C ASP A 43 -4.67 4.74 -1.94
N ILE A 44 -4.65 4.22 -0.70
CA ILE A 44 -3.43 3.64 -0.10
C ILE A 44 -3.06 2.32 -0.80
N ILE A 45 -4.04 1.40 -0.89
CA ILE A 45 -3.90 0.09 -1.59
C ILE A 45 -3.45 0.31 -3.05
N LYS A 46 -4.07 1.32 -3.68
CA LYS A 46 -3.78 1.75 -5.07
C LYS A 46 -2.28 2.09 -5.25
N PHE A 47 -1.77 2.90 -4.31
CA PHE A 47 -0.36 3.31 -4.28
C PHE A 47 0.57 2.08 -4.12
N LEU A 48 0.22 1.20 -3.18
CA LEU A 48 1.03 0.04 -2.81
C LEU A 48 1.06 -1.02 -3.93
N GLN A 49 -0.03 -1.15 -4.68
CA GLN A 49 -0.12 -2.10 -5.81
C GLN A 49 0.53 -1.52 -7.07
N GLU A 50 0.55 -0.17 -7.15
CA GLU A 50 1.07 0.59 -8.32
C GLU A 50 2.58 0.33 -8.54
N HIS A 51 3.31 0.00 -7.46
CA HIS A 51 4.76 -0.29 -7.54
C HIS A 51 5.19 -1.54 -6.73
N GLY A 52 4.43 -1.91 -5.69
CA GLY A 52 4.69 -3.16 -4.95
C GLY A 52 4.65 -4.40 -5.84
N SER A 53 5.68 -5.26 -5.71
CA SER A 53 5.82 -6.47 -6.53
C SER A 53 4.68 -7.47 -6.27
N ASP A 54 4.47 -8.40 -7.23
CA ASP A 54 3.41 -9.43 -7.18
C ASP A 54 3.53 -10.28 -5.90
N SER A 55 4.79 -10.56 -5.55
CA SER A 55 5.17 -11.37 -4.37
C SER A 55 4.77 -10.66 -3.06
N PHE A 56 4.90 -9.32 -3.05
CA PHE A 56 4.48 -8.48 -1.90
C PHE A 56 2.94 -8.44 -1.81
N LEU A 57 2.30 -8.14 -2.95
CA LEU A 57 0.85 -7.91 -3.04
C LEU A 57 0.06 -9.18 -2.67
N ALA A 58 0.65 -10.36 -2.98
CA ALA A 58 0.06 -11.68 -2.66
C ALA A 58 -0.08 -11.86 -1.14
N GLU A 59 1.01 -11.59 -0.40
CA GLU A 59 1.06 -11.70 1.07
C GLU A 59 -0.01 -10.81 1.72
N HIS A 60 -0.06 -9.54 1.26
CA HIS A 60 -0.87 -8.48 1.87
C HIS A 60 -2.24 -8.31 1.17
N LYS A 61 -2.50 -9.18 0.16
CA LYS A 61 -3.79 -9.22 -0.60
C LYS A 61 -4.14 -7.87 -1.26
N LEU A 62 -3.11 -7.07 -1.58
CA LEU A 62 -3.28 -5.71 -2.14
C LEU A 62 -3.52 -5.74 -3.65
N LEU A 63 -3.30 -6.92 -4.28
CA LEU A 63 -3.59 -7.12 -5.72
C LEU A 63 -5.09 -7.36 -5.95
N GLY A 64 -5.53 -7.12 -7.19
CA GLY A 64 -6.93 -7.29 -7.58
C GLY A 64 -7.74 -6.02 -7.46
N ASN A 65 -9.07 -6.16 -7.57
CA ASN A 65 -10.04 -5.04 -7.54
C ASN A 65 -9.92 -4.30 -6.19
N ILE A 66 -9.42 -3.05 -6.24
CA ILE A 66 -9.07 -2.25 -5.02
C ILE A 66 -10.27 -2.14 -4.06
N LYS A 67 -11.46 -1.90 -4.64
CA LYS A 67 -12.73 -1.79 -3.92
C LYS A 67 -13.00 -3.06 -3.08
N ASN A 68 -12.80 -4.24 -3.70
CA ASN A 68 -13.02 -5.55 -3.06
C ASN A 68 -11.93 -5.87 -2.03
N VAL A 69 -10.68 -5.40 -2.31
CA VAL A 69 -9.54 -5.51 -1.39
C VAL A 69 -9.82 -4.72 -0.10
N ALA A 70 -10.36 -3.50 -0.29
CA ALA A 70 -10.64 -2.52 0.79
C ALA A 70 -11.77 -3.00 1.74
N LYS A 71 -12.40 -4.13 1.43
CA LYS A 71 -13.39 -4.77 2.31
C LYS A 71 -12.68 -5.40 3.54
N THR A 72 -11.64 -6.20 3.26
CA THR A 72 -10.84 -6.88 4.30
C THR A 72 -9.63 -6.01 4.71
N ALA A 73 -9.23 -5.07 3.84
CA ALA A 73 -8.11 -4.16 4.11
C ALA A 73 -8.63 -2.95 4.88
N ASN A 74 -8.70 -3.12 6.21
CA ASN A 74 -9.10 -2.06 7.16
C ASN A 74 -7.96 -1.05 7.31
N LYS A 75 -8.24 0.05 8.02
CA LYS A 75 -7.29 1.18 8.21
C LYS A 75 -5.93 0.70 8.77
N ASP A 76 -6.01 -0.25 9.73
CA ASP A 76 -4.85 -0.86 10.40
C ASP A 76 -3.98 -1.68 9.41
N HIS A 77 -4.64 -2.43 8.49
CA HIS A 77 -3.99 -3.26 7.46
C HIS A 77 -3.11 -2.39 6.56
N LEU A 78 -3.66 -1.23 6.20
CA LEU A 78 -3.04 -0.28 5.27
C LEU A 78 -1.70 0.22 5.80
N VAL A 79 -1.69 0.60 7.11
CA VAL A 79 -0.52 1.12 7.80
C VAL A 79 0.61 0.06 7.85
N THR A 80 0.22 -1.17 8.24
CA THR A 80 1.16 -2.32 8.34
C THR A 80 1.81 -2.62 6.98
N ALA A 81 0.97 -2.75 5.94
CA ALA A 81 1.42 -3.10 4.57
C ALA A 81 2.29 -1.99 3.97
N TYR A 82 1.83 -0.73 4.15
CA TYR A 82 2.50 0.48 3.63
C TYR A 82 3.94 0.57 4.13
N ASN A 83 4.08 0.61 5.47
CA ASN A 83 5.39 0.80 6.15
C ASN A 83 6.37 -0.32 5.77
N HIS A 84 5.86 -1.57 5.69
CA HIS A 84 6.65 -2.76 5.33
C HIS A 84 7.20 -2.70 3.90
N LEU A 85 6.45 -2.09 2.96
CA LEU A 85 6.85 -2.05 1.53
C LEU A 85 8.20 -1.34 1.37
N PHE A 86 8.27 -0.15 1.96
CA PHE A 86 9.45 0.74 1.92
C PHE A 86 10.55 0.25 2.86
N GLU A 87 10.13 -0.43 3.95
CA GLU A 87 11.02 -0.99 4.99
C GLU A 87 12.00 -2.04 4.43
N THR A 88 11.59 -2.71 3.34
CA THR A 88 12.37 -3.79 2.68
C THR A 88 12.53 -3.54 1.17
N LYS A 89 11.87 -2.48 0.66
CA LYS A 89 11.91 -2.06 -0.76
C LYS A 89 11.43 -3.17 -1.72
N ARG A 90 10.26 -3.74 -1.41
CA ARG A 90 9.63 -4.80 -2.23
C ARG A 90 8.89 -4.21 -3.44
N PHE A 91 8.83 -2.87 -3.49
CA PHE A 91 8.39 -2.12 -4.69
C PHE A 91 9.47 -2.19 -5.78
N LYS A 92 9.07 -1.84 -7.03
CA LYS A 92 9.95 -1.93 -8.22
C LYS A 92 11.15 -0.96 -8.08
N MET A 20 17.64 4.06 -18.10
CA MET A 20 16.48 4.00 -17.17
C MET A 20 16.78 4.81 -15.90
N ALA A 21 15.74 5.43 -15.32
CA ALA A 21 15.82 6.05 -13.99
C ALA A 21 15.49 5.00 -12.91
N ALA A 22 15.98 5.23 -11.68
CA ALA A 22 15.73 4.34 -10.54
C ALA A 22 14.28 4.46 -10.08
N ALA A 23 13.50 3.36 -10.22
CA ALA A 23 12.12 3.27 -9.73
C ALA A 23 12.14 3.08 -8.20
N VAL A 24 12.36 4.20 -7.49
CA VAL A 24 12.48 4.23 -6.02
C VAL A 24 11.35 5.12 -5.43
N PRO A 25 10.10 4.55 -5.31
CA PRO A 25 8.91 5.32 -4.89
C PRO A 25 8.97 5.75 -3.42
N GLN A 26 8.99 7.06 -3.21
CA GLN A 26 8.84 7.68 -1.90
C GLN A 26 7.36 7.67 -1.52
N ARG A 27 7.08 7.67 -0.22
CA ARG A 27 5.70 7.70 0.29
C ARG A 27 4.94 8.95 -0.21
N ALA A 28 3.67 8.75 -0.55
CA ALA A 28 2.78 9.83 -1.00
C ALA A 28 2.16 10.54 0.22
N TRP A 29 1.76 9.72 1.22
CA TRP A 29 1.18 10.19 2.49
C TRP A 29 2.02 9.62 3.65
N THR A 30 2.03 10.31 4.80
CA THR A 30 2.80 9.89 5.98
C THR A 30 1.97 8.91 6.85
N VAL A 31 2.62 8.30 7.85
CA VAL A 31 2.05 7.15 8.63
C VAL A 31 0.67 7.47 9.28
N GLU A 32 0.58 8.65 9.93
CA GLU A 32 -0.66 9.12 10.57
C GLU A 32 -1.68 9.63 9.54
N GLN A 33 -1.21 10.17 8.37
CA GLN A 33 -2.11 10.54 7.25
C GLN A 33 -2.83 9.28 6.69
N LEU A 34 -2.17 8.13 6.81
CA LEU A 34 -2.77 6.83 6.44
C LEU A 34 -3.84 6.42 7.46
N ARG A 35 -3.55 6.67 8.75
CA ARG A 35 -4.50 6.40 9.85
C ARG A 35 -5.66 7.41 9.84
N SER A 36 -5.44 8.55 9.16
CA SER A 36 -6.44 9.62 9.05
C SER A 36 -7.66 9.13 8.26
N GLU A 37 -8.83 9.22 8.89
CA GLU A 37 -10.13 8.83 8.33
C GLU A 37 -10.48 9.67 7.07
N GLN A 38 -9.81 10.84 6.94
CA GLN A 38 -9.95 11.75 5.79
C GLN A 38 -9.50 11.05 4.50
N LEU A 39 -8.29 10.44 4.57
CA LEU A 39 -7.67 9.74 3.43
C LEU A 39 -8.42 8.40 3.17
N PRO A 40 -8.96 8.16 1.93
CA PRO A 40 -9.60 6.87 1.55
C PRO A 40 -8.63 5.66 1.61
N LYS A 41 -9.20 4.48 1.92
CA LYS A 41 -8.47 3.21 2.01
C LYS A 41 -7.95 2.79 0.62
N LYS A 42 -8.85 2.94 -0.36
CA LYS A 42 -8.61 2.63 -1.78
C LYS A 42 -7.38 3.37 -2.36
N ASP A 43 -7.19 4.61 -1.91
CA ASP A 43 -6.06 5.47 -2.36
C ASP A 43 -4.72 4.89 -1.93
N ILE A 44 -4.66 4.37 -0.69
CA ILE A 44 -3.44 3.75 -0.13
C ILE A 44 -3.11 2.45 -0.88
N ILE A 45 -4.14 1.60 -1.05
CA ILE A 45 -4.02 0.30 -1.74
C ILE A 45 -3.54 0.49 -3.19
N LYS A 46 -4.13 1.49 -3.87
CA LYS A 46 -3.80 1.82 -5.27
C LYS A 46 -2.33 2.28 -5.41
N PHE A 47 -1.88 3.05 -4.40
CA PHE A 47 -0.48 3.52 -4.30
C PHE A 47 0.48 2.33 -4.16
N LEU A 48 0.23 1.48 -3.16
CA LEU A 48 1.12 0.37 -2.79
C LEU A 48 1.17 -0.73 -3.86
N GLN A 49 0.05 -0.92 -4.60
CA GLN A 49 -0.04 -1.95 -5.65
C GLN A 49 0.60 -1.48 -6.97
N GLU A 50 0.62 -0.15 -7.18
CA GLU A 50 1.18 0.49 -8.39
C GLU A 50 2.69 0.19 -8.55
N HIS A 51 3.42 0.20 -7.42
CA HIS A 51 4.90 0.03 -7.45
C HIS A 51 5.37 -1.17 -6.62
N GLY A 52 4.59 -1.57 -5.60
CA GLY A 52 4.86 -2.78 -4.82
C GLY A 52 4.83 -4.05 -5.67
N SER A 53 5.77 -4.98 -5.42
CA SER A 53 5.89 -6.24 -6.16
C SER A 53 4.65 -7.13 -5.97
N ASP A 54 4.39 -7.97 -6.99
CA ASP A 54 3.27 -8.94 -7.01
C ASP A 54 3.32 -9.88 -5.78
N SER A 55 4.54 -10.27 -5.40
CA SER A 55 4.79 -11.12 -4.22
C SER A 55 4.40 -10.39 -2.91
N PHE A 56 4.75 -9.09 -2.83
CA PHE A 56 4.37 -8.20 -1.71
C PHE A 56 2.83 -8.08 -1.62
N LEU A 57 2.19 -7.96 -2.79
CA LEU A 57 0.74 -7.77 -2.91
C LEU A 57 -0.01 -9.05 -2.52
N ALA A 58 0.53 -10.22 -2.88
CA ALA A 58 -0.08 -11.53 -2.58
C ALA A 58 -0.05 -11.81 -1.06
N GLU A 59 1.13 -11.62 -0.46
CA GLU A 59 1.35 -11.79 0.99
C GLU A 59 0.45 -10.85 1.83
N HIS A 60 0.16 -9.65 1.29
CA HIS A 60 -0.60 -8.61 2.02
C HIS A 60 -1.96 -8.28 1.37
N LYS A 61 -2.42 -9.16 0.46
CA LYS A 61 -3.79 -9.08 -0.17
C LYS A 61 -4.09 -7.73 -0.88
N LEU A 62 -3.05 -6.97 -1.24
CA LEU A 62 -3.21 -5.61 -1.82
C LEU A 62 -3.48 -5.67 -3.34
N LEU A 63 -3.31 -6.86 -3.96
CA LEU A 63 -3.62 -7.07 -5.39
C LEU A 63 -5.13 -7.32 -5.59
N GLY A 64 -5.51 -7.44 -6.87
CA GLY A 64 -6.88 -7.73 -7.26
C GLY A 64 -7.68 -6.45 -7.47
N ASN A 65 -8.99 -6.52 -7.19
CA ASN A 65 -9.90 -5.37 -7.26
C ASN A 65 -9.68 -4.50 -6.01
N ILE A 66 -9.29 -3.23 -6.22
CA ILE A 66 -9.06 -2.25 -5.14
C ILE A 66 -10.31 -2.15 -4.25
N LYS A 67 -11.49 -1.99 -4.88
CA LYS A 67 -12.80 -1.91 -4.19
C LYS A 67 -13.04 -3.10 -3.24
N ASN A 68 -12.64 -4.31 -3.66
CA ASN A 68 -12.79 -5.55 -2.86
C ASN A 68 -11.88 -5.51 -1.62
N VAL A 69 -10.62 -5.10 -1.84
CA VAL A 69 -9.59 -5.04 -0.77
C VAL A 69 -9.89 -3.87 0.20
N ALA A 70 -10.48 -2.80 -0.32
CA ALA A 70 -10.78 -1.56 0.45
C ALA A 70 -11.95 -1.76 1.41
N LYS A 71 -12.73 -2.84 1.25
CA LYS A 71 -13.76 -3.23 2.23
C LYS A 71 -13.25 -4.37 3.15
N THR A 72 -12.67 -5.45 2.55
CA THR A 72 -12.31 -6.68 3.29
C THR A 72 -11.07 -6.48 4.20
N ALA A 73 -10.12 -5.67 3.72
CA ALA A 73 -8.90 -5.31 4.47
C ALA A 73 -9.06 -3.92 5.10
N ASN A 74 -8.76 -3.81 6.41
CA ASN A 74 -8.99 -2.56 7.18
C ASN A 74 -7.82 -1.58 6.99
N LYS A 75 -7.98 -0.36 7.55
CA LYS A 75 -7.02 0.75 7.38
C LYS A 75 -5.64 0.41 7.99
N ASP A 76 -5.67 -0.24 9.16
CA ASP A 76 -4.46 -0.60 9.94
C ASP A 76 -3.58 -1.61 9.16
N HIS A 77 -4.25 -2.55 8.46
CA HIS A 77 -3.61 -3.52 7.55
C HIS A 77 -2.78 -2.79 6.48
N LEU A 78 -3.36 -1.72 5.92
CA LEU A 78 -2.77 -0.93 4.82
C LEU A 78 -1.51 -0.19 5.28
N VAL A 79 -1.56 0.36 6.51
CA VAL A 79 -0.45 1.10 7.14
C VAL A 79 0.73 0.14 7.42
N THR A 80 0.41 -1.04 7.96
CA THR A 80 1.40 -2.11 8.28
C THR A 80 2.13 -2.58 7.01
N ALA A 81 1.36 -2.78 5.92
CA ALA A 81 1.89 -3.20 4.61
C ALA A 81 2.78 -2.12 4.00
N TYR A 82 2.33 -0.87 4.16
CA TYR A 82 3.05 0.34 3.71
C TYR A 82 4.46 0.40 4.32
N ASN A 83 4.56 0.34 5.66
CA ASN A 83 5.85 0.51 6.38
C ASN A 83 6.80 -0.67 6.08
N HIS A 84 6.25 -1.89 6.05
CA HIS A 84 6.99 -3.14 5.73
C HIS A 84 7.49 -3.14 4.27
N LEU A 85 6.81 -2.38 3.38
CA LEU A 85 7.22 -2.20 1.97
C LEU A 85 8.63 -1.60 1.89
N PHE A 86 8.78 -0.44 2.56
CA PHE A 86 10.02 0.35 2.56
C PHE A 86 11.10 -0.32 3.42
N GLU A 87 10.65 -1.06 4.46
CA GLU A 87 11.52 -1.71 5.46
C GLU A 87 12.38 -2.83 4.84
N THR A 88 11.92 -3.41 3.74
CA THR A 88 12.64 -4.46 2.98
C THR A 88 12.82 -4.07 1.51
N LYS A 89 12.25 -2.91 1.11
CA LYS A 89 12.23 -2.41 -0.29
C LYS A 89 11.62 -3.45 -1.25
N ARG A 90 10.44 -3.94 -0.87
CA ARG A 90 9.62 -4.92 -1.64
C ARG A 90 9.03 -4.32 -2.93
N PHE A 91 9.07 -2.99 -3.06
CA PHE A 91 8.64 -2.30 -4.29
C PHE A 91 9.59 -2.61 -5.46
N LYS A 92 9.01 -2.81 -6.64
CA LYS A 92 9.74 -2.95 -7.90
C LYS A 92 10.01 -1.53 -8.46
N MET A 20 21.20 -2.00 -14.32
CA MET A 20 19.95 -2.20 -13.55
C MET A 20 19.88 -1.19 -12.42
N ALA A 21 18.81 -0.39 -12.40
CA ALA A 21 18.61 0.67 -11.39
C ALA A 21 17.23 0.52 -10.74
N ALA A 22 17.09 1.05 -9.52
CA ALA A 22 15.84 1.04 -8.75
C ALA A 22 15.63 2.42 -8.10
N ALA A 23 14.51 2.55 -7.39
CA ALA A 23 14.12 3.80 -6.72
C ALA A 23 13.11 3.48 -5.62
N VAL A 24 13.30 4.08 -4.44
CA VAL A 24 12.32 4.00 -3.35
C VAL A 24 11.14 4.95 -3.65
N PRO A 25 9.85 4.45 -3.52
CA PRO A 25 8.65 5.27 -3.75
C PRO A 25 8.57 6.39 -2.71
N GLN A 26 8.72 7.63 -3.17
CA GLN A 26 8.62 8.83 -2.32
C GLN A 26 7.23 8.88 -1.73
N ARG A 27 7.13 8.36 -0.49
CA ARG A 27 5.88 8.00 0.15
C ARG A 27 4.98 9.24 0.32
N ALA A 28 3.72 9.08 -0.10
CA ALA A 28 2.78 10.19 -0.30
C ALA A 28 2.24 10.75 1.03
N TRP A 29 2.29 9.92 2.10
CA TRP A 29 1.60 10.18 3.38
C TRP A 29 2.49 9.80 4.57
N THR A 30 2.29 10.51 5.69
CA THR A 30 2.89 10.17 6.98
C THR A 30 1.94 9.23 7.75
N VAL A 31 2.40 8.73 8.91
CA VAL A 31 1.67 7.72 9.71
C VAL A 31 0.27 8.23 10.17
N GLU A 32 0.18 9.55 10.44
CA GLU A 32 -1.09 10.23 10.81
C GLU A 32 -2.05 10.32 9.60
N GLN A 33 -1.49 10.51 8.40
CA GLN A 33 -2.28 10.53 7.15
C GLN A 33 -2.75 9.11 6.78
N LEU A 34 -1.95 8.10 7.15
CA LEU A 34 -2.23 6.68 6.85
C LEU A 34 -3.39 6.13 7.70
N ARG A 35 -3.46 6.55 8.97
CA ARG A 35 -4.56 6.18 9.89
C ARG A 35 -5.84 6.98 9.54
N SER A 36 -5.65 8.14 8.88
CA SER A 36 -6.73 9.10 8.59
C SER A 36 -7.86 8.47 7.76
N GLU A 37 -9.02 8.28 8.41
CA GLU A 37 -10.23 7.69 7.82
C GLU A 37 -10.80 8.54 6.66
N GLN A 38 -10.41 9.83 6.62
CA GLN A 38 -10.79 10.77 5.55
C GLN A 38 -10.09 10.37 4.22
N LEU A 39 -8.87 9.81 4.34
CA LEU A 39 -8.10 9.29 3.19
C LEU A 39 -8.77 7.96 2.74
N PRO A 40 -9.11 7.81 1.42
CA PRO A 40 -9.62 6.53 0.87
C PRO A 40 -8.66 5.34 1.15
N LYS A 41 -9.21 4.27 1.76
CA LYS A 41 -8.48 3.02 2.06
C LYS A 41 -7.91 2.40 0.78
N LYS A 42 -8.70 2.52 -0.30
CA LYS A 42 -8.33 2.08 -1.65
C LYS A 42 -7.11 2.86 -2.18
N ASP A 43 -7.02 4.16 -1.85
CA ASP A 43 -5.97 5.04 -2.39
C ASP A 43 -4.59 4.66 -1.83
N ILE A 44 -4.55 4.18 -0.57
CA ILE A 44 -3.31 3.66 0.06
C ILE A 44 -2.86 2.38 -0.68
N ILE A 45 -3.81 1.43 -0.79
CA ILE A 45 -3.60 0.13 -1.48
C ILE A 45 -3.19 0.32 -2.96
N LYS A 46 -3.71 1.38 -3.57
CA LYS A 46 -3.44 1.76 -4.98
C LYS A 46 -1.93 2.06 -5.18
N PHE A 47 -1.37 2.77 -4.19
CA PHE A 47 0.05 3.13 -4.17
C PHE A 47 0.90 1.87 -3.88
N LEU A 48 0.37 0.98 -3.01
CA LEU A 48 1.05 -0.26 -2.59
C LEU A 48 1.13 -1.29 -3.73
N GLN A 49 0.13 -1.30 -4.63
CA GLN A 49 0.15 -2.19 -5.81
C GLN A 49 0.94 -1.55 -6.98
N GLU A 50 0.95 -0.20 -7.01
CA GLU A 50 1.63 0.57 -8.09
C GLU A 50 3.13 0.27 -8.13
N HIS A 51 3.71 0.06 -6.94
CA HIS A 51 5.15 -0.22 -6.80
C HIS A 51 5.35 -1.66 -6.30
N GLY A 52 4.55 -2.08 -5.30
CA GLY A 52 4.67 -3.38 -4.64
C GLY A 52 4.58 -4.57 -5.59
N SER A 53 5.53 -5.49 -5.46
CA SER A 53 5.65 -6.68 -6.32
C SER A 53 4.55 -7.72 -6.00
N ASP A 54 4.41 -8.69 -6.93
CA ASP A 54 3.35 -9.72 -6.88
C ASP A 54 3.34 -10.50 -5.54
N SER A 55 4.54 -10.77 -5.01
CA SER A 55 4.70 -11.52 -3.74
C SER A 55 4.16 -10.69 -2.54
N PHE A 56 4.39 -9.37 -2.58
CA PHE A 56 3.89 -8.41 -1.56
C PHE A 56 2.34 -8.32 -1.64
N LEU A 57 1.82 -8.30 -2.88
CA LEU A 57 0.38 -8.13 -3.12
C LEU A 57 -0.40 -9.38 -2.68
N ALA A 58 -0.01 -10.55 -3.20
CA ALA A 58 -0.72 -11.84 -2.99
C ALA A 58 -0.75 -12.26 -1.50
N GLU A 59 0.27 -11.85 -0.72
CA GLU A 59 0.30 -12.08 0.74
C GLU A 59 -0.97 -11.53 1.44
N HIS A 60 -1.37 -10.31 1.07
CA HIS A 60 -2.52 -9.62 1.70
C HIS A 60 -3.68 -9.43 0.70
N LYS A 61 -3.51 -9.97 -0.52
CA LYS A 61 -4.40 -9.75 -1.68
C LYS A 61 -4.70 -8.26 -1.89
N LEU A 62 -3.61 -7.49 -2.14
CA LEU A 62 -3.67 -6.05 -2.49
C LEU A 62 -3.89 -5.89 -4.01
N LEU A 63 -3.68 -6.99 -4.75
CA LEU A 63 -3.97 -7.07 -6.19
C LEU A 63 -5.49 -7.23 -6.44
N GLY A 64 -5.88 -7.14 -7.72
CA GLY A 64 -7.28 -7.26 -8.13
C GLY A 64 -8.00 -5.92 -8.09
N ASN A 65 -9.31 -5.94 -7.77
CA ASN A 65 -10.12 -4.72 -7.59
C ASN A 65 -9.71 -4.04 -6.29
N ILE A 66 -9.09 -2.84 -6.40
CA ILE A 66 -8.57 -2.08 -5.25
C ILE A 66 -9.70 -1.83 -4.22
N LYS A 67 -10.90 -1.54 -4.75
CA LYS A 67 -12.13 -1.28 -3.97
C LYS A 67 -12.55 -2.52 -3.13
N ASN A 68 -12.40 -3.72 -3.71
CA ASN A 68 -12.79 -4.99 -3.08
C ASN A 68 -11.79 -5.36 -1.97
N VAL A 69 -10.51 -5.05 -2.23
CA VAL A 69 -9.45 -5.16 -1.23
C VAL A 69 -9.72 -4.19 -0.06
N ALA A 70 -10.09 -2.96 -0.42
CA ALA A 70 -10.34 -1.85 0.53
C ALA A 70 -11.59 -2.10 1.40
N LYS A 71 -12.45 -3.02 0.96
CA LYS A 71 -13.63 -3.44 1.71
C LYS A 71 -13.23 -4.38 2.86
N THR A 72 -12.32 -5.33 2.56
CA THR A 72 -11.94 -6.43 3.46
C THR A 72 -10.60 -6.17 4.21
N ALA A 73 -9.87 -5.11 3.81
CA ALA A 73 -8.58 -4.74 4.44
C ALA A 73 -8.82 -3.80 5.64
N ASN A 74 -7.81 -3.72 6.53
CA ASN A 74 -7.88 -2.96 7.80
C ASN A 74 -6.95 -1.73 7.70
N LYS A 75 -7.47 -0.54 8.03
CA LYS A 75 -6.80 0.77 7.79
C LYS A 75 -5.44 0.87 8.51
N ASP A 76 -5.36 0.34 9.75
CA ASP A 76 -4.13 0.41 10.57
C ASP A 76 -3.07 -0.60 10.07
N HIS A 77 -3.53 -1.70 9.47
CA HIS A 77 -2.65 -2.68 8.81
C HIS A 77 -2.14 -2.11 7.47
N LEU A 78 -2.93 -1.22 6.83
CA LEU A 78 -2.51 -0.51 5.58
C LEU A 78 -1.33 0.44 5.87
N VAL A 79 -1.32 0.98 7.10
CA VAL A 79 -0.19 1.80 7.64
C VAL A 79 1.07 0.92 7.72
N THR A 80 0.88 -0.27 8.29
CA THR A 80 1.96 -1.23 8.56
C THR A 80 2.60 -1.75 7.27
N ALA A 81 1.77 -2.16 6.30
CA ALA A 81 2.22 -2.73 5.01
C ALA A 81 2.93 -1.67 4.15
N TYR A 82 2.45 -0.43 4.28
CA TYR A 82 3.00 0.76 3.60
C TYR A 82 4.46 0.98 3.99
N ASN A 83 4.67 1.08 5.30
CA ASN A 83 6.00 1.33 5.89
C ASN A 83 6.92 0.11 5.71
N HIS A 84 6.32 -1.12 5.70
CA HIS A 84 7.04 -2.38 5.43
C HIS A 84 7.47 -2.48 3.96
N LEU A 85 6.70 -1.84 3.04
CA LEU A 85 6.98 -1.87 1.60
C LEU A 85 8.36 -1.28 1.31
N PHE A 86 8.55 -0.08 1.83
CA PHE A 86 9.76 0.73 1.62
C PHE A 86 10.95 0.20 2.46
N GLU A 87 10.62 -0.38 3.64
CA GLU A 87 11.60 -0.81 4.66
C GLU A 87 12.41 -2.04 4.17
N THR A 88 11.73 -2.99 3.51
CA THR A 88 12.36 -4.23 3.01
C THR A 88 12.45 -4.24 1.48
N LYS A 89 12.03 -3.13 0.84
CA LYS A 89 12.04 -2.94 -0.62
C LYS A 89 11.20 -4.00 -1.36
N ARG A 90 10.00 -4.26 -0.82
CA ARG A 90 9.02 -5.22 -1.38
C ARG A 90 8.42 -4.77 -2.73
N PHE A 91 8.74 -3.54 -3.12
CA PHE A 91 8.42 -2.99 -4.45
C PHE A 91 9.39 -3.51 -5.53
N LYS A 92 8.96 -3.38 -6.79
CA LYS A 92 9.74 -3.77 -7.97
C LYS A 92 10.82 -2.70 -8.26
N MET A 20 17.03 0.81 -17.47
CA MET A 20 16.05 0.94 -16.36
C MET A 20 16.55 1.95 -15.30
N ALA A 21 15.60 2.48 -14.53
CA ALA A 21 15.89 3.33 -13.36
C ALA A 21 15.13 2.78 -12.15
N ALA A 22 15.75 2.81 -10.97
CA ALA A 22 15.11 2.37 -9.72
C ALA A 22 14.11 3.43 -9.23
N ALA A 23 12.92 3.41 -9.85
CA ALA A 23 11.83 4.35 -9.53
C ALA A 23 11.11 3.86 -8.26
N VAL A 24 11.76 4.08 -7.11
CA VAL A 24 11.28 3.62 -5.81
C VAL A 24 10.09 4.47 -5.35
N PRO A 25 9.12 3.88 -4.56
CA PRO A 25 7.86 4.55 -4.22
C PRO A 25 8.08 5.78 -3.32
N GLN A 26 7.99 6.95 -3.95
CA GLN A 26 8.01 8.23 -3.25
C GLN A 26 6.66 8.37 -2.53
N ARG A 27 6.67 8.17 -1.21
CA ARG A 27 5.45 8.15 -0.39
C ARG A 27 4.64 9.45 -0.57
N ALA A 28 3.31 9.30 -0.61
CA ALA A 28 2.38 10.42 -0.87
C ALA A 28 1.86 11.01 0.46
N TRP A 29 2.04 10.25 1.55
CA TRP A 29 1.50 10.61 2.90
C TRP A 29 2.51 10.21 3.98
N THR A 30 2.39 10.84 5.15
CA THR A 30 3.10 10.42 6.36
C THR A 30 2.28 9.29 7.02
N VAL A 31 2.91 8.51 7.91
CA VAL A 31 2.28 7.38 8.63
C VAL A 31 0.96 7.81 9.34
N GLU A 32 0.99 9.03 9.93
CA GLU A 32 -0.15 9.66 10.61
C GLU A 32 -1.28 10.00 9.61
N GLN A 33 -0.90 10.55 8.43
CA GLN A 33 -1.85 10.95 7.37
C GLN A 33 -2.59 9.73 6.81
N LEU A 34 -1.89 8.60 6.79
CA LEU A 34 -2.47 7.31 6.35
C LEU A 34 -3.54 6.84 7.33
N ARG A 35 -3.18 6.85 8.63
CA ARG A 35 -4.03 6.39 9.74
C ARG A 35 -5.22 7.35 9.96
N SER A 36 -5.11 8.59 9.43
CA SER A 36 -6.18 9.58 9.49
C SER A 36 -7.44 9.05 8.76
N GLU A 37 -8.56 9.03 9.49
CA GLU A 37 -9.86 8.50 9.04
C GLU A 37 -10.36 9.19 7.73
N GLN A 38 -9.96 10.45 7.53
CA GLN A 38 -10.37 11.27 6.36
C GLN A 38 -9.83 10.71 5.03
N LEU A 39 -8.63 10.13 5.05
CA LEU A 39 -7.98 9.56 3.84
C LEU A 39 -8.76 8.29 3.39
N PRO A 40 -9.29 8.20 2.12
CA PRO A 40 -9.91 6.96 1.61
C PRO A 40 -8.89 5.78 1.54
N LYS A 41 -9.28 4.62 2.11
CA LYS A 41 -8.46 3.40 2.11
C LYS A 41 -8.10 2.95 0.68
N LYS A 42 -9.04 3.13 -0.25
CA LYS A 42 -8.92 2.73 -1.66
C LYS A 42 -7.70 3.42 -2.33
N ASP A 43 -7.44 4.66 -1.90
CA ASP A 43 -6.37 5.50 -2.48
C ASP A 43 -5.00 4.99 -2.01
N ILE A 44 -4.95 4.51 -0.75
CA ILE A 44 -3.73 3.94 -0.15
C ILE A 44 -3.39 2.59 -0.83
N ILE A 45 -4.43 1.72 -0.99
CA ILE A 45 -4.32 0.43 -1.72
C ILE A 45 -3.78 0.65 -3.15
N LYS A 46 -4.32 1.71 -3.79
CA LYS A 46 -3.96 2.12 -5.16
C LYS A 46 -2.45 2.46 -5.26
N PHE A 47 -1.91 3.06 -4.18
CA PHE A 47 -0.47 3.38 -4.05
C PHE A 47 0.38 2.10 -3.91
N LEU A 48 -0.07 1.20 -3.00
CA LEU A 48 0.68 0.01 -2.59
C LEU A 48 0.73 -1.07 -3.69
N GLN A 49 -0.33 -1.19 -4.50
CA GLN A 49 -0.38 -2.21 -5.58
C GLN A 49 0.36 -1.72 -6.84
N GLU A 50 0.40 -0.39 -7.02
CA GLU A 50 1.05 0.25 -8.18
C GLU A 50 2.58 0.10 -8.08
N HIS A 51 3.09 0.12 -6.84
CA HIS A 51 4.54 0.18 -6.55
C HIS A 51 5.07 -1.13 -5.93
N GLY A 52 4.32 -1.69 -4.98
CA GLY A 52 4.62 -3.01 -4.42
C GLY A 52 4.46 -4.12 -5.45
N SER A 53 5.44 -5.03 -5.56
CA SER A 53 5.42 -6.12 -6.54
C SER A 53 4.53 -7.28 -6.06
N ASP A 54 4.22 -8.23 -6.97
CA ASP A 54 3.20 -9.28 -6.76
C ASP A 54 3.47 -10.19 -5.52
N SER A 55 4.76 -10.45 -5.23
CA SER A 55 5.16 -11.30 -4.09
C SER A 55 4.96 -10.59 -2.74
N PHE A 56 4.97 -9.25 -2.77
CA PHE A 56 4.56 -8.42 -1.63
C PHE A 56 3.02 -8.42 -1.53
N LEU A 57 2.37 -8.15 -2.68
CA LEU A 57 0.92 -7.87 -2.76
C LEU A 57 0.08 -9.03 -2.24
N ALA A 58 0.36 -10.26 -2.72
CA ALA A 58 -0.42 -11.46 -2.40
C ALA A 58 -0.41 -11.78 -0.88
N GLU A 59 0.76 -11.56 -0.25
CA GLU A 59 0.95 -11.80 1.20
C GLU A 59 0.14 -10.80 2.05
N HIS A 60 -0.21 -9.63 1.48
CA HIS A 60 -1.05 -8.60 2.13
C HIS A 60 -2.39 -8.40 1.38
N LYS A 61 -2.64 -9.26 0.37
CA LYS A 61 -3.85 -9.24 -0.49
C LYS A 61 -4.17 -7.82 -1.03
N LEU A 62 -3.13 -7.11 -1.51
CA LEU A 62 -3.24 -5.74 -2.04
C LEU A 62 -3.41 -5.73 -3.58
N LEU A 63 -3.21 -6.90 -4.22
CA LEU A 63 -3.36 -7.03 -5.69
C LEU A 63 -4.85 -7.18 -6.10
N GLY A 64 -5.06 -7.34 -7.41
CA GLY A 64 -6.39 -7.54 -7.98
C GLY A 64 -7.18 -6.24 -8.08
N ASN A 65 -8.49 -6.31 -7.82
CA ASN A 65 -9.37 -5.14 -7.83
C ASN A 65 -9.26 -4.42 -6.48
N ILE A 66 -9.06 -3.09 -6.54
CA ILE A 66 -8.94 -2.23 -5.33
C ILE A 66 -10.20 -2.37 -4.45
N LYS A 67 -11.39 -2.42 -5.08
CA LYS A 67 -12.68 -2.62 -4.38
C LYS A 67 -12.68 -3.88 -3.50
N ASN A 68 -12.22 -5.01 -4.09
CA ASN A 68 -12.09 -6.32 -3.40
C ASN A 68 -11.24 -6.21 -2.12
N VAL A 69 -10.15 -5.44 -2.22
CA VAL A 69 -9.24 -5.21 -1.09
C VAL A 69 -9.90 -4.26 -0.06
N ALA A 70 -10.62 -3.23 -0.54
CA ALA A 70 -11.19 -2.16 0.32
C ALA A 70 -12.41 -2.63 1.14
N LYS A 71 -13.12 -3.66 0.64
CA LYS A 71 -14.35 -4.17 1.28
C LYS A 71 -14.04 -5.14 2.44
N THR A 72 -12.81 -5.68 2.48
CA THR A 72 -12.41 -6.72 3.47
C THR A 72 -11.24 -6.23 4.37
N ALA A 73 -10.34 -5.44 3.78
CA ALA A 73 -9.11 -4.99 4.46
C ALA A 73 -9.30 -3.57 5.03
N ASN A 74 -8.74 -3.35 6.21
CA ASN A 74 -8.89 -2.08 6.95
C ASN A 74 -7.68 -1.17 6.71
N LYS A 75 -7.76 0.05 7.27
CA LYS A 75 -6.74 1.09 7.14
C LYS A 75 -5.46 0.74 7.90
N ASP A 76 -5.61 0.13 9.09
CA ASP A 76 -4.48 -0.31 9.96
C ASP A 76 -3.57 -1.32 9.21
N HIS A 77 -4.23 -2.19 8.41
CA HIS A 77 -3.56 -3.14 7.50
C HIS A 77 -2.68 -2.40 6.48
N LEU A 78 -3.26 -1.35 5.86
CA LEU A 78 -2.63 -0.63 4.74
C LEU A 78 -1.35 0.09 5.18
N VAL A 79 -1.42 0.71 6.37
CA VAL A 79 -0.31 1.47 6.97
C VAL A 79 0.86 0.54 7.33
N THR A 80 0.51 -0.61 7.96
CA THR A 80 1.48 -1.66 8.30
C THR A 80 2.20 -2.20 7.05
N ALA A 81 1.43 -2.55 6.01
CA ALA A 81 1.95 -3.07 4.74
C ALA A 81 2.85 -2.01 4.03
N TYR A 82 2.41 -0.75 4.14
CA TYR A 82 3.12 0.43 3.60
C TYR A 82 4.56 0.52 4.15
N ASN A 83 4.71 0.51 5.48
CA ASN A 83 6.02 0.65 6.14
C ASN A 83 6.93 -0.55 5.84
N HIS A 84 6.34 -1.75 5.95
CA HIS A 84 7.02 -3.05 5.70
C HIS A 84 7.46 -3.18 4.24
N LEU A 85 6.75 -2.48 3.31
CA LEU A 85 7.08 -2.45 1.88
C LEU A 85 8.49 -1.92 1.66
N PHE A 86 8.71 -0.73 2.23
CA PHE A 86 9.97 0.02 2.11
C PHE A 86 11.06 -0.60 2.99
N GLU A 87 10.64 -1.21 4.12
CA GLU A 87 11.54 -1.77 5.14
C GLU A 87 12.32 -2.98 4.62
N THR A 88 11.70 -3.75 3.71
CA THR A 88 12.30 -4.95 3.09
C THR A 88 12.52 -4.73 1.57
N LYS A 89 11.98 -3.61 1.05
CA LYS A 89 12.18 -3.16 -0.35
C LYS A 89 11.61 -4.17 -1.38
N ARG A 90 10.43 -4.71 -1.05
CA ARG A 90 9.71 -5.72 -1.88
C ARG A 90 9.02 -5.09 -3.11
N PHE A 91 9.04 -3.77 -3.19
CA PHE A 91 8.51 -3.02 -4.35
C PHE A 91 9.25 -3.36 -5.65
N LYS A 92 8.51 -3.24 -6.76
CA LYS A 92 9.00 -3.53 -8.10
C LYS A 92 9.96 -2.40 -8.56
N MET A 20 20.34 6.46 -10.43
CA MET A 20 20.18 5.78 -11.74
C MET A 20 18.82 6.16 -12.36
N ALA A 21 18.56 5.68 -13.59
CA ALA A 21 17.29 5.91 -14.30
C ALA A 21 16.20 4.98 -13.73
N ALA A 22 15.68 5.38 -12.55
CA ALA A 22 14.69 4.61 -11.78
C ALA A 22 14.18 5.50 -10.64
N ALA A 23 13.29 6.44 -10.98
CA ALA A 23 12.68 7.38 -10.02
C ALA A 23 11.69 6.62 -9.11
N VAL A 24 12.18 6.17 -7.94
CA VAL A 24 11.38 5.36 -7.00
C VAL A 24 10.21 6.19 -6.41
N PRO A 25 8.94 5.67 -6.48
CA PRO A 25 7.81 6.28 -5.77
C PRO A 25 7.97 6.11 -4.26
N GLN A 26 8.45 7.19 -3.63
CA GLN A 26 8.49 7.34 -2.17
C GLN A 26 7.06 7.57 -1.65
N ARG A 27 6.92 7.72 -0.32
CA ARG A 27 5.62 7.91 0.34
C ARG A 27 4.79 9.03 -0.30
N ALA A 28 3.49 8.77 -0.47
CA ALA A 28 2.54 9.78 -0.95
C ALA A 28 1.95 10.54 0.25
N TRP A 29 1.86 9.84 1.42
CA TRP A 29 1.29 10.37 2.68
C TRP A 29 2.11 9.89 3.89
N THR A 30 1.97 10.59 5.02
CA THR A 30 2.61 10.20 6.29
C THR A 30 1.69 9.24 7.06
N VAL A 31 2.19 8.63 8.15
CA VAL A 31 1.45 7.57 8.89
C VAL A 31 0.14 8.10 9.50
N GLU A 32 0.17 9.36 9.97
CA GLU A 32 -0.99 10.07 10.55
C GLU A 32 -2.03 10.42 9.45
N GLN A 33 -1.54 10.72 8.24
CA GLN A 33 -2.40 10.93 7.05
C GLN A 33 -3.03 9.61 6.59
N LEU A 34 -2.26 8.50 6.69
CA LEU A 34 -2.69 7.17 6.24
C LEU A 34 -3.86 6.67 7.08
N ARG A 35 -3.65 6.67 8.41
CA ARG A 35 -4.61 6.11 9.39
C ARG A 35 -5.92 6.92 9.43
N SER A 36 -5.85 8.19 8.96
CA SER A 36 -7.01 9.09 8.85
C SER A 36 -8.10 8.45 7.97
N GLU A 37 -9.33 8.38 8.51
CA GLU A 37 -10.49 7.80 7.82
C GLU A 37 -10.85 8.63 6.56
N GLN A 38 -10.62 9.95 6.62
CA GLN A 38 -10.88 10.88 5.52
C GLN A 38 -9.78 10.84 4.43
N LEU A 39 -8.76 9.98 4.61
CA LEU A 39 -7.94 9.51 3.49
C LEU A 39 -8.49 8.13 3.08
N PRO A 40 -9.13 8.01 1.86
CA PRO A 40 -9.72 6.73 1.40
C PRO A 40 -8.68 5.60 1.32
N LYS A 41 -9.09 4.42 1.82
CA LYS A 41 -8.28 3.19 1.86
C LYS A 41 -7.80 2.80 0.47
N LYS A 42 -8.69 3.00 -0.53
CA LYS A 42 -8.43 2.66 -1.93
C LYS A 42 -7.25 3.46 -2.52
N ASP A 43 -7.05 4.71 -2.06
CA ASP A 43 -5.90 5.54 -2.50
C ASP A 43 -4.58 4.92 -2.03
N ILE A 44 -4.57 4.42 -0.79
CA ILE A 44 -3.38 3.81 -0.16
C ILE A 44 -3.04 2.48 -0.84
N ILE A 45 -4.05 1.61 -0.98
CA ILE A 45 -3.91 0.28 -1.61
C ILE A 45 -3.50 0.43 -3.09
N LYS A 46 -4.06 1.45 -3.77
CA LYS A 46 -3.71 1.80 -5.17
C LYS A 46 -2.21 2.10 -5.25
N PHE A 47 -1.76 2.96 -4.33
CA PHE A 47 -0.36 3.41 -4.25
C PHE A 47 0.60 2.20 -4.04
N LEU A 48 0.28 1.38 -3.03
CA LEU A 48 1.15 0.26 -2.60
C LEU A 48 1.18 -0.88 -3.63
N GLN A 49 0.09 -1.06 -4.38
CA GLN A 49 0.02 -2.09 -5.45
C GLN A 49 0.67 -1.55 -6.75
N GLU A 50 0.67 -0.21 -6.92
CA GLU A 50 1.20 0.48 -8.11
C GLU A 50 2.73 0.36 -8.21
N HIS A 51 3.41 0.10 -7.07
CA HIS A 51 4.89 -0.08 -7.06
C HIS A 51 5.32 -1.39 -6.36
N GLY A 52 4.49 -1.89 -5.43
CA GLY A 52 4.78 -3.15 -4.72
C GLY A 52 4.75 -4.36 -5.63
N SER A 53 5.71 -5.29 -5.44
CA SER A 53 5.77 -6.53 -6.24
C SER A 53 4.55 -7.42 -5.93
N ASP A 54 4.10 -8.17 -6.94
CA ASP A 54 2.87 -8.99 -6.85
C ASP A 54 2.97 -10.08 -5.77
N SER A 55 4.21 -10.51 -5.52
CA SER A 55 4.56 -11.46 -4.44
C SER A 55 4.23 -10.87 -3.05
N PHE A 56 4.59 -9.59 -2.85
CA PHE A 56 4.26 -8.81 -1.63
C PHE A 56 2.73 -8.65 -1.52
N LEU A 57 2.14 -8.28 -2.66
CA LEU A 57 0.70 -7.98 -2.78
C LEU A 57 -0.15 -9.22 -2.47
N ALA A 58 0.39 -10.41 -2.75
CA ALA A 58 -0.27 -11.69 -2.43
C ALA A 58 -0.28 -11.95 -0.91
N GLU A 59 0.91 -11.77 -0.29
CA GLU A 59 1.10 -11.94 1.18
C GLU A 59 0.19 -10.99 1.99
N HIS A 60 -0.03 -9.77 1.45
CA HIS A 60 -0.77 -8.69 2.15
C HIS A 60 -2.17 -8.46 1.51
N LYS A 61 -2.47 -9.22 0.43
CA LYS A 61 -3.76 -9.15 -0.33
C LYS A 61 -4.08 -7.72 -0.81
N LEU A 62 -3.05 -6.98 -1.24
CA LEU A 62 -3.20 -5.62 -1.80
C LEU A 62 -3.46 -5.67 -3.32
N LEU A 63 -3.32 -6.86 -3.94
CA LEU A 63 -3.65 -7.07 -5.37
C LEU A 63 -5.17 -7.24 -5.58
N GLY A 64 -5.59 -7.15 -6.84
CA GLY A 64 -6.99 -7.28 -7.22
C GLY A 64 -7.70 -5.93 -7.29
N ASN A 65 -9.04 -5.96 -7.38
CA ASN A 65 -9.87 -4.75 -7.44
C ASN A 65 -9.69 -3.95 -6.15
N ILE A 66 -9.23 -2.71 -6.31
CA ILE A 66 -8.74 -1.86 -5.20
C ILE A 66 -9.82 -1.59 -4.15
N LYS A 67 -11.02 -1.19 -4.62
CA LYS A 67 -12.21 -0.94 -3.76
C LYS A 67 -12.66 -2.24 -3.03
N ASN A 68 -12.45 -3.39 -3.70
CA ASN A 68 -12.78 -4.74 -3.17
C ASN A 68 -11.82 -5.11 -2.02
N VAL A 69 -10.55 -4.69 -2.14
CA VAL A 69 -9.55 -4.81 -1.07
C VAL A 69 -9.86 -3.78 0.04
N ALA A 70 -10.35 -2.61 -0.37
CA ALA A 70 -10.60 -1.45 0.50
C ALA A 70 -11.82 -1.64 1.42
N LYS A 71 -12.60 -2.72 1.24
CA LYS A 71 -13.71 -3.05 2.15
C LYS A 71 -13.30 -4.10 3.20
N THR A 72 -12.30 -4.96 2.89
CA THR A 72 -12.00 -6.17 3.67
C THR A 72 -10.64 -6.10 4.41
N ALA A 73 -9.65 -5.47 3.76
CA ALA A 73 -8.31 -5.27 4.33
C ALA A 73 -8.31 -3.91 5.05
N ASN A 74 -8.40 -3.95 6.39
CA ASN A 74 -8.64 -2.75 7.23
C ASN A 74 -7.46 -1.76 7.18
N LYS A 75 -7.67 -0.55 7.70
CA LYS A 75 -6.69 0.55 7.62
C LYS A 75 -5.37 0.22 8.36
N ASP A 76 -5.48 -0.40 9.56
CA ASP A 76 -4.31 -0.81 10.38
C ASP A 76 -3.43 -1.82 9.61
N HIS A 77 -4.09 -2.71 8.85
CA HIS A 77 -3.47 -3.70 7.95
C HIS A 77 -2.68 -2.99 6.81
N LEU A 78 -3.26 -1.88 6.29
CA LEU A 78 -2.67 -1.10 5.17
C LEU A 78 -1.41 -0.34 5.60
N VAL A 79 -1.46 0.21 6.83
CA VAL A 79 -0.34 0.97 7.44
C VAL A 79 0.88 0.05 7.64
N THR A 80 0.64 -1.15 8.20
CA THR A 80 1.67 -2.17 8.43
C THR A 80 2.31 -2.63 7.09
N ALA A 81 1.46 -2.83 6.06
CA ALA A 81 1.89 -3.23 4.70
C ALA A 81 2.76 -2.13 4.07
N TYR A 82 2.32 -0.88 4.26
CA TYR A 82 3.01 0.33 3.77
C TYR A 82 4.48 0.35 4.24
N ASN A 83 4.68 0.30 5.56
CA ASN A 83 6.00 0.50 6.18
C ASN A 83 7.01 -0.61 5.79
N HIS A 84 6.55 -1.88 5.82
CA HIS A 84 7.37 -3.06 5.52
C HIS A 84 7.72 -3.15 4.01
N LEU A 85 6.89 -2.53 3.14
CA LEU A 85 7.15 -2.46 1.68
C LEU A 85 8.49 -1.77 1.40
N PHE A 86 8.61 -0.57 1.97
CA PHE A 86 9.80 0.29 1.82
C PHE A 86 10.98 -0.27 2.61
N GLU A 87 10.69 -0.85 3.79
CA GLU A 87 11.70 -1.28 4.76
C GLU A 87 12.66 -2.33 4.18
N THR A 88 12.12 -3.36 3.54
CA THR A 88 12.90 -4.45 2.95
C THR A 88 12.86 -4.41 1.40
N LYS A 89 12.44 -3.25 0.84
CA LYS A 89 12.51 -2.94 -0.62
C LYS A 89 11.76 -3.99 -1.46
N ARG A 90 10.61 -4.46 -0.94
CA ARG A 90 9.77 -5.52 -1.55
C ARG A 90 9.05 -5.05 -2.83
N PHE A 91 9.13 -3.73 -3.10
CA PHE A 91 8.61 -3.15 -4.34
C PHE A 91 9.54 -3.42 -5.53
N LYS A 92 8.98 -3.36 -6.73
CA LYS A 92 9.70 -3.60 -8.00
C LYS A 92 9.22 -2.52 -9.00
N MET A 20 14.03 2.41 -12.42
CA MET A 20 14.83 3.63 -12.62
C MET A 20 15.79 3.76 -11.42
N ALA A 21 17.12 3.65 -11.69
CA ALA A 21 18.16 3.59 -10.65
C ALA A 21 18.15 4.86 -9.76
N ALA A 22 17.99 4.63 -8.44
CA ALA A 22 17.86 5.66 -7.39
C ALA A 22 16.48 6.36 -7.44
N ALA A 23 16.17 6.98 -8.59
CA ALA A 23 14.95 7.77 -8.78
C ALA A 23 13.70 6.88 -8.94
N VAL A 24 13.19 6.41 -7.80
CA VAL A 24 11.90 5.71 -7.69
C VAL A 24 11.02 6.53 -6.72
N PRO A 25 9.64 6.46 -6.83
CA PRO A 25 8.75 7.03 -5.81
C PRO A 25 9.04 6.45 -4.41
N GLN A 26 9.20 7.33 -3.42
CA GLN A 26 9.24 6.95 -1.99
C GLN A 26 7.80 6.97 -1.45
N ARG A 27 7.64 7.08 -0.12
CA ARG A 27 6.32 7.25 0.51
C ARG A 27 5.60 8.51 0.01
N ALA A 28 4.26 8.49 0.05
CA ALA A 28 3.42 9.61 -0.40
C ALA A 28 2.76 10.30 0.81
N TRP A 29 2.32 9.49 1.80
CA TRP A 29 1.59 9.96 2.99
C TRP A 29 2.27 9.39 4.25
N THR A 30 2.29 10.17 5.33
CA THR A 30 2.93 9.76 6.60
C THR A 30 1.98 8.88 7.42
N VAL A 31 2.48 8.26 8.49
CA VAL A 31 1.71 7.27 9.29
C VAL A 31 0.40 7.89 9.85
N GLU A 32 0.46 9.20 10.19
CA GLU A 32 -0.69 9.97 10.67
C GLU A 32 -1.75 10.16 9.56
N GLN A 33 -1.29 10.44 8.32
CA GLN A 33 -2.17 10.62 7.14
C GLN A 33 -2.84 9.29 6.74
N LEU A 34 -2.10 8.19 6.90
CA LEU A 34 -2.59 6.85 6.55
C LEU A 34 -3.76 6.43 7.46
N ARG A 35 -3.57 6.68 8.78
CA ARG A 35 -4.59 6.36 9.79
C ARG A 35 -5.71 7.42 9.82
N SER A 36 -5.46 8.60 9.21
CA SER A 36 -6.44 9.71 9.17
C SER A 36 -7.70 9.32 8.38
N GLU A 37 -8.86 9.74 8.93
CA GLU A 37 -10.20 9.49 8.37
C GLU A 37 -10.38 10.21 7.00
N GLN A 38 -9.55 11.22 6.74
CA GLN A 38 -9.61 12.04 5.53
C GLN A 38 -9.10 11.26 4.30
N LEU A 39 -7.90 10.67 4.43
CA LEU A 39 -7.23 9.95 3.32
C LEU A 39 -7.97 8.64 3.00
N PRO A 40 -8.50 8.44 1.74
CA PRO A 40 -9.25 7.21 1.36
C PRO A 40 -8.36 5.95 1.43
N LYS A 41 -8.93 4.86 1.95
CA LYS A 41 -8.23 3.59 2.15
C LYS A 41 -7.92 2.92 0.80
N LYS A 42 -8.82 3.13 -0.19
CA LYS A 42 -8.63 2.63 -1.56
C LYS A 42 -7.51 3.41 -2.28
N ASP A 43 -7.30 4.69 -1.89
CA ASP A 43 -6.21 5.52 -2.43
C ASP A 43 -4.84 4.99 -1.95
N ILE A 44 -4.79 4.50 -0.69
CA ILE A 44 -3.58 3.90 -0.10
C ILE A 44 -3.24 2.58 -0.84
N ILE A 45 -4.24 1.68 -0.91
CA ILE A 45 -4.12 0.35 -1.57
C ILE A 45 -3.68 0.51 -3.04
N LYS A 46 -4.23 1.53 -3.72
CA LYS A 46 -3.91 1.85 -5.12
C LYS A 46 -2.40 2.12 -5.29
N PHE A 47 -1.83 2.90 -4.35
CA PHE A 47 -0.40 3.21 -4.33
C PHE A 47 0.42 1.93 -4.11
N LEU A 48 0.02 1.15 -3.09
CA LEU A 48 0.77 -0.03 -2.64
C LEU A 48 0.76 -1.18 -3.67
N GLN A 49 -0.33 -1.29 -4.46
CA GLN A 49 -0.45 -2.35 -5.50
C GLN A 49 0.22 -1.93 -6.82
N GLU A 50 0.12 -0.64 -7.16
CA GLU A 50 0.71 -0.06 -8.39
C GLU A 50 2.25 -0.06 -8.29
N HIS A 51 2.72 0.26 -7.08
CA HIS A 51 4.16 0.47 -6.81
C HIS A 51 4.80 -0.84 -6.31
N GLY A 52 4.17 -1.48 -5.31
CA GLY A 52 4.56 -2.81 -4.82
C GLY A 52 4.38 -3.90 -5.86
N SER A 53 5.30 -4.89 -5.84
CA SER A 53 5.30 -6.02 -6.79
C SER A 53 4.47 -7.20 -6.24
N ASP A 54 4.15 -8.18 -7.13
CA ASP A 54 3.17 -9.28 -6.85
C ASP A 54 3.53 -10.10 -5.61
N SER A 55 4.83 -10.32 -5.41
CA SER A 55 5.36 -11.13 -4.30
C SER A 55 5.05 -10.49 -2.92
N PHE A 56 4.98 -9.15 -2.90
CA PHE A 56 4.51 -8.37 -1.73
C PHE A 56 2.96 -8.44 -1.64
N LEU A 57 2.31 -8.24 -2.80
CA LEU A 57 0.85 -8.05 -2.88
C LEU A 57 0.06 -9.29 -2.46
N ALA A 58 0.60 -10.49 -2.73
CA ALA A 58 -0.05 -11.75 -2.34
C ALA A 58 -0.05 -11.92 -0.82
N GLU A 59 1.13 -11.70 -0.22
CA GLU A 59 1.32 -11.85 1.24
C GLU A 59 0.43 -10.85 2.02
N HIS A 60 0.22 -9.66 1.43
CA HIS A 60 -0.58 -8.58 2.06
C HIS A 60 -1.96 -8.41 1.40
N LYS A 61 -2.29 -9.31 0.44
CA LYS A 61 -3.63 -9.38 -0.22
C LYS A 61 -4.06 -8.04 -0.88
N LEU A 62 -3.06 -7.24 -1.31
CA LEU A 62 -3.29 -5.91 -1.93
C LEU A 62 -3.46 -6.00 -3.45
N LEU A 63 -3.22 -7.20 -4.02
CA LEU A 63 -3.40 -7.45 -5.47
C LEU A 63 -4.88 -7.38 -5.87
N GLY A 64 -5.12 -7.33 -7.18
CA GLY A 64 -6.47 -7.38 -7.73
C GLY A 64 -7.23 -6.07 -7.60
N ASN A 65 -8.57 -6.18 -7.58
CA ASN A 65 -9.48 -5.02 -7.53
C ASN A 65 -9.31 -4.27 -6.21
N ILE A 66 -9.04 -2.96 -6.33
CA ILE A 66 -8.83 -2.05 -5.19
C ILE A 66 -10.06 -2.04 -4.26
N LYS A 67 -11.26 -1.93 -4.88
CA LYS A 67 -12.58 -2.02 -4.19
C LYS A 67 -12.67 -3.28 -3.30
N ASN A 68 -12.25 -4.43 -3.87
CA ASN A 68 -12.30 -5.74 -3.20
C ASN A 68 -11.35 -5.75 -1.97
N VAL A 69 -10.15 -5.15 -2.12
CA VAL A 69 -9.19 -5.06 -1.01
C VAL A 69 -9.68 -4.05 0.06
N ALA A 70 -10.41 -3.01 -0.40
CA ALA A 70 -10.91 -1.92 0.47
C ALA A 70 -12.15 -2.35 1.30
N LYS A 71 -12.79 -3.46 0.91
CA LYS A 71 -13.97 -3.99 1.64
C LYS A 71 -13.55 -5.07 2.66
N THR A 72 -12.34 -5.64 2.52
CA THR A 72 -11.89 -6.79 3.32
C THR A 72 -10.72 -6.43 4.27
N ALA A 73 -9.84 -5.54 3.79
CA ALA A 73 -8.61 -5.12 4.49
C ALA A 73 -8.84 -3.78 5.20
N ASN A 74 -8.71 -3.77 6.52
CA ASN A 74 -8.96 -2.57 7.36
C ASN A 74 -7.81 -1.55 7.23
N LYS A 75 -8.04 -0.34 7.77
CA LYS A 75 -7.13 0.82 7.63
C LYS A 75 -5.73 0.49 8.23
N ASP A 76 -5.76 -0.22 9.35
CA ASP A 76 -4.54 -0.62 10.11
C ASP A 76 -3.67 -1.59 9.27
N HIS A 77 -4.32 -2.50 8.52
CA HIS A 77 -3.65 -3.45 7.61
C HIS A 77 -2.85 -2.69 6.53
N LEU A 78 -3.42 -1.57 6.07
CA LEU A 78 -2.85 -0.78 4.96
C LEU A 78 -1.60 -0.02 5.41
N VAL A 79 -1.61 0.44 6.68
CA VAL A 79 -0.45 1.09 7.30
C VAL A 79 0.68 0.06 7.54
N THR A 80 0.26 -1.15 7.97
CA THR A 80 1.17 -2.30 8.15
C THR A 80 1.88 -2.64 6.84
N ALA A 81 1.11 -2.66 5.74
CA ALA A 81 1.61 -2.98 4.41
C ALA A 81 2.58 -1.88 3.93
N TYR A 82 2.19 -0.62 4.16
CA TYR A 82 2.99 0.57 3.84
C TYR A 82 4.40 0.45 4.47
N ASN A 83 4.44 0.27 5.81
CA ASN A 83 5.71 0.22 6.59
C ASN A 83 6.67 -0.85 6.02
N HIS A 84 6.13 -2.05 5.88
CA HIS A 84 6.87 -3.25 5.45
C HIS A 84 7.29 -3.19 3.96
N LEU A 85 6.58 -2.38 3.15
CA LEU A 85 6.92 -2.21 1.71
C LEU A 85 8.32 -1.58 1.55
N PHE A 86 8.48 -0.41 2.19
CA PHE A 86 9.69 0.42 2.11
C PHE A 86 10.84 -0.17 2.95
N GLU A 87 10.48 -0.89 4.02
CA GLU A 87 11.47 -1.45 4.98
C GLU A 87 12.31 -2.59 4.35
N THR A 88 11.82 -3.16 3.24
CA THR A 88 12.49 -4.25 2.51
C THR A 88 12.63 -3.95 1.01
N LYS A 89 12.10 -2.79 0.57
CA LYS A 89 12.18 -2.29 -0.82
C LYS A 89 11.51 -3.27 -1.83
N ARG A 90 10.38 -3.87 -1.40
CA ARG A 90 9.62 -4.88 -2.20
C ARG A 90 8.86 -4.24 -3.38
N PHE A 91 8.79 -2.91 -3.39
CA PHE A 91 8.26 -2.14 -4.52
C PHE A 91 9.31 -1.96 -5.61
N LYS A 92 8.84 -1.72 -6.82
CA LYS A 92 9.66 -1.33 -7.97
C LYS A 92 9.38 0.17 -8.24
N MET A 20 15.24 9.55 -19.04
CA MET A 20 15.14 8.32 -18.23
C MET A 20 15.59 8.60 -16.78
N ALA A 21 14.66 9.12 -15.97
CA ALA A 21 14.89 9.42 -14.55
C ALA A 21 14.51 8.21 -13.69
N ALA A 22 15.27 7.97 -12.61
CA ALA A 22 14.98 6.91 -11.63
C ALA A 22 13.75 7.33 -10.83
N ALA A 23 12.58 6.81 -11.24
CA ALA A 23 11.26 7.20 -10.68
C ALA A 23 10.93 6.41 -9.40
N VAL A 24 11.90 6.38 -8.47
CA VAL A 24 11.82 5.64 -7.20
C VAL A 24 10.62 6.14 -6.33
N PRO A 25 9.67 5.22 -5.93
CA PRO A 25 8.45 5.63 -5.21
C PRO A 25 8.73 6.06 -3.75
N GLN A 26 8.64 7.36 -3.51
CA GLN A 26 8.61 7.92 -2.15
C GLN A 26 7.15 7.96 -1.69
N ARG A 27 6.94 7.84 -0.36
CA ARG A 27 5.58 7.87 0.21
C ARG A 27 4.91 9.22 -0.07
N ALA A 28 3.66 9.16 -0.54
CA ALA A 28 2.84 10.35 -0.80
C ALA A 28 2.26 10.86 0.53
N TRP A 29 2.01 9.91 1.44
CA TRP A 29 1.38 10.15 2.73
C TRP A 29 2.22 9.52 3.84
N THR A 30 2.31 10.20 4.99
CA THR A 30 2.98 9.66 6.18
C THR A 30 2.02 8.72 6.94
N VAL A 31 2.51 8.05 8.00
CA VAL A 31 1.72 7.05 8.77
C VAL A 31 0.43 7.70 9.35
N GLU A 32 0.55 8.95 9.83
CA GLU A 32 -0.59 9.73 10.39
C GLU A 32 -1.60 10.12 9.29
N GLN A 33 -1.09 10.50 8.10
CA GLN A 33 -1.94 10.86 6.94
C GLN A 33 -2.77 9.65 6.47
N LEU A 34 -2.18 8.44 6.53
CA LEU A 34 -2.88 7.19 6.18
C LEU A 34 -4.09 7.00 7.10
N ARG A 35 -3.80 7.09 8.42
CA ARG A 35 -4.78 6.85 9.50
C ARG A 35 -5.91 7.90 9.49
N SER A 36 -5.68 9.05 8.82
CA SER A 36 -6.71 10.07 8.62
C SER A 36 -7.93 9.43 7.90
N GLU A 37 -9.10 9.57 8.53
CA GLU A 37 -10.37 9.00 8.04
C GLU A 37 -10.72 9.51 6.64
N GLN A 38 -10.40 10.81 6.39
CA GLN A 38 -10.68 11.49 5.12
C GLN A 38 -9.90 10.86 3.95
N LEU A 39 -8.70 10.31 4.25
CA LEU A 39 -7.92 9.54 3.27
C LEU A 39 -8.51 8.11 3.23
N PRO A 40 -9.13 7.68 2.08
CA PRO A 40 -9.73 6.34 1.95
C PRO A 40 -8.68 5.22 1.88
N LYS A 41 -9.07 4.05 2.43
CA LYS A 41 -8.25 2.81 2.42
C LYS A 41 -7.87 2.38 1.00
N LYS A 42 -8.73 2.72 0.02
CA LYS A 42 -8.51 2.37 -1.40
C LYS A 42 -7.30 3.10 -1.99
N ASP A 43 -7.09 4.36 -1.57
CA ASP A 43 -5.93 5.17 -2.03
C ASP A 43 -4.61 4.60 -1.52
N ILE A 44 -4.63 4.05 -0.29
CA ILE A 44 -3.46 3.42 0.32
C ILE A 44 -3.07 2.15 -0.48
N ILE A 45 -4.05 1.24 -0.66
CA ILE A 45 -3.87 -0.01 -1.44
C ILE A 45 -3.43 0.30 -2.89
N LYS A 46 -4.02 1.35 -3.47
CA LYS A 46 -3.73 1.82 -4.84
C LYS A 46 -2.23 2.19 -4.99
N PHE A 47 -1.73 2.90 -3.96
CA PHE A 47 -0.32 3.31 -3.87
C PHE A 47 0.61 2.07 -3.75
N LEU A 48 0.23 1.15 -2.86
CA LEU A 48 1.01 -0.03 -2.51
C LEU A 48 1.04 -1.06 -3.65
N GLN A 49 -0.04 -1.11 -4.45
CA GLN A 49 -0.13 -2.03 -5.63
C GLN A 49 0.54 -1.40 -6.85
N GLU A 50 0.55 -0.05 -6.89
CA GLU A 50 1.14 0.74 -7.99
C GLU A 50 2.63 0.39 -8.19
N HIS A 51 3.36 0.14 -7.09
CA HIS A 51 4.80 -0.15 -7.18
C HIS A 51 5.20 -1.42 -6.42
N GLY A 52 4.40 -1.86 -5.45
CA GLY A 52 4.68 -3.12 -4.73
C GLY A 52 4.71 -4.34 -5.65
N SER A 53 5.71 -5.22 -5.44
CA SER A 53 5.87 -6.47 -6.23
C SER A 53 4.69 -7.43 -6.00
N ASP A 54 4.49 -8.35 -6.96
CA ASP A 54 3.30 -9.23 -6.99
C ASP A 54 3.27 -10.20 -5.81
N SER A 55 4.48 -10.56 -5.31
CA SER A 55 4.66 -11.40 -4.11
C SER A 55 4.29 -10.60 -2.84
N PHE A 56 4.65 -9.31 -2.81
CA PHE A 56 4.28 -8.38 -1.72
C PHE A 56 2.74 -8.24 -1.68
N LEU A 57 2.16 -8.07 -2.87
CA LEU A 57 0.72 -7.88 -3.05
C LEU A 57 -0.06 -9.16 -2.69
N ALA A 58 0.56 -10.33 -2.93
CA ALA A 58 -0.04 -11.63 -2.58
C ALA A 58 -0.06 -11.85 -1.06
N GLU A 59 1.08 -11.64 -0.41
CA GLU A 59 1.22 -11.88 1.04
C GLU A 59 0.51 -10.79 1.89
N HIS A 60 0.18 -9.64 1.27
CA HIS A 60 -0.56 -8.54 1.94
C HIS A 60 -1.97 -8.33 1.31
N LYS A 61 -2.30 -9.17 0.31
CA LYS A 61 -3.64 -9.21 -0.35
C LYS A 61 -4.06 -7.85 -0.97
N LEU A 62 -3.06 -7.07 -1.42
CA LEU A 62 -3.27 -5.71 -1.97
C LEU A 62 -3.49 -5.73 -3.50
N LEU A 63 -3.33 -6.91 -4.12
CA LEU A 63 -3.57 -7.11 -5.56
C LEU A 63 -5.07 -7.13 -5.89
N GLY A 64 -5.37 -7.17 -7.20
CA GLY A 64 -6.74 -7.24 -7.70
C GLY A 64 -7.40 -5.89 -7.76
N ASN A 65 -8.74 -5.90 -7.92
CA ASN A 65 -9.55 -4.69 -7.94
C ASN A 65 -9.55 -4.06 -6.53
N ILE A 66 -9.17 -2.78 -6.47
CA ILE A 66 -8.89 -2.08 -5.20
C ILE A 66 -10.12 -2.07 -4.27
N LYS A 67 -11.27 -1.61 -4.80
CA LYS A 67 -12.51 -1.38 -4.00
C LYS A 67 -13.03 -2.65 -3.29
N ASN A 68 -12.85 -3.80 -3.97
CA ASN A 68 -13.25 -5.12 -3.45
C ASN A 68 -12.41 -5.47 -2.21
N VAL A 69 -11.11 -5.24 -2.32
CA VAL A 69 -10.15 -5.48 -1.23
C VAL A 69 -10.34 -4.44 -0.11
N ALA A 70 -10.51 -3.17 -0.50
CA ALA A 70 -10.43 -1.99 0.40
C ALA A 70 -11.45 -2.05 1.53
N LYS A 71 -12.71 -2.29 1.18
CA LYS A 71 -13.81 -2.38 2.14
C LYS A 71 -13.54 -3.42 3.26
N THR A 72 -13.06 -4.62 2.87
CA THR A 72 -12.86 -5.76 3.78
C THR A 72 -11.43 -5.80 4.36
N ALA A 73 -10.53 -4.96 3.82
CA ALA A 73 -9.17 -4.77 4.36
C ALA A 73 -9.19 -3.60 5.34
N ASN A 74 -8.87 -3.86 6.62
CA ASN A 74 -8.79 -2.79 7.61
C ASN A 74 -7.51 -1.98 7.40
N LYS A 75 -7.59 -0.68 7.73
CA LYS A 75 -6.52 0.29 7.48
C LYS A 75 -5.25 -0.06 8.28
N ASP A 76 -5.44 -0.76 9.41
CA ASP A 76 -4.37 -1.24 10.29
C ASP A 76 -3.42 -2.19 9.53
N HIS A 77 -4.00 -3.07 8.70
CA HIS A 77 -3.26 -4.00 7.82
C HIS A 77 -2.49 -3.20 6.75
N LEU A 78 -3.13 -2.15 6.23
CA LEU A 78 -2.59 -1.34 5.11
C LEU A 78 -1.38 -0.51 5.53
N VAL A 79 -1.41 -0.01 6.78
CA VAL A 79 -0.31 0.76 7.38
C VAL A 79 0.90 -0.16 7.61
N THR A 80 0.64 -1.39 8.10
CA THR A 80 1.68 -2.42 8.28
C THR A 80 2.32 -2.79 6.91
N ALA A 81 1.48 -2.88 5.86
CA ALA A 81 1.93 -3.17 4.49
C ALA A 81 2.79 -2.02 3.94
N TYR A 82 2.34 -0.79 4.25
CA TYR A 82 3.00 0.46 3.86
C TYR A 82 4.45 0.51 4.40
N ASN A 83 4.62 0.35 5.72
CA ASN A 83 5.94 0.51 6.37
C ASN A 83 6.93 -0.57 5.89
N HIS A 84 6.46 -1.83 5.81
CA HIS A 84 7.26 -2.98 5.35
C HIS A 84 7.69 -2.83 3.87
N LEU A 85 6.91 -2.09 3.07
CA LEU A 85 7.22 -1.81 1.65
C LEU A 85 8.59 -1.12 1.51
N PHE A 86 8.74 -0.02 2.25
CA PHE A 86 9.96 0.81 2.25
C PHE A 86 11.09 0.15 3.03
N GLU A 87 10.72 -0.55 4.12
CA GLU A 87 11.66 -1.13 5.10
C GLU A 87 12.59 -2.14 4.46
N THR A 88 12.01 -3.04 3.66
CA THR A 88 12.73 -4.10 2.95
C THR A 88 12.60 -3.94 1.42
N LYS A 89 12.10 -2.76 1.00
CA LYS A 89 12.11 -2.27 -0.41
C LYS A 89 11.45 -3.26 -1.38
N ARG A 90 10.18 -3.60 -1.08
CA ARG A 90 9.39 -4.60 -1.84
C ARG A 90 8.94 -4.04 -3.21
N PHE A 91 9.01 -2.72 -3.37
CA PHE A 91 8.62 -2.03 -4.59
C PHE A 91 9.60 -2.32 -5.76
N LYS A 92 9.01 -2.42 -6.95
CA LYS A 92 9.71 -2.50 -8.22
C LYS A 92 10.30 -1.11 -8.55
N MET A 20 2.02 -2.57 -10.46
CA MET A 20 3.05 -3.64 -10.40
C MET A 20 4.41 -3.03 -10.05
N ALA A 21 5.38 -3.90 -9.71
CA ALA A 21 6.76 -3.50 -9.47
C ALA A 21 7.45 -3.07 -10.79
N ALA A 22 7.32 -1.76 -11.08
CA ALA A 22 7.83 -1.14 -12.31
C ALA A 22 7.94 0.39 -12.14
N ALA A 23 7.87 0.83 -10.87
CA ALA A 23 7.82 2.25 -10.51
C ALA A 23 8.33 2.42 -9.07
N VAL A 24 9.32 3.30 -8.88
CA VAL A 24 9.89 3.60 -7.57
C VAL A 24 8.92 4.52 -6.78
N PRO A 25 8.47 4.10 -5.56
CA PRO A 25 7.61 4.94 -4.71
C PRO A 25 8.41 5.96 -3.87
N GLN A 26 7.96 7.21 -3.92
CA GLN A 26 8.16 8.19 -2.86
C GLN A 26 6.87 8.18 -2.02
N ARG A 27 6.98 8.44 -0.71
CA ARG A 27 5.80 8.41 0.18
C ARG A 27 4.71 9.39 -0.33
N ALA A 28 3.49 8.87 -0.46
CA ALA A 28 2.34 9.66 -0.93
C ALA A 28 1.70 10.37 0.27
N TRP A 29 1.66 9.66 1.41
CA TRP A 29 1.11 10.14 2.69
C TRP A 29 2.06 9.70 3.82
N THR A 30 2.05 10.44 4.94
CA THR A 30 2.80 10.08 6.15
C THR A 30 1.96 9.13 7.02
N VAL A 31 2.56 8.58 8.10
CA VAL A 31 1.91 7.61 9.00
C VAL A 31 0.60 8.17 9.61
N GLU A 32 0.63 9.47 9.98
CA GLU A 32 -0.54 10.18 10.56
C GLU A 32 -1.63 10.43 9.50
N GLN A 33 -1.20 10.76 8.27
CA GLN A 33 -2.12 10.95 7.12
C GLN A 33 -2.82 9.63 6.75
N LEU A 34 -2.10 8.51 6.86
CA LEU A 34 -2.62 7.17 6.52
C LEU A 34 -3.76 6.78 7.49
N ARG A 35 -3.49 6.92 8.80
CA ARG A 35 -4.45 6.56 9.86
C ARG A 35 -5.61 7.58 9.96
N SER A 36 -5.43 8.77 9.33
CA SER A 36 -6.44 9.85 9.32
C SER A 36 -7.78 9.33 8.75
N GLU A 37 -8.87 9.59 9.50
CA GLU A 37 -10.24 9.14 9.16
C GLU A 37 -10.78 9.86 7.90
N GLN A 38 -10.16 10.99 7.54
CA GLN A 38 -10.47 11.75 6.33
C GLN A 38 -10.00 11.00 5.06
N LEU A 39 -8.95 10.19 5.23
CA LEU A 39 -8.36 9.36 4.16
C LEU A 39 -9.05 7.96 4.20
N PRO A 40 -9.62 7.45 3.05
CA PRO A 40 -10.13 6.05 2.94
C PRO A 40 -9.00 4.96 2.97
N LYS A 41 -9.23 3.83 2.26
CA LYS A 41 -8.23 2.73 2.15
C LYS A 41 -7.90 2.45 0.68
N LYS A 42 -8.88 2.66 -0.21
CA LYS A 42 -8.79 2.27 -1.64
C LYS A 42 -7.63 2.96 -2.39
N ASP A 43 -7.41 4.23 -2.08
CA ASP A 43 -6.30 5.01 -2.65
C ASP A 43 -4.94 4.52 -2.10
N ILE A 44 -4.91 4.05 -0.85
CA ILE A 44 -3.68 3.47 -0.24
C ILE A 44 -3.30 2.15 -0.94
N ILE A 45 -4.31 1.31 -1.18
CA ILE A 45 -4.16 0.04 -1.92
C ILE A 45 -3.55 0.31 -3.30
N LYS A 46 -4.07 1.37 -3.96
CA LYS A 46 -3.59 1.81 -5.28
C LYS A 46 -2.09 2.15 -5.23
N PHE A 47 -1.69 2.88 -4.18
CA PHE A 47 -0.27 3.26 -3.93
C PHE A 47 0.61 2.01 -3.79
N LEU A 48 0.18 1.07 -2.93
CA LEU A 48 0.94 -0.12 -2.58
C LEU A 48 1.04 -1.13 -3.75
N GLN A 49 0.02 -1.18 -4.62
CA GLN A 49 0.02 -2.09 -5.80
C GLN A 49 0.77 -1.46 -6.99
N GLU A 50 0.70 -0.12 -7.09
CA GLU A 50 1.27 0.66 -8.22
C GLU A 50 2.80 0.52 -8.30
N HIS A 51 3.39 0.26 -7.13
CA HIS A 51 4.86 0.23 -6.95
C HIS A 51 5.33 -1.14 -6.45
N GLY A 52 4.48 -1.79 -5.61
CA GLY A 52 4.85 -3.05 -4.96
C GLY A 52 4.80 -4.27 -5.88
N SER A 53 5.56 -5.31 -5.52
CA SER A 53 5.61 -6.58 -6.26
C SER A 53 4.51 -7.55 -5.78
N ASP A 54 4.36 -8.67 -6.51
CA ASP A 54 3.26 -9.65 -6.34
C ASP A 54 3.22 -10.25 -4.94
N SER A 55 4.39 -10.62 -4.40
CA SER A 55 4.51 -11.29 -3.09
C SER A 55 4.16 -10.33 -1.92
N PHE A 56 4.37 -9.01 -2.14
CA PHE A 56 3.96 -7.97 -1.16
C PHE A 56 2.43 -7.89 -1.09
N LEU A 57 1.82 -7.87 -2.27
CA LEU A 57 0.36 -7.71 -2.42
C LEU A 57 -0.37 -8.96 -1.91
N ALA A 58 0.14 -10.13 -2.32
CA ALA A 58 -0.42 -11.46 -2.02
C ALA A 58 -0.64 -11.72 -0.51
N GLU A 59 0.12 -11.01 0.35
CA GLU A 59 0.04 -11.15 1.83
C GLU A 59 -1.40 -10.96 2.33
N HIS A 60 -2.04 -9.84 1.92
CA HIS A 60 -3.46 -9.55 2.24
C HIS A 60 -4.32 -9.43 0.97
N LYS A 61 -3.75 -9.87 -0.17
CA LYS A 61 -4.39 -9.77 -1.51
C LYS A 61 -4.73 -8.31 -1.85
N LEU A 62 -3.69 -7.48 -1.99
CA LEU A 62 -3.81 -6.05 -2.38
C LEU A 62 -3.83 -5.93 -3.92
N LEU A 63 -3.54 -7.07 -4.60
CA LEU A 63 -3.57 -7.19 -6.07
C LEU A 63 -5.02 -7.38 -6.57
N GLY A 64 -5.24 -7.01 -7.84
CA GLY A 64 -6.55 -7.16 -8.49
C GLY A 64 -7.43 -5.94 -8.32
N ASN A 65 -8.76 -6.16 -8.29
CA ASN A 65 -9.78 -5.10 -8.20
C ASN A 65 -9.68 -4.38 -6.85
N ILE A 66 -9.29 -3.10 -6.89
CA ILE A 66 -9.06 -2.26 -5.69
C ILE A 66 -10.34 -2.15 -4.85
N LYS A 67 -11.47 -1.97 -5.54
CA LYS A 67 -12.81 -1.90 -4.91
C LYS A 67 -13.11 -3.16 -4.08
N ASN A 68 -12.84 -4.34 -4.67
CA ASN A 68 -12.97 -5.65 -4.00
C ASN A 68 -12.02 -5.76 -2.79
N VAL A 69 -10.79 -5.29 -2.96
CA VAL A 69 -9.76 -5.34 -1.92
C VAL A 69 -10.11 -4.37 -0.77
N ALA A 70 -10.80 -3.25 -1.07
CA ALA A 70 -11.10 -2.16 -0.11
C ALA A 70 -12.04 -2.57 1.06
N LYS A 71 -12.62 -3.78 1.00
CA LYS A 71 -13.51 -4.31 2.07
C LYS A 71 -12.72 -5.11 3.12
N THR A 72 -11.55 -5.65 2.71
CA THR A 72 -10.71 -6.51 3.57
C THR A 72 -9.39 -5.81 3.93
N ALA A 73 -8.94 -4.90 3.04
CA ALA A 73 -7.71 -4.12 3.25
C ALA A 73 -7.99 -3.06 4.30
N ASN A 74 -7.82 -3.50 5.54
CA ASN A 74 -8.00 -2.66 6.71
C ASN A 74 -6.83 -1.70 6.83
N LYS A 75 -7.13 -0.49 7.27
CA LYS A 75 -6.18 0.62 7.35
C LYS A 75 -5.01 0.30 8.28
N ASP A 76 -5.29 -0.47 9.35
CA ASP A 76 -4.29 -0.93 10.32
C ASP A 76 -3.17 -1.73 9.63
N HIS A 77 -3.57 -2.56 8.66
CA HIS A 77 -2.64 -3.35 7.84
C HIS A 77 -1.89 -2.44 6.86
N LEU A 78 -2.61 -1.49 6.26
CA LEU A 78 -2.09 -0.66 5.14
C LEU A 78 -0.96 0.30 5.59
N VAL A 79 -1.02 0.76 6.85
CA VAL A 79 0.02 1.58 7.47
C VAL A 79 1.27 0.72 7.74
N THR A 80 1.04 -0.47 8.33
CA THR A 80 2.09 -1.47 8.60
C THR A 80 2.72 -1.98 7.28
N ALA A 81 1.90 -2.05 6.21
CA ALA A 81 2.33 -2.50 4.87
C ALA A 81 3.17 -1.42 4.18
N TYR A 82 2.76 -0.16 4.41
CA TYR A 82 3.49 1.04 3.97
C TYR A 82 4.93 1.00 4.49
N ASN A 83 5.08 0.86 5.82
CA ASN A 83 6.41 0.85 6.47
C ASN A 83 7.23 -0.38 6.02
N HIS A 84 6.55 -1.54 5.93
CA HIS A 84 7.16 -2.83 5.55
C HIS A 84 7.61 -2.81 4.07
N LEU A 85 6.92 -1.99 3.25
CA LEU A 85 7.20 -1.83 1.81
C LEU A 85 8.66 -1.36 1.60
N PHE A 86 8.97 -0.26 2.29
CA PHE A 86 10.30 0.38 2.24
C PHE A 86 11.35 -0.44 3.04
N GLU A 87 10.87 -1.17 4.06
CA GLU A 87 11.72 -1.93 5.01
C GLU A 87 12.32 -3.18 4.35
N THR A 88 11.63 -3.73 3.33
CA THR A 88 12.10 -4.91 2.58
C THR A 88 12.37 -4.57 1.10
N LYS A 89 11.99 -3.33 0.69
CA LYS A 89 12.24 -2.78 -0.66
C LYS A 89 11.59 -3.63 -1.77
N ARG A 90 10.40 -4.20 -1.47
CA ARG A 90 9.69 -5.16 -2.34
C ARG A 90 9.26 -4.58 -3.70
N PHE A 91 9.29 -3.26 -3.79
CA PHE A 91 9.09 -2.53 -5.05
C PHE A 91 10.28 -2.69 -6.01
N LYS A 92 10.02 -2.38 -7.28
CA LYS A 92 11.06 -2.20 -8.29
C LYS A 92 10.96 -0.72 -8.74
N MET A 20 18.54 0.69 -16.67
CA MET A 20 17.27 0.04 -16.25
C MET A 20 16.22 1.11 -15.90
N ALA A 21 15.14 1.18 -16.71
CA ALA A 21 13.98 2.04 -16.43
C ALA A 21 13.15 1.46 -15.29
N ALA A 22 13.48 1.87 -14.06
CA ALA A 22 12.83 1.37 -12.83
C ALA A 22 12.72 2.51 -11.81
N ALA A 23 11.61 3.27 -11.88
CA ALA A 23 11.34 4.39 -10.97
C ALA A 23 10.85 3.84 -9.62
N VAL A 24 11.75 3.74 -8.63
CA VAL A 24 11.39 3.29 -7.27
C VAL A 24 10.42 4.32 -6.62
N PRO A 25 9.29 3.86 -6.00
CA PRO A 25 8.24 4.76 -5.47
C PRO A 25 8.69 5.57 -4.24
N GLN A 26 7.87 6.54 -3.87
CA GLN A 26 8.12 7.45 -2.76
C GLN A 26 7.00 7.28 -1.72
N ARG A 27 7.34 7.47 -0.44
CA ARG A 27 6.34 7.56 0.63
C ARG A 27 5.62 8.90 0.51
N ALA A 28 4.36 8.82 0.07
CA ALA A 28 3.52 9.97 -0.28
C ALA A 28 2.73 10.48 0.94
N TRP A 29 2.61 9.63 1.97
CA TRP A 29 1.79 9.89 3.17
C TRP A 29 2.60 9.64 4.43
N THR A 30 2.44 10.52 5.40
CA THR A 30 2.99 10.34 6.74
C THR A 30 2.08 9.39 7.52
N VAL A 31 2.55 8.89 8.68
CA VAL A 31 1.80 7.88 9.46
C VAL A 31 0.44 8.43 9.94
N GLU A 32 0.38 9.76 10.18
CA GLU A 32 -0.86 10.47 10.54
C GLU A 32 -1.85 10.48 9.35
N GLN A 33 -1.33 10.72 8.12
CA GLN A 33 -2.15 10.72 6.89
C GLN A 33 -2.74 9.34 6.63
N LEU A 34 -1.92 8.30 6.84
CA LEU A 34 -2.30 6.89 6.62
C LEU A 34 -3.49 6.50 7.50
N ARG A 35 -3.35 6.75 8.82
CA ARG A 35 -4.34 6.36 9.83
C ARG A 35 -5.60 7.26 9.75
N SER A 36 -5.43 8.47 9.17
CA SER A 36 -6.51 9.45 9.06
C SER A 36 -7.63 8.90 8.17
N GLU A 37 -8.86 8.86 8.73
CA GLU A 37 -10.04 8.31 8.05
C GLU A 37 -10.46 9.14 6.82
N GLN A 38 -10.01 10.41 6.78
CA GLN A 38 -10.24 11.33 5.66
C GLN A 38 -9.47 10.89 4.40
N LEU A 39 -8.34 10.17 4.59
CA LEU A 39 -7.63 9.49 3.49
C LEU A 39 -8.32 8.13 3.24
N PRO A 40 -8.91 7.89 2.01
CA PRO A 40 -9.51 6.58 1.68
C PRO A 40 -8.46 5.43 1.64
N LYS A 41 -8.89 4.26 2.14
CA LYS A 41 -8.06 3.04 2.19
C LYS A 41 -7.66 2.59 0.78
N LYS A 42 -8.55 2.85 -0.20
CA LYS A 42 -8.36 2.49 -1.61
C LYS A 42 -7.21 3.29 -2.22
N ASP A 43 -6.99 4.53 -1.75
CA ASP A 43 -5.93 5.42 -2.28
C ASP A 43 -4.55 4.83 -1.93
N ILE A 44 -4.46 4.25 -0.72
CA ILE A 44 -3.25 3.58 -0.21
C ILE A 44 -2.99 2.30 -1.04
N ILE A 45 -4.00 1.42 -1.13
CA ILE A 45 -3.91 0.12 -1.84
C ILE A 45 -3.59 0.31 -3.35
N LYS A 46 -4.14 1.38 -3.93
CA LYS A 46 -3.88 1.83 -5.31
C LYS A 46 -2.36 2.00 -5.54
N PHE A 47 -1.73 2.65 -4.55
CA PHE A 47 -0.27 2.88 -4.53
C PHE A 47 0.50 1.56 -4.35
N LEU A 48 0.05 0.73 -3.41
CA LEU A 48 0.74 -0.50 -2.98
C LEU A 48 0.78 -1.55 -4.12
N GLN A 49 -0.27 -1.59 -4.95
CA GLN A 49 -0.33 -2.47 -6.13
C GLN A 49 0.38 -1.81 -7.34
N GLU A 50 0.39 -0.47 -7.36
CA GLU A 50 1.04 0.34 -8.43
C GLU A 50 2.55 0.06 -8.47
N HIS A 51 3.21 0.11 -7.29
CA HIS A 51 4.69 0.05 -7.25
C HIS A 51 5.22 -0.79 -6.08
N GLY A 52 4.38 -1.70 -5.57
CA GLY A 52 4.85 -2.88 -4.83
C GLY A 52 5.23 -3.99 -5.82
N SER A 53 4.97 -5.25 -5.45
CA SER A 53 5.18 -6.40 -6.35
C SER A 53 4.18 -7.51 -6.01
N ASP A 54 4.01 -8.45 -6.96
CA ASP A 54 3.00 -9.55 -6.90
C ASP A 54 3.07 -10.35 -5.58
N SER A 55 4.30 -10.55 -5.08
CA SER A 55 4.58 -11.29 -3.84
C SER A 55 4.10 -10.48 -2.60
N PHE A 56 4.38 -9.16 -2.60
CA PHE A 56 3.91 -8.20 -1.58
C PHE A 56 2.36 -8.16 -1.55
N LEU A 57 1.78 -8.23 -2.76
CA LEU A 57 0.33 -8.18 -2.95
C LEU A 57 -0.31 -9.52 -2.53
N ALA A 58 0.41 -10.64 -2.70
CA ALA A 58 -0.08 -11.98 -2.32
C ALA A 58 -0.15 -12.14 -0.78
N GLU A 59 0.94 -11.73 -0.10
CA GLU A 59 1.05 -11.79 1.39
C GLU A 59 -0.13 -11.05 2.05
N HIS A 60 -0.40 -9.83 1.56
CA HIS A 60 -1.34 -8.90 2.20
C HIS A 60 -2.65 -8.78 1.40
N LYS A 61 -2.80 -9.58 0.33
CA LYS A 61 -4.05 -9.62 -0.51
C LYS A 61 -4.42 -8.23 -1.05
N LEU A 62 -3.39 -7.46 -1.46
CA LEU A 62 -3.55 -6.09 -2.00
C LEU A 62 -3.75 -6.12 -3.53
N LEU A 63 -3.63 -7.33 -4.12
CA LEU A 63 -3.91 -7.59 -5.54
C LEU A 63 -5.42 -7.58 -5.83
N GLY A 64 -5.76 -7.39 -7.11
CA GLY A 64 -7.14 -7.35 -7.56
C GLY A 64 -7.72 -5.94 -7.58
N ASN A 65 -9.05 -5.84 -7.75
CA ASN A 65 -9.77 -4.56 -7.81
C ASN A 65 -9.62 -3.81 -6.47
N ILE A 66 -9.16 -2.55 -6.55
CA ILE A 66 -8.71 -1.76 -5.39
C ILE A 66 -9.81 -1.62 -4.31
N LYS A 67 -11.02 -1.25 -4.76
CA LYS A 67 -12.19 -1.04 -3.87
C LYS A 67 -12.63 -2.34 -3.17
N ASN A 68 -12.45 -3.48 -3.86
CA ASN A 68 -12.74 -4.83 -3.33
C ASN A 68 -11.77 -5.15 -2.16
N VAL A 69 -10.49 -4.78 -2.37
CA VAL A 69 -9.45 -4.92 -1.34
C VAL A 69 -9.71 -3.91 -0.20
N ALA A 70 -10.24 -2.72 -0.55
CA ALA A 70 -10.57 -1.65 0.41
C ALA A 70 -11.85 -1.98 1.21
N LYS A 71 -12.47 -3.11 0.88
CA LYS A 71 -13.59 -3.67 1.64
C LYS A 71 -13.10 -4.71 2.67
N THR A 72 -12.26 -5.66 2.20
CA THR A 72 -11.82 -6.81 3.02
C THR A 72 -10.62 -6.46 3.94
N ALA A 73 -9.76 -5.55 3.44
CA ALA A 73 -8.56 -5.09 4.16
C ALA A 73 -8.89 -3.83 4.97
N ASN A 74 -8.74 -3.92 6.29
CA ASN A 74 -8.88 -2.76 7.21
C ASN A 74 -7.61 -1.89 7.14
N LYS A 75 -7.69 -0.70 7.72
CA LYS A 75 -6.59 0.29 7.65
C LYS A 75 -5.39 -0.13 8.52
N ASP A 76 -5.67 -0.82 9.63
CA ASP A 76 -4.62 -1.34 10.55
C ASP A 76 -3.68 -2.35 9.82
N HIS A 77 -4.25 -3.02 8.82
CA HIS A 77 -3.54 -3.88 7.89
C HIS A 77 -2.65 -3.04 6.94
N LEU A 78 -3.26 -1.99 6.34
CA LEU A 78 -2.65 -1.20 5.23
C LEU A 78 -1.41 -0.40 5.66
N VAL A 79 -1.52 0.29 6.82
CA VAL A 79 -0.44 1.16 7.35
C VAL A 79 0.85 0.33 7.59
N THR A 80 0.65 -0.88 8.14
CA THR A 80 1.73 -1.85 8.41
C THR A 80 2.42 -2.30 7.12
N ALA A 81 1.62 -2.60 6.07
CA ALA A 81 2.13 -3.06 4.75
C ALA A 81 2.91 -1.92 4.06
N TYR A 82 2.39 -0.70 4.20
CA TYR A 82 2.93 0.51 3.57
C TYR A 82 4.35 0.82 4.09
N ASN A 83 4.49 0.91 5.43
CA ASN A 83 5.77 1.26 6.08
C ASN A 83 6.80 0.12 5.92
N HIS A 84 6.30 -1.14 5.96
CA HIS A 84 7.11 -2.37 5.70
C HIS A 84 7.63 -2.37 4.24
N LEU A 85 6.85 -1.76 3.32
CA LEU A 85 7.17 -1.73 1.88
C LEU A 85 8.53 -1.04 1.66
N PHE A 86 8.66 0.15 2.23
CA PHE A 86 9.88 0.98 2.12
C PHE A 86 11.02 0.39 2.99
N GLU A 87 10.63 -0.24 4.11
CA GLU A 87 11.56 -0.82 5.11
C GLU A 87 12.46 -1.91 4.49
N THR A 88 11.85 -2.76 3.65
CA THR A 88 12.51 -3.93 3.03
C THR A 88 12.49 -3.85 1.50
N LYS A 89 11.98 -2.73 0.95
CA LYS A 89 11.89 -2.44 -0.50
C LYS A 89 11.19 -3.58 -1.26
N ARG A 90 9.86 -3.69 -1.05
CA ARG A 90 8.99 -4.73 -1.69
C ARG A 90 8.59 -4.36 -3.13
N PHE A 91 9.29 -3.37 -3.71
CA PHE A 91 9.01 -2.85 -5.06
C PHE A 91 9.28 -3.92 -6.13
N LYS A 92 8.75 -3.69 -7.32
CA LYS A 92 8.99 -4.54 -8.50
C LYS A 92 10.19 -4.00 -9.30
N MET A 20 18.62 6.16 -16.72
CA MET A 20 19.38 7.23 -16.02
C MET A 20 18.93 7.35 -14.54
N ALA A 21 17.82 6.67 -14.19
CA ALA A 21 17.24 6.69 -12.83
C ALA A 21 16.35 5.45 -12.62
N ALA A 22 16.23 5.00 -11.36
CA ALA A 22 15.33 3.90 -10.99
C ALA A 22 14.05 4.47 -10.38
N ALA A 23 12.90 3.89 -10.75
CA ALA A 23 11.58 4.32 -10.26
C ALA A 23 11.40 3.89 -8.79
N VAL A 24 11.84 4.77 -7.87
CA VAL A 24 11.78 4.51 -6.41
C VAL A 24 10.87 5.57 -5.73
N PRO A 25 9.52 5.36 -5.75
CA PRO A 25 8.58 6.30 -5.13
C PRO A 25 8.64 6.21 -3.61
N GLN A 26 8.80 7.37 -2.97
CA GLN A 26 8.62 7.51 -1.52
C GLN A 26 7.12 7.48 -1.20
N ARG A 27 6.79 7.57 0.09
CA ARG A 27 5.40 7.65 0.55
C ARG A 27 4.69 8.87 -0.06
N ALA A 28 3.46 8.65 -0.53
CA ALA A 28 2.58 9.71 -1.02
C ALA A 28 1.96 10.42 0.19
N TRP A 29 1.68 9.63 1.25
CA TRP A 29 1.11 10.09 2.52
C TRP A 29 1.92 9.46 3.67
N THR A 30 2.01 10.16 4.81
CA THR A 30 2.78 9.68 5.98
C THR A 30 1.88 8.86 6.94
N VAL A 31 2.47 8.33 8.04
CA VAL A 31 1.81 7.35 8.94
C VAL A 31 0.43 7.84 9.49
N GLU A 32 0.39 9.11 9.95
CA GLU A 32 -0.84 9.73 10.49
C GLU A 32 -1.85 10.02 9.37
N GLN A 33 -1.35 10.32 8.16
CA GLN A 33 -2.20 10.53 6.96
C GLN A 33 -2.81 9.20 6.49
N LEU A 34 -2.05 8.11 6.67
CA LEU A 34 -2.44 6.76 6.21
C LEU A 34 -3.42 6.08 7.18
N ARG A 35 -3.36 6.45 8.47
CA ARG A 35 -4.39 6.03 9.45
C ARG A 35 -5.62 6.96 9.37
N SER A 36 -5.41 8.22 8.91
CA SER A 36 -6.44 9.30 8.90
C SER A 36 -7.68 8.91 8.08
N GLU A 37 -8.86 8.99 8.73
CA GLU A 37 -10.18 8.69 8.12
C GLU A 37 -10.53 9.71 7.00
N GLN A 38 -9.83 10.86 7.00
CA GLN A 38 -9.93 11.88 5.93
C GLN A 38 -9.45 11.30 4.59
N LEU A 39 -8.40 10.48 4.63
CA LEU A 39 -7.84 9.78 3.44
C LEU A 39 -8.60 8.44 3.20
N PRO A 40 -9.13 8.18 1.95
CA PRO A 40 -9.73 6.86 1.60
C PRO A 40 -8.67 5.74 1.51
N LYS A 41 -8.97 4.57 2.13
CA LYS A 41 -8.01 3.45 2.26
C LYS A 41 -7.84 2.64 0.96
N LYS A 42 -8.82 2.75 0.06
CA LYS A 42 -8.72 2.20 -1.30
C LYS A 42 -7.58 2.88 -2.10
N ASP A 43 -7.33 4.16 -1.79
CA ASP A 43 -6.23 4.94 -2.41
C ASP A 43 -4.86 4.51 -1.90
N ILE A 44 -4.82 3.97 -0.66
CA ILE A 44 -3.59 3.41 -0.07
C ILE A 44 -3.27 2.06 -0.73
N ILE A 45 -4.32 1.22 -0.88
CA ILE A 45 -4.25 -0.05 -1.64
C ILE A 45 -3.70 0.23 -3.04
N LYS A 46 -4.28 1.28 -3.67
CA LYS A 46 -3.94 1.70 -5.04
C LYS A 46 -2.49 2.17 -5.13
N PHE A 47 -2.03 2.88 -4.08
CA PHE A 47 -0.65 3.35 -3.98
C PHE A 47 0.32 2.16 -3.87
N LEU A 48 0.09 1.27 -2.90
CA LEU A 48 1.00 0.17 -2.57
C LEU A 48 1.03 -0.90 -3.68
N GLN A 49 -0.08 -1.06 -4.41
CA GLN A 49 -0.14 -2.00 -5.56
C GLN A 49 0.52 -1.39 -6.81
N GLU A 50 0.53 -0.03 -6.88
CA GLU A 50 1.11 0.73 -8.01
C GLU A 50 2.62 0.45 -8.16
N HIS A 51 3.33 0.30 -7.01
CA HIS A 51 4.80 0.15 -7.01
C HIS A 51 5.28 -1.13 -6.28
N GLY A 52 4.56 -1.58 -5.24
CA GLY A 52 4.91 -2.81 -4.51
C GLY A 52 4.87 -4.07 -5.37
N SER A 53 5.87 -4.96 -5.17
CA SER A 53 5.98 -6.24 -5.92
C SER A 53 4.74 -7.13 -5.70
N ASP A 54 4.39 -7.92 -6.73
CA ASP A 54 3.17 -8.76 -6.76
C ASP A 54 3.15 -9.80 -5.64
N SER A 55 4.33 -10.31 -5.27
CA SER A 55 4.49 -11.28 -4.19
C SER A 55 4.14 -10.63 -2.83
N PHE A 56 4.62 -9.38 -2.64
CA PHE A 56 4.30 -8.55 -1.46
C PHE A 56 2.77 -8.30 -1.40
N LEU A 57 2.20 -7.99 -2.57
CA LEU A 57 0.77 -7.67 -2.70
C LEU A 57 -0.09 -8.89 -2.34
N ALA A 58 0.29 -10.07 -2.84
CA ALA A 58 -0.46 -11.32 -2.65
C ALA A 58 -0.54 -11.70 -1.15
N GLU A 59 0.61 -11.60 -0.46
CA GLU A 59 0.72 -11.86 1.00
C GLU A 59 -0.18 -10.93 1.83
N HIS A 60 -0.31 -9.66 1.39
CA HIS A 60 -1.10 -8.62 2.11
C HIS A 60 -2.45 -8.33 1.41
N LYS A 61 -2.76 -9.14 0.37
CA LYS A 61 -4.03 -9.09 -0.39
C LYS A 61 -4.30 -7.72 -1.07
N LEU A 62 -3.22 -6.98 -1.39
CA LEU A 62 -3.29 -5.60 -1.93
C LEU A 62 -3.55 -5.58 -3.45
N LEU A 63 -3.24 -6.68 -4.17
CA LEU A 63 -3.45 -6.78 -5.63
C LEU A 63 -4.92 -7.03 -5.97
N GLY A 64 -5.24 -6.91 -7.28
CA GLY A 64 -6.58 -7.19 -7.79
C GLY A 64 -7.45 -5.93 -7.81
N ASN A 65 -8.78 -6.14 -7.82
CA ASN A 65 -9.77 -5.06 -7.85
C ASN A 65 -9.76 -4.29 -6.53
N ILE A 66 -9.38 -3.00 -6.61
CA ILE A 66 -9.18 -2.12 -5.44
C ILE A 66 -10.40 -2.07 -4.52
N LYS A 67 -11.59 -1.83 -5.12
CA LYS A 67 -12.86 -1.66 -4.38
C LYS A 67 -13.17 -2.96 -3.59
N ASN A 68 -12.93 -4.11 -4.26
CA ASN A 68 -13.10 -5.45 -3.67
C ASN A 68 -12.16 -5.64 -2.45
N VAL A 69 -10.87 -5.29 -2.64
CA VAL A 69 -9.84 -5.37 -1.58
C VAL A 69 -10.18 -4.46 -0.40
N ALA A 70 -10.84 -3.33 -0.70
CA ALA A 70 -11.23 -2.32 0.31
C ALA A 70 -12.38 -2.80 1.24
N LYS A 71 -12.78 -4.09 1.18
CA LYS A 71 -13.70 -4.67 2.19
C LYS A 71 -12.90 -5.38 3.31
N THR A 72 -11.69 -5.87 2.98
CA THR A 72 -10.85 -6.67 3.91
C THR A 72 -9.62 -5.87 4.37
N ALA A 73 -9.16 -4.94 3.51
CA ALA A 73 -7.98 -4.11 3.77
C ALA A 73 -8.37 -2.94 4.69
N ASN A 74 -8.33 -3.22 5.99
CA ASN A 74 -8.56 -2.21 7.04
C ASN A 74 -7.39 -1.22 7.10
N LYS A 75 -7.64 -0.06 7.72
CA LYS A 75 -6.76 1.11 7.63
C LYS A 75 -5.36 0.80 8.21
N ASP A 76 -5.35 0.19 9.41
CA ASP A 76 -4.08 -0.11 10.13
C ASP A 76 -3.27 -1.21 9.43
N HIS A 77 -3.97 -2.13 8.73
CA HIS A 77 -3.35 -3.17 7.88
C HIS A 77 -2.51 -2.51 6.77
N LEU A 78 -3.07 -1.44 6.20
CA LEU A 78 -2.47 -0.71 5.08
C LEU A 78 -1.28 0.14 5.52
N VAL A 79 -1.30 0.60 6.79
CA VAL A 79 -0.17 1.31 7.40
C VAL A 79 0.97 0.32 7.71
N THR A 80 0.60 -0.89 8.19
CA THR A 80 1.56 -1.98 8.46
C THR A 80 2.19 -2.51 7.15
N ALA A 81 1.39 -2.56 6.08
CA ALA A 81 1.86 -2.96 4.73
C ALA A 81 2.80 -1.88 4.18
N TYR A 82 2.43 -0.61 4.44
CA TYR A 82 3.23 0.57 4.09
C TYR A 82 4.66 0.42 4.65
N ASN A 83 4.76 0.28 6.00
CA ASN A 83 6.06 0.22 6.71
C ASN A 83 6.87 -1.01 6.30
N HIS A 84 6.17 -2.12 5.97
CA HIS A 84 6.79 -3.38 5.53
C HIS A 84 7.50 -3.18 4.17
N LEU A 85 6.83 -2.51 3.22
CA LEU A 85 7.28 -2.35 1.81
C LEU A 85 8.67 -1.70 1.73
N PHE A 86 8.74 -0.54 2.35
CA PHE A 86 9.92 0.34 2.32
C PHE A 86 11.06 -0.20 3.21
N GLU A 87 10.70 -1.06 4.18
CA GLU A 87 11.69 -1.71 5.09
C GLU A 87 12.33 -2.95 4.45
N THR A 88 11.79 -3.41 3.31
CA THR A 88 12.32 -4.58 2.56
C THR A 88 12.60 -4.20 1.09
N LYS A 89 12.28 -2.93 0.72
CA LYS A 89 12.59 -2.33 -0.60
C LYS A 89 11.93 -3.08 -1.79
N ARG A 90 10.82 -3.80 -1.50
CA ARG A 90 10.17 -4.75 -2.46
C ARG A 90 9.56 -4.07 -3.69
N PHE A 91 9.34 -2.75 -3.61
CA PHE A 91 8.81 -1.97 -4.75
C PHE A 91 9.76 -2.04 -5.97
N LYS A 92 9.15 -2.02 -7.17
CA LYS A 92 9.80 -2.34 -8.45
C LYS A 92 10.95 -1.34 -8.77
N MET A 20 19.74 -4.46 -3.05
CA MET A 20 18.64 -5.16 -3.74
C MET A 20 18.33 -4.48 -5.09
N ALA A 21 17.92 -3.21 -5.03
CA ALA A 21 17.61 -2.39 -6.23
C ALA A 21 17.65 -0.89 -5.85
N ALA A 22 18.57 -0.14 -6.49
CA ALA A 22 18.71 1.31 -6.30
C ALA A 22 17.53 2.04 -6.97
N ALA A 23 16.40 2.10 -6.24
CA ALA A 23 15.11 2.62 -6.73
C ALA A 23 14.30 3.14 -5.55
N VAL A 24 13.89 4.42 -5.60
CA VAL A 24 13.10 5.08 -4.54
C VAL A 24 11.61 5.17 -4.92
N PRO A 25 10.67 4.92 -3.95
CA PRO A 25 9.22 5.03 -4.20
C PRO A 25 8.73 6.49 -4.07
N GLN A 26 7.56 6.77 -4.64
CA GLN A 26 6.88 8.08 -4.51
C GLN A 26 5.93 8.03 -3.29
N ARG A 27 6.52 7.82 -2.10
CA ARG A 27 5.74 7.81 -0.84
C ARG A 27 5.18 9.23 -0.62
N ALA A 28 3.92 9.34 -0.16
CA ALA A 28 3.18 10.62 -0.17
C ALA A 28 2.56 10.94 1.20
N TRP A 29 2.45 9.94 2.07
CA TRP A 29 1.64 10.04 3.31
C TRP A 29 2.49 9.67 4.53
N THR A 30 2.34 10.44 5.61
CA THR A 30 2.93 10.12 6.91
C THR A 30 2.01 9.10 7.62
N VAL A 31 2.54 8.39 8.63
CA VAL A 31 1.78 7.34 9.37
C VAL A 31 0.47 7.93 9.98
N GLU A 32 0.55 9.22 10.38
CA GLU A 32 -0.59 10.00 10.91
C GLU A 32 -1.65 10.28 9.82
N GLN A 33 -1.20 10.56 8.57
CA GLN A 33 -2.11 10.78 7.42
C GLN A 33 -2.86 9.49 7.09
N LEU A 34 -2.16 8.35 7.21
CA LEU A 34 -2.73 7.03 6.89
C LEU A 34 -3.86 6.70 7.87
N ARG A 35 -3.52 6.72 9.19
CA ARG A 35 -4.44 6.30 10.27
C ARG A 35 -5.66 7.22 10.36
N SER A 36 -5.50 8.47 9.88
CA SER A 36 -6.58 9.44 9.75
C SER A 36 -7.58 8.91 8.71
N GLU A 37 -8.82 8.63 9.17
CA GLU A 37 -9.87 8.01 8.34
C GLU A 37 -10.44 9.03 7.32
N GLN A 38 -10.01 10.31 7.46
CA GLN A 38 -10.23 11.37 6.44
C GLN A 38 -9.68 10.93 5.08
N LEU A 39 -8.51 10.25 5.13
CA LEU A 39 -7.88 9.62 3.96
C LEU A 39 -8.62 8.29 3.67
N PRO A 40 -9.15 8.06 2.42
CA PRO A 40 -9.71 6.73 2.00
C PRO A 40 -8.70 5.58 2.05
N LYS A 41 -9.14 4.39 1.65
CA LYS A 41 -8.30 3.18 1.61
C LYS A 41 -7.92 2.82 0.17
N LYS A 42 -8.71 3.33 -0.80
CA LYS A 42 -8.58 3.01 -2.23
C LYS A 42 -7.21 3.43 -2.79
N ASP A 43 -6.81 4.67 -2.49
CA ASP A 43 -5.59 5.27 -3.04
C ASP A 43 -4.31 4.68 -2.41
N ILE A 44 -4.42 4.21 -1.16
CA ILE A 44 -3.31 3.53 -0.46
C ILE A 44 -3.04 2.17 -1.11
N ILE A 45 -4.08 1.32 -1.20
CA ILE A 45 -4.02 -0.01 -1.89
C ILE A 45 -3.53 0.16 -3.35
N LYS A 46 -4.00 1.25 -4.00
CA LYS A 46 -3.65 1.59 -5.39
C LYS A 46 -2.14 1.87 -5.55
N PHE A 47 -1.58 2.64 -4.62
CA PHE A 47 -0.16 3.00 -4.62
C PHE A 47 0.72 1.76 -4.37
N LEU A 48 0.32 0.96 -3.39
CA LEU A 48 1.08 -0.21 -2.93
C LEU A 48 1.05 -1.34 -3.98
N GLN A 49 -0.05 -1.42 -4.76
CA GLN A 49 -0.18 -2.40 -5.86
C GLN A 49 0.54 -1.88 -7.12
N GLU A 50 0.64 -0.54 -7.24
CA GLU A 50 1.30 0.13 -8.38
C GLU A 50 2.80 -0.23 -8.43
N HIS A 51 3.45 -0.24 -7.27
CA HIS A 51 4.91 -0.38 -7.18
C HIS A 51 5.32 -1.77 -6.64
N GLY A 52 4.53 -2.30 -5.68
CA GLY A 52 4.81 -3.60 -5.03
C GLY A 52 4.81 -4.79 -5.98
N SER A 53 5.72 -5.75 -5.70
CA SER A 53 5.91 -6.98 -6.52
C SER A 53 4.81 -8.03 -6.19
N ASP A 54 4.81 -9.15 -6.94
CA ASP A 54 3.83 -10.27 -6.76
C ASP A 54 3.89 -10.82 -5.33
N SER A 55 5.13 -11.00 -4.84
CA SER A 55 5.41 -11.54 -3.49
C SER A 55 4.89 -10.61 -2.38
N PHE A 56 4.91 -9.28 -2.65
CA PHE A 56 4.36 -8.28 -1.72
C PHE A 56 2.81 -8.29 -1.75
N LEU A 57 2.27 -8.27 -2.98
CA LEU A 57 0.83 -8.05 -3.22
C LEU A 57 -0.02 -9.24 -2.77
N ALA A 58 0.49 -10.46 -2.96
CA ALA A 58 -0.23 -11.70 -2.60
C ALA A 58 -0.29 -11.86 -1.06
N GLU A 59 0.87 -11.72 -0.41
CA GLU A 59 0.99 -11.87 1.06
C GLU A 59 0.30 -10.71 1.82
N HIS A 60 0.08 -9.57 1.16
CA HIS A 60 -0.63 -8.41 1.75
C HIS A 60 -2.03 -8.22 1.12
N LYS A 61 -2.36 -9.07 0.11
CA LYS A 61 -3.70 -9.12 -0.54
C LYS A 61 -4.11 -7.77 -1.18
N LEU A 62 -3.10 -6.99 -1.61
CA LEU A 62 -3.30 -5.62 -2.14
C LEU A 62 -3.55 -5.61 -3.66
N LEU A 63 -3.40 -6.77 -4.31
CA LEU A 63 -3.66 -6.93 -5.76
C LEU A 63 -5.18 -7.03 -6.03
N GLY A 64 -5.53 -7.11 -7.31
CA GLY A 64 -6.92 -7.27 -7.75
C GLY A 64 -7.73 -5.98 -7.69
N ASN A 65 -9.08 -6.13 -7.70
CA ASN A 65 -10.02 -4.98 -7.66
C ASN A 65 -9.87 -4.25 -6.33
N ILE A 66 -9.37 -3.01 -6.38
CA ILE A 66 -9.03 -2.21 -5.19
C ILE A 66 -10.22 -2.08 -4.22
N LYS A 67 -11.43 -1.75 -4.75
CA LYS A 67 -12.64 -1.56 -3.92
C LYS A 67 -13.10 -2.88 -3.24
N ASN A 68 -12.83 -4.02 -3.89
CA ASN A 68 -13.17 -5.36 -3.35
C ASN A 68 -12.20 -5.74 -2.20
N VAL A 69 -10.94 -5.29 -2.34
CA VAL A 69 -9.93 -5.40 -1.28
C VAL A 69 -10.23 -4.40 -0.15
N ALA A 70 -10.77 -3.23 -0.52
CA ALA A 70 -11.03 -2.10 0.40
C ALA A 70 -12.28 -2.34 1.29
N LYS A 71 -12.94 -3.49 1.17
CA LYS A 71 -14.03 -3.88 2.08
C LYS A 71 -13.51 -4.75 3.25
N THR A 72 -12.30 -5.33 3.06
CA THR A 72 -11.75 -6.36 3.97
C THR A 72 -10.31 -6.00 4.43
N ALA A 73 -9.69 -5.01 3.78
CA ALA A 73 -8.37 -4.49 4.16
C ALA A 73 -8.59 -3.20 4.94
N ASN A 74 -8.55 -3.29 6.29
CA ASN A 74 -8.78 -2.13 7.16
C ASN A 74 -7.59 -1.17 7.11
N LYS A 75 -7.76 0.02 7.69
CA LYS A 75 -6.74 1.09 7.63
C LYS A 75 -5.42 0.62 8.30
N ASP A 76 -5.55 -0.10 9.44
CA ASP A 76 -4.40 -0.62 10.21
C ASP A 76 -3.52 -1.54 9.35
N HIS A 77 -4.16 -2.40 8.53
CA HIS A 77 -3.50 -3.30 7.57
C HIS A 77 -2.70 -2.48 6.53
N LEU A 78 -3.30 -1.37 6.06
CA LEU A 78 -2.71 -0.53 5.00
C LEU A 78 -1.55 0.33 5.51
N VAL A 79 -1.58 0.69 6.80
CA VAL A 79 -0.46 1.38 7.47
C VAL A 79 0.74 0.42 7.54
N THR A 80 0.45 -0.81 8.01
CA THR A 80 1.44 -1.89 8.12
C THR A 80 2.02 -2.25 6.74
N ALA A 81 1.17 -2.26 5.70
CA ALA A 81 1.58 -2.60 4.33
C ALA A 81 2.47 -1.51 3.71
N TYR A 82 2.09 -0.23 3.94
CA TYR A 82 2.79 0.96 3.42
C TYR A 82 4.22 1.03 3.99
N ASN A 83 4.32 1.05 5.33
CA ASN A 83 5.61 1.20 6.04
C ASN A 83 6.55 0.02 5.77
N HIS A 84 6.01 -1.21 5.90
CA HIS A 84 6.78 -2.47 5.70
C HIS A 84 7.22 -2.65 4.24
N LEU A 85 6.52 -2.02 3.28
CA LEU A 85 6.89 -2.09 1.84
C LEU A 85 8.31 -1.53 1.64
N PHE A 86 8.49 -0.31 2.11
CA PHE A 86 9.73 0.46 1.96
C PHE A 86 10.83 -0.06 2.91
N GLU A 87 10.38 -0.60 4.06
CA GLU A 87 11.24 -1.24 5.09
C GLU A 87 12.11 -2.35 4.47
N THR A 88 11.49 -3.12 3.57
CA THR A 88 12.12 -4.28 2.92
C THR A 88 12.36 -4.02 1.42
N LYS A 89 11.84 -2.88 0.93
CA LYS A 89 11.91 -2.46 -0.49
C LYS A 89 11.39 -3.56 -1.45
N ARG A 90 10.26 -4.18 -1.07
CA ARG A 90 9.61 -5.26 -1.84
C ARG A 90 8.97 -4.76 -3.14
N PHE A 91 8.92 -3.45 -3.33
CA PHE A 91 8.47 -2.84 -4.57
C PHE A 91 9.42 -3.16 -5.74
N LYS A 92 8.84 -3.54 -6.86
CA LYS A 92 9.55 -3.76 -8.12
C LYS A 92 9.65 -2.41 -8.87
N MET A 20 16.34 0.42 -16.61
CA MET A 20 16.10 1.18 -15.38
C MET A 20 14.59 1.28 -15.12
N ALA A 21 14.11 0.52 -14.13
CA ALA A 21 12.73 0.64 -13.63
C ALA A 21 12.69 1.82 -12.65
N ALA A 22 12.33 3.00 -13.19
CA ALA A 22 12.33 4.28 -12.47
C ALA A 22 10.96 4.59 -11.82
N ALA A 23 10.08 3.56 -11.70
CA ALA A 23 8.77 3.68 -11.05
C ALA A 23 8.93 3.50 -9.52
N VAL A 24 9.75 4.40 -8.93
CA VAL A 24 10.12 4.36 -7.50
C VAL A 24 9.00 5.03 -6.67
N PRO A 25 8.52 4.39 -5.56
CA PRO A 25 7.47 4.96 -4.71
C PRO A 25 7.97 6.10 -3.83
N GLN A 26 7.74 7.31 -4.34
CA GLN A 26 7.93 8.55 -3.59
C GLN A 26 6.76 8.66 -2.61
N ARG A 27 6.95 8.06 -1.41
CA ARG A 27 5.89 7.92 -0.41
C ARG A 27 5.27 9.29 -0.06
N ALA A 28 3.95 9.36 -0.19
CA ALA A 28 3.20 10.61 -0.13
C ALA A 28 2.74 10.93 1.30
N TRP A 29 2.41 9.86 2.04
CA TRP A 29 1.74 9.98 3.35
C TRP A 29 2.64 9.46 4.48
N THR A 30 2.44 10.06 5.66
CA THR A 30 3.08 9.61 6.89
C THR A 30 2.17 8.59 7.59
N VAL A 31 2.71 7.90 8.63
CA VAL A 31 1.99 6.83 9.37
C VAL A 31 0.60 7.29 9.88
N GLU A 32 0.54 8.53 10.38
CA GLU A 32 -0.69 9.14 10.95
C GLU A 32 -1.70 9.54 9.85
N GLN A 33 -1.20 10.01 8.68
CA GLN A 33 -2.06 10.34 7.50
C GLN A 33 -2.78 9.07 7.03
N LEU A 34 -2.06 7.94 7.07
CA LEU A 34 -2.61 6.62 6.69
C LEU A 34 -3.76 6.22 7.62
N ARG A 35 -3.58 6.48 8.92
CA ARG A 35 -4.58 6.16 9.97
C ARG A 35 -5.82 7.07 9.86
N SER A 36 -5.62 8.31 9.37
CA SER A 36 -6.70 9.29 9.21
C SER A 36 -7.70 8.83 8.14
N GLU A 37 -8.95 8.54 8.55
CA GLU A 37 -10.00 8.01 7.66
C GLU A 37 -10.55 9.09 6.71
N GLN A 38 -10.19 10.37 6.95
CA GLN A 38 -10.38 11.49 5.97
C GLN A 38 -9.69 11.13 4.64
N LEU A 39 -8.54 10.48 4.76
CA LEU A 39 -7.81 9.87 3.64
C LEU A 39 -8.51 8.53 3.30
N PRO A 40 -8.87 8.25 2.01
CA PRO A 40 -9.48 6.95 1.59
C PRO A 40 -8.61 5.71 1.85
N LYS A 41 -9.19 4.52 1.62
CA LYS A 41 -8.47 3.23 1.68
C LYS A 41 -7.98 2.84 0.28
N LYS A 42 -8.75 3.23 -0.74
CA LYS A 42 -8.54 2.82 -2.14
C LYS A 42 -7.19 3.33 -2.71
N ASP A 43 -6.86 4.58 -2.39
CA ASP A 43 -5.66 5.25 -2.93
C ASP A 43 -4.36 4.67 -2.33
N ILE A 44 -4.42 4.22 -1.07
CA ILE A 44 -3.26 3.57 -0.41
C ILE A 44 -2.99 2.20 -1.05
N ILE A 45 -4.07 1.40 -1.20
CA ILE A 45 -3.99 0.05 -1.85
C ILE A 45 -3.52 0.17 -3.31
N LYS A 46 -4.01 1.22 -3.99
CA LYS A 46 -3.65 1.53 -5.39
C LYS A 46 -2.14 1.86 -5.50
N PHE A 47 -1.67 2.68 -4.54
CA PHE A 47 -0.25 3.07 -4.43
C PHE A 47 0.63 1.81 -4.29
N LEU A 48 0.26 0.96 -3.32
CA LEU A 48 1.00 -0.24 -2.94
C LEU A 48 1.01 -1.32 -4.04
N GLN A 49 -0.07 -1.41 -4.84
CA GLN A 49 -0.14 -2.39 -5.95
C GLN A 49 0.54 -1.87 -7.21
N GLU A 50 0.57 -0.53 -7.37
CA GLU A 50 1.21 0.14 -8.52
C GLU A 50 2.74 0.12 -8.42
N HIS A 51 3.24 0.26 -7.18
CA HIS A 51 4.68 0.41 -6.90
C HIS A 51 5.28 -0.85 -6.27
N GLY A 52 4.51 -1.54 -5.41
CA GLY A 52 4.95 -2.80 -4.80
C GLY A 52 5.11 -3.94 -5.81
N SER A 53 5.65 -5.07 -5.35
CA SER A 53 5.81 -6.28 -6.18
C SER A 53 4.60 -7.22 -5.96
N ASP A 54 4.39 -8.16 -6.90
CA ASP A 54 3.23 -9.08 -6.86
C ASP A 54 3.25 -10.00 -5.63
N SER A 55 4.47 -10.38 -5.19
CA SER A 55 4.69 -11.22 -3.99
C SER A 55 4.31 -10.44 -2.71
N PHE A 56 4.66 -9.13 -2.69
CA PHE A 56 4.26 -8.18 -1.63
C PHE A 56 2.72 -8.09 -1.55
N LEU A 57 2.07 -8.13 -2.73
CA LEU A 57 0.61 -8.01 -2.83
C LEU A 57 -0.11 -9.29 -2.39
N ALA A 58 0.44 -10.47 -2.72
CA ALA A 58 -0.15 -11.78 -2.39
C ALA A 58 -0.13 -12.00 -0.87
N GLU A 59 1.04 -11.73 -0.27
CA GLU A 59 1.27 -11.86 1.18
C GLU A 59 0.43 -10.84 2.00
N HIS A 60 0.06 -9.68 1.38
CA HIS A 60 -0.72 -8.62 2.07
C HIS A 60 -2.11 -8.38 1.43
N LYS A 61 -2.50 -9.26 0.49
CA LYS A 61 -3.86 -9.29 -0.13
C LYS A 61 -4.24 -7.94 -0.82
N LEU A 62 -3.21 -7.19 -1.27
CA LEU A 62 -3.39 -5.85 -1.90
C LEU A 62 -3.64 -5.94 -3.42
N LEU A 63 -3.47 -7.15 -4.00
CA LEU A 63 -3.77 -7.40 -5.43
C LEU A 63 -5.27 -7.61 -5.65
N GLY A 64 -5.67 -7.54 -6.93
CA GLY A 64 -7.07 -7.69 -7.32
C GLY A 64 -7.77 -6.34 -7.43
N ASN A 65 -9.11 -6.38 -7.42
CA ASN A 65 -9.94 -5.18 -7.52
C ASN A 65 -9.82 -4.35 -6.24
N ILE A 66 -9.39 -3.08 -6.39
CA ILE A 66 -9.00 -2.20 -5.27
C ILE A 66 -10.18 -1.97 -4.30
N LYS A 67 -11.35 -1.71 -4.87
CA LYS A 67 -12.62 -1.52 -4.14
C LYS A 67 -12.96 -2.75 -3.26
N ASN A 68 -12.74 -3.94 -3.85
CA ASN A 68 -13.03 -5.23 -3.20
C ASN A 68 -11.97 -5.53 -2.10
N VAL A 69 -10.74 -5.03 -2.29
CA VAL A 69 -9.68 -5.14 -1.26
C VAL A 69 -9.99 -4.18 -0.10
N ALA A 70 -10.50 -2.99 -0.44
CA ALA A 70 -10.77 -1.88 0.51
C ALA A 70 -11.97 -2.18 1.43
N LYS A 71 -12.72 -3.27 1.17
CA LYS A 71 -13.87 -3.67 2.01
C LYS A 71 -13.39 -4.59 3.16
N THR A 72 -12.20 -5.21 2.99
CA THR A 72 -11.72 -6.32 3.86
C THR A 72 -10.30 -6.06 4.39
N ALA A 73 -9.61 -5.07 3.81
CA ALA A 73 -8.29 -4.62 4.26
C ALA A 73 -8.48 -3.30 5.01
N ASN A 74 -8.47 -3.38 6.35
CA ASN A 74 -8.78 -2.22 7.22
C ASN A 74 -7.66 -1.17 7.18
N LYS A 75 -7.88 -0.02 7.84
CA LYS A 75 -6.97 1.12 7.76
C LYS A 75 -5.59 0.77 8.38
N ASP A 76 -5.63 0.00 9.49
CA ASP A 76 -4.42 -0.46 10.20
C ASP A 76 -3.56 -1.39 9.32
N HIS A 77 -4.23 -2.22 8.49
CA HIS A 77 -3.58 -3.14 7.52
C HIS A 77 -2.75 -2.33 6.51
N LEU A 78 -3.33 -1.21 6.05
CA LEU A 78 -2.75 -0.35 5.00
C LEU A 78 -1.49 0.36 5.50
N VAL A 79 -1.51 0.77 6.78
CA VAL A 79 -0.38 1.39 7.48
C VAL A 79 0.80 0.38 7.55
N THR A 80 0.45 -0.83 8.01
CA THR A 80 1.39 -1.95 8.19
C THR A 80 2.08 -2.34 6.86
N ALA A 81 1.27 -2.48 5.79
CA ALA A 81 1.76 -2.90 4.46
C ALA A 81 2.65 -1.83 3.80
N TYR A 82 2.19 -0.57 3.92
CA TYR A 82 2.88 0.62 3.37
C TYR A 82 4.29 0.74 3.94
N ASN A 83 4.37 0.77 5.27
CA ASN A 83 5.64 0.97 6.01
C ASN A 83 6.62 -0.20 5.77
N HIS A 84 6.09 -1.44 5.64
CA HIS A 84 6.89 -2.66 5.34
C HIS A 84 7.40 -2.67 3.89
N LEU A 85 6.69 -2.01 2.96
CA LEU A 85 7.10 -1.93 1.53
C LEU A 85 8.51 -1.32 1.41
N PHE A 86 8.65 -0.14 2.04
CA PHE A 86 9.87 0.65 2.04
C PHE A 86 10.94 0.04 2.95
N GLU A 87 10.48 -0.63 4.04
CA GLU A 87 11.34 -1.23 5.07
C GLU A 87 12.27 -2.31 4.49
N THR A 88 11.69 -3.18 3.66
CA THR A 88 12.38 -4.34 3.07
C THR A 88 12.62 -4.14 1.56
N LYS A 89 12.30 -2.92 1.05
CA LYS A 89 12.57 -2.50 -0.35
C LYS A 89 11.93 -3.46 -1.38
N ARG A 90 10.74 -4.00 -1.03
CA ARG A 90 10.04 -5.07 -1.81
C ARG A 90 9.59 -4.62 -3.21
N PHE A 91 9.40 -3.31 -3.38
CA PHE A 91 8.82 -2.71 -4.60
C PHE A 91 9.60 -3.05 -5.90
N LYS A 92 8.88 -2.84 -7.03
CA LYS A 92 9.28 -3.25 -8.39
C LYS A 92 10.71 -2.76 -8.79
N MET A 20 21.51 4.58 -15.36
CA MET A 20 20.13 4.64 -14.83
C MET A 20 20.07 5.60 -13.63
N ALA A 21 18.85 5.78 -13.10
CA ALA A 21 18.58 6.57 -11.89
C ALA A 21 17.34 6.00 -11.21
N ALA A 22 17.55 5.05 -10.29
CA ALA A 22 16.47 4.33 -9.59
C ALA A 22 15.77 5.26 -8.58
N ALA A 23 14.82 6.06 -9.09
CA ALA A 23 14.02 7.00 -8.30
C ALA A 23 12.77 6.26 -7.78
N VAL A 24 12.95 5.54 -6.65
CA VAL A 24 11.88 4.72 -6.05
C VAL A 24 10.76 5.63 -5.50
N PRO A 25 9.45 5.30 -5.76
CA PRO A 25 8.31 6.09 -5.23
C PRO A 25 8.31 6.16 -3.70
N GLN A 26 8.75 7.31 -3.19
CA GLN A 26 8.80 7.60 -1.76
C GLN A 26 7.38 7.65 -1.18
N ARG A 27 7.28 7.66 0.16
CA ARG A 27 5.99 7.79 0.86
C ARG A 27 5.21 9.04 0.37
N ALA A 28 3.99 8.81 -0.07
CA ALA A 28 3.06 9.86 -0.50
C ALA A 28 2.39 10.48 0.74
N TRP A 29 2.26 9.63 1.76
CA TRP A 29 1.61 9.94 3.04
C TRP A 29 2.49 9.41 4.19
N THR A 30 2.49 10.13 5.31
CA THR A 30 3.10 9.67 6.57
C THR A 30 2.08 8.82 7.35
N VAL A 31 2.49 8.23 8.48
CA VAL A 31 1.63 7.31 9.27
C VAL A 31 0.37 8.05 9.81
N GLU A 32 0.53 9.36 10.09
CA GLU A 32 -0.57 10.24 10.55
C GLU A 32 -1.57 10.54 9.41
N GLN A 33 -1.06 10.73 8.17
CA GLN A 33 -1.91 10.94 6.98
C GLN A 33 -2.67 9.65 6.62
N LEU A 34 -1.99 8.50 6.78
CA LEU A 34 -2.55 7.16 6.45
C LEU A 34 -3.75 6.85 7.33
N ARG A 35 -3.55 7.00 8.67
CA ARG A 35 -4.56 6.66 9.69
C ARG A 35 -5.76 7.65 9.66
N SER A 36 -5.60 8.78 8.93
CA SER A 36 -6.69 9.74 8.69
C SER A 36 -7.80 9.05 7.89
N GLU A 37 -9.00 8.97 8.48
CA GLU A 37 -10.16 8.29 7.88
C GLU A 37 -10.62 8.99 6.58
N GLN A 38 -10.42 10.33 6.52
CA GLN A 38 -10.79 11.16 5.36
C GLN A 38 -9.95 10.82 4.11
N LEU A 39 -8.79 10.17 4.32
CA LEU A 39 -7.99 9.60 3.22
C LEU A 39 -8.68 8.27 2.81
N PRO A 40 -9.20 8.15 1.55
CA PRO A 40 -9.82 6.89 1.05
C PRO A 40 -8.81 5.71 1.11
N LYS A 41 -9.19 4.67 1.87
CA LYS A 41 -8.39 3.45 2.11
C LYS A 41 -8.01 2.72 0.81
N LYS A 42 -8.88 2.84 -0.22
CA LYS A 42 -8.67 2.20 -1.52
C LYS A 42 -7.53 2.89 -2.31
N ASP A 43 -7.37 4.21 -2.10
CA ASP A 43 -6.30 5.00 -2.74
C ASP A 43 -4.94 4.69 -2.09
N ILE A 44 -4.96 4.25 -0.82
CA ILE A 44 -3.76 3.75 -0.12
C ILE A 44 -3.32 2.41 -0.77
N ILE A 45 -4.28 1.47 -0.90
CA ILE A 45 -4.08 0.16 -1.59
C ILE A 45 -3.52 0.37 -3.02
N LYS A 46 -4.10 1.38 -3.69
CA LYS A 46 -3.77 1.75 -5.08
C LYS A 46 -2.30 2.21 -5.20
N PHE A 47 -1.86 3.02 -4.22
CA PHE A 47 -0.47 3.53 -4.16
C PHE A 47 0.53 2.37 -3.95
N LEU A 48 0.22 1.52 -2.98
CA LEU A 48 1.09 0.43 -2.53
C LEU A 48 1.20 -0.69 -3.58
N GLN A 49 0.13 -0.89 -4.38
CA GLN A 49 0.15 -1.86 -5.50
C GLN A 49 0.88 -1.27 -6.72
N GLU A 50 0.87 0.09 -6.83
CA GLU A 50 1.47 0.82 -7.97
C GLU A 50 3.02 0.66 -8.02
N HIS A 51 3.63 0.43 -6.84
CA HIS A 51 5.11 0.27 -6.74
C HIS A 51 5.52 -1.03 -6.03
N GLY A 52 4.61 -1.67 -5.29
CA GLY A 52 4.89 -2.97 -4.64
C GLY A 52 4.95 -4.12 -5.64
N SER A 53 5.87 -5.08 -5.40
CA SER A 53 6.00 -6.29 -6.24
C SER A 53 4.87 -7.29 -5.92
N ASP A 54 4.55 -8.17 -6.89
CA ASP A 54 3.36 -9.06 -6.83
C ASP A 54 3.44 -10.06 -5.68
N SER A 55 4.67 -10.50 -5.34
CA SER A 55 4.92 -11.44 -4.25
C SER A 55 4.64 -10.81 -2.87
N PHE A 56 4.81 -9.47 -2.80
CA PHE A 56 4.39 -8.68 -1.63
C PHE A 56 2.86 -8.52 -1.64
N LEU A 57 2.32 -8.11 -2.82
CA LEU A 57 0.92 -7.70 -2.97
C LEU A 57 -0.05 -8.83 -2.60
N ALA A 58 0.20 -10.04 -3.09
CA ALA A 58 -0.67 -11.22 -2.88
C ALA A 58 -0.72 -11.63 -1.40
N GLU A 59 0.46 -11.65 -0.74
CA GLU A 59 0.58 -11.97 0.70
C GLU A 59 -0.16 -10.93 1.60
N HIS A 60 -0.41 -9.72 1.05
CA HIS A 60 -1.12 -8.63 1.77
C HIS A 60 -2.48 -8.31 1.09
N LYS A 61 -2.78 -9.08 0.02
CA LYS A 61 -4.02 -8.97 -0.80
C LYS A 61 -4.25 -7.57 -1.40
N LEU A 62 -3.17 -6.79 -1.59
CA LEU A 62 -3.24 -5.42 -2.13
C LEU A 62 -3.49 -5.39 -3.65
N LEU A 63 -3.31 -6.55 -4.34
CA LEU A 63 -3.61 -6.66 -5.79
C LEU A 63 -5.09 -7.02 -6.01
N GLY A 64 -5.49 -7.04 -7.30
CA GLY A 64 -6.86 -7.36 -7.70
C GLY A 64 -7.77 -6.15 -7.66
N ASN A 65 -9.11 -6.39 -7.66
CA ASN A 65 -10.11 -5.31 -7.55
C ASN A 65 -9.92 -4.61 -6.20
N ILE A 66 -9.45 -3.36 -6.26
CA ILE A 66 -9.14 -2.55 -5.07
C ILE A 66 -10.41 -2.32 -4.22
N LYS A 67 -11.54 -2.10 -4.90
CA LYS A 67 -12.86 -1.94 -4.25
C LYS A 67 -13.24 -3.19 -3.41
N ASN A 68 -12.87 -4.38 -3.93
CA ASN A 68 -13.13 -5.68 -3.27
C ASN A 68 -12.22 -5.83 -2.03
N VAL A 69 -10.93 -5.50 -2.23
CA VAL A 69 -9.91 -5.55 -1.17
C VAL A 69 -10.30 -4.61 0.00
N ALA A 70 -10.85 -3.43 -0.36
CA ALA A 70 -11.20 -2.35 0.58
C ALA A 70 -12.29 -2.75 1.60
N LYS A 71 -13.06 -3.85 1.33
CA LYS A 71 -14.15 -4.28 2.25
C LYS A 71 -13.58 -4.97 3.50
N THR A 72 -12.33 -5.49 3.38
CA THR A 72 -11.62 -6.19 4.45
C THR A 72 -10.28 -5.49 4.77
N ALA A 73 -9.86 -4.55 3.90
CA ALA A 73 -8.61 -3.80 4.08
C ALA A 73 -8.81 -2.71 5.12
N ASN A 74 -8.63 -3.10 6.37
CA ASN A 74 -8.66 -2.20 7.51
C ASN A 74 -7.38 -1.34 7.50
N LYS A 75 -7.49 -0.12 8.03
CA LYS A 75 -6.47 0.93 7.85
C LYS A 75 -5.18 0.58 8.62
N ASP A 76 -5.33 -0.22 9.70
CA ASP A 76 -4.19 -0.76 10.47
C ASP A 76 -3.32 -1.69 9.59
N HIS A 77 -3.98 -2.55 8.79
CA HIS A 77 -3.34 -3.46 7.82
C HIS A 77 -2.59 -2.66 6.74
N LEU A 78 -3.22 -1.57 6.27
CA LEU A 78 -2.70 -0.73 5.16
C LEU A 78 -1.39 -0.01 5.54
N VAL A 79 -1.33 0.44 6.81
CA VAL A 79 -0.14 1.08 7.38
C VAL A 79 0.99 0.04 7.56
N THR A 80 0.62 -1.17 8.01
CA THR A 80 1.57 -2.31 8.18
C THR A 80 2.19 -2.71 6.84
N ALA A 81 1.38 -2.75 5.78
CA ALA A 81 1.83 -3.08 4.42
C ALA A 81 2.75 -1.97 3.85
N TYR A 82 2.33 -0.73 4.10
CA TYR A 82 3.08 0.50 3.75
C TYR A 82 4.54 0.41 4.28
N ASN A 83 4.68 0.19 5.60
CA ASN A 83 5.99 0.17 6.28
C ASN A 83 6.87 -0.99 5.78
N HIS A 84 6.27 -2.20 5.68
CA HIS A 84 6.97 -3.42 5.22
C HIS A 84 7.49 -3.28 3.78
N LEU A 85 6.86 -2.41 2.98
CA LEU A 85 7.37 -2.09 1.62
C LEU A 85 8.76 -1.46 1.69
N PHE A 86 8.88 -0.42 2.52
CA PHE A 86 10.13 0.34 2.65
C PHE A 86 11.20 -0.47 3.43
N GLU A 87 10.71 -1.33 4.35
CA GLU A 87 11.49 -2.12 5.34
C GLU A 87 12.68 -2.88 4.71
N THR A 88 12.39 -3.57 3.61
CA THR A 88 13.36 -4.39 2.87
C THR A 88 13.47 -3.89 1.42
N LYS A 89 12.62 -2.88 1.07
CA LYS A 89 12.47 -2.34 -0.29
C LYS A 89 11.96 -3.45 -1.23
N ARG A 90 10.68 -3.83 -1.02
CA ARG A 90 9.92 -4.81 -1.84
C ARG A 90 9.26 -4.14 -3.06
N PHE A 91 9.71 -2.92 -3.35
CA PHE A 91 9.36 -2.17 -4.58
C PHE A 91 9.71 -2.96 -5.85
N LYS A 92 9.08 -2.59 -6.96
CA LYS A 92 9.28 -3.23 -8.26
C LYS A 92 10.09 -2.27 -9.16
#